data_9ORE
#
_entry.id   9ORE
#
_cell.length_a   1.00
_cell.length_b   1.00
_cell.length_c   1.00
_cell.angle_alpha   90.00
_cell.angle_beta   90.00
_cell.angle_gamma   90.00
#
_symmetry.space_group_name_H-M   'P 1'
#
loop_
_entity.id
_entity.type
_entity.pdbx_description
1 polymer 'Fusion glycoprotein F0'
2 polymer 'Fusion glycoprotein F0'
3 polymer 'Fusion glycoprotein F0'
4 polymer '4F11 Heavy Chain'
5 polymer '4F11 Light Chain'
6 branched beta-D-mannopyranose-(1-4)-2-acetamido-2-deoxy-beta-D-glucopyranose-(1-4)-2-acetamido-2-deoxy-beta-D-glucopyranose
7 branched 2-acetamido-2-deoxy-beta-D-glucopyranose-(1-4)-2-acetamido-2-deoxy-beta-D-glucopyranose
8 non-polymer 2-acetamido-2-deoxy-beta-D-glucopyranose
#
loop_
_entity_poly.entity_id
_entity_poly.type
_entity_poly.pdbx_seq_one_letter_code
_entity_poly.pdbx_strand_id
1 'polypeptide(L)'
;KESYLEESCSTITEGYLSVLRTGWYTNVFTLEVGDVENLTCSDGPSLIKTELDLTKSALRELKTVSADQLRFVLGAIALG
RATAAAVTAGVAIAKTIRLESEVTAIKNALKTTNEAVSTLGNGVRVLATAVRELKDFVSKNLTRAINKNKCDIDDLKMAV
SFSQFNRRFLNVVRQFSENAGITPAISLDLMTDAELARAISNMPTSAGQIKLMLENRAMVRRKGFGILIGVYGSSVIYMV
QLPIFGVIDTPCWIVKAAPSCSEKKGNYACLLREDQGWYCQNAGSTVYYPNEKDCETRGDHVFCDTAAGINVAEQSKECN
INISTTNYPCKVSTGRNPISMVALSPLGALVACYKGVSCSIGSNRVGIIKQLNKGCSYITNQDADTVTIDNTVYQLSKVE
GEQHVIKGRPVSSSFDPIKFPPDQFNVALDQVFENIN
;
A
2 'polypeptide(L)'
;LKESYLEESCSTITEGYLSVLRTGWYTNVFTLEVGDVENLTCSDGPSLIKTELDLTKSALRELKTVSADQLRFVLGAIAL
GRATAAAVTAGVAIAKTIRLESEVTAIKNALKTTNEAVSTLGNGVRVLATAVRELKDFVSKNLTRAINKNKCDIDDLKMA
VSFSQFNRRFLNVVRQFSENAGITPAISLDLMTDAELARAISNMPTSAGQIKLMLENRAMVRRKGFGILIGVYGSSVIYM
VQLPIFGVIDTPCWIVKAAPSCSEKKGNYACLLREDQGWYCQNAGSTVYYPNEKDCETRGDHVFCDTAAGINVAEQSKEC
NINISTTNYPCKVSTGRNPISMVALSPLGALVACYKGVSCSIGSNRVGIIKQLNKGCSYITNQDADTVTIDNTVYQLSKV
EGEQHVIKGRPVSSSFDPIKFPPDQFNVALDQVFENIN
;
B
3 'polypeptide(L)'
;LKESYLEESCSTITEGYLSVLRTGWYTNVFTLEVGDVENLTCSDGPSLIKTELDLTKSALRELKTVSADQLRRFVLGAIA
LGRATAAAVTAGVAIAKTIRLESEVTAIKNALKTTNEAVSTLGNGVRVLATAVRELKDFVSKNLTRAINKNKCDIDDLKM
AVSFSQFNRRFLNVVRQFSENAGITPAISLDLMTDAELARAISNMPTSAGQIKLMLENRAMVRRKGFGILIGVYGSSVIY
MVQLPIFGVIDTPCWIVKAAPSCSEKKGNYACLLREDQGWYCQNAGSTVYYPNEKDCETRGDHVFCDTAAGINVAEQSKE
CNINISTTNYPCKVSTGRNPISMVALSPLGALVACYKGVSCSIGSNRVGIIKQLNKGCSYITNQDADTVTIDNTVYQLSK
VEGEQHVIKGRPVSSSFDPIKFPPDQFNVALDQVFENIN
;
C
4 'polypeptide(L)'
;EVQLVQSGAEVKKPGDSLKISCKGSGYKFATYWIGWVRQMPGKGLEWMGVIYPDDSDTRYSPSFQGQVSISVDKSITTAY
LQWSSLKASDTAIYYCARCYDFWSGYQFGMDVWGQGTTVTVSS
;
H
5 'polypeptide(L)'
;DIVMTQSPLSLPVTPGETASISCRSSQSLRHDNGYNYLDWYLQKPGQSPQLLIYLGSKRASGVPDRFSGSGSGTDFTLKI
SRVEAEDVGVYYCMQTLQTLMFTFGGGTKVEIK
;
L
#
# COMPACT_ATOMS: atom_id res chain seq x y z
N LYS A 1 19.87 -4.11 -30.10
CA LYS A 1 21.20 -3.76 -30.58
C LYS A 1 22.00 -3.06 -29.51
N GLU A 2 23.28 -3.44 -29.39
CA GLU A 2 24.16 -2.88 -28.39
C GLU A 2 25.50 -2.52 -29.04
N SER A 3 26.14 -1.49 -28.53
CA SER A 3 27.45 -1.06 -29.02
C SER A 3 28.34 -0.76 -27.82
N TYR A 4 29.36 -1.58 -27.61
CA TYR A 4 30.29 -1.37 -26.52
C TYR A 4 31.36 -0.37 -26.94
N LEU A 5 31.72 0.50 -26.04
CA LEU A 5 32.65 1.54 -26.49
C LEU A 5 33.87 1.57 -25.59
N GLU A 6 34.74 0.61 -25.73
CA GLU A 6 36.01 0.59 -24.98
C GLU A 6 36.70 1.93 -24.82
N GLU A 7 36.24 2.96 -25.47
CA GLU A 7 36.92 4.25 -25.21
C GLU A 7 36.85 4.49 -23.72
N SER A 8 35.68 4.79 -23.20
CA SER A 8 35.55 4.80 -21.73
C SER A 8 34.41 3.82 -21.46
N CYS A 9 34.70 2.70 -20.81
CA CYS A 9 33.74 1.58 -20.69
C CYS A 9 32.38 2.20 -20.59
N SER A 10 31.51 1.71 -21.40
CA SER A 10 30.21 2.36 -21.46
C SER A 10 29.41 1.66 -22.52
N THR A 11 28.22 1.25 -22.22
CA THR A 11 27.55 0.58 -23.30
C THR A 11 26.40 1.39 -23.70
N ILE A 12 26.14 1.53 -24.98
CA ILE A 12 24.91 2.15 -25.47
C ILE A 12 24.08 1.07 -26.11
N THR A 13 22.79 1.02 -25.75
CA THR A 13 21.86 0.04 -26.30
C THR A 13 20.77 0.80 -27.05
N GLU A 14 20.77 0.68 -28.38
CA GLU A 14 19.85 1.41 -29.23
C GLU A 14 18.72 0.50 -29.67
N GLY A 15 17.74 1.08 -30.35
CA GLY A 15 16.62 0.31 -30.86
C GLY A 15 15.46 0.17 -29.90
N TYR A 16 15.41 0.96 -28.84
CA TYR A 16 14.27 0.94 -27.93
C TYR A 16 13.25 2.00 -28.36
N LEU A 17 11.98 1.69 -28.16
CA LEU A 17 10.89 2.55 -28.58
C LEU A 17 10.21 3.17 -27.35
N SER A 18 9.84 4.44 -27.47
CA SER A 18 9.30 5.18 -26.34
C SER A 18 7.78 5.16 -26.33
N VAL A 19 7.23 5.20 -25.13
CA VAL A 19 5.80 5.43 -24.92
C VAL A 19 5.69 6.50 -23.85
N LEU A 20 5.57 7.76 -24.26
CA LEU A 20 5.74 8.90 -23.38
C LEU A 20 4.38 9.47 -22.96
N ARG A 21 4.26 9.77 -21.67
CA ARG A 21 3.08 10.47 -21.16
C ARG A 21 3.16 11.94 -21.53
N THR A 22 2.18 12.42 -22.30
CA THR A 22 2.18 13.81 -22.73
C THR A 22 1.44 14.72 -21.75
N GLY A 23 0.20 14.38 -21.41
CA GLY A 23 -0.58 15.19 -20.50
C GLY A 23 -1.60 14.34 -19.77
N TRP A 24 -2.07 14.88 -18.66
CA TRP A 24 -2.97 14.12 -17.82
C TRP A 24 -4.37 14.05 -18.41
N TYR A 25 -5.12 13.05 -17.96
CA TYR A 25 -6.53 12.90 -18.25
C TYR A 25 -7.24 12.48 -16.97
N THR A 26 -8.52 12.84 -16.86
CA THR A 26 -9.24 12.70 -15.62
C THR A 26 -10.51 11.89 -15.82
N ASN A 27 -10.79 11.01 -14.87
CA ASN A 27 -12.04 10.26 -14.80
C ASN A 27 -12.56 10.33 -13.38
N VAL A 28 -13.70 10.99 -13.19
CA VAL A 28 -14.23 11.29 -11.87
C VAL A 28 -15.36 10.31 -11.56
N PHE A 29 -15.27 9.67 -10.40
CA PHE A 29 -16.26 8.71 -9.94
C PHE A 29 -17.25 9.36 -9.00
N THR A 30 -18.36 8.66 -8.76
CA THR A 30 -19.32 9.03 -7.73
C THR A 30 -19.96 7.73 -7.26
N LEU A 31 -19.45 7.19 -6.15
CA LEU A 31 -19.99 5.97 -5.56
C LEU A 31 -21.22 6.34 -4.74
N GLU A 32 -22.40 6.06 -5.29
CA GLU A 32 -23.65 6.42 -4.64
C GLU A 32 -24.04 5.34 -3.65
N VAL A 33 -23.89 5.62 -2.36
CA VAL A 33 -24.19 4.63 -1.33
C VAL A 33 -25.68 4.56 -1.03
N GLY A 34 -26.31 5.69 -0.77
CA GLY A 34 -27.74 5.74 -0.52
C GLY A 34 -28.08 6.30 0.85
N ASP A 35 -29.28 5.95 1.29
CA ASP A 35 -29.84 6.48 2.54
C ASP A 35 -29.55 5.55 3.70
N VAL A 36 -28.38 4.90 3.67
CA VAL A 36 -28.04 3.91 4.68
C VAL A 36 -28.00 4.51 6.08
N GLU A 37 -27.76 5.83 6.18
CA GLU A 37 -27.75 6.47 7.49
C GLU A 37 -29.13 6.43 8.14
N ASN A 38 -30.18 6.34 7.33
CA ASN A 38 -31.56 6.28 7.82
C ASN A 38 -31.99 4.83 8.04
N LEU A 39 -31.21 4.10 8.84
CA LEU A 39 -31.44 2.68 9.05
C LEU A 39 -31.44 2.34 10.53
N THR A 40 -32.24 1.36 10.94
CA THR A 40 -32.60 1.21 12.35
C THR A 40 -32.45 -0.20 12.90
N CYS A 41 -31.81 -1.10 12.17
CA CYS A 41 -31.38 -2.43 12.63
C CYS A 41 -30.71 -2.37 14.03
N SER A 42 -31.41 -2.79 15.09
CA SER A 42 -31.04 -2.55 16.50
C SER A 42 -31.40 -3.69 17.46
N ASP A 43 -31.50 -4.92 16.96
CA ASP A 43 -31.65 -6.13 17.78
C ASP A 43 -30.36 -6.42 18.57
N GLY A 44 -29.20 -6.27 17.92
CA GLY A 44 -27.86 -6.41 18.53
C GLY A 44 -27.05 -7.50 17.83
N PRO A 45 -26.88 -8.69 18.41
CA PRO A 45 -26.10 -9.76 17.82
C PRO A 45 -26.74 -10.27 16.53
N SER A 46 -26.00 -10.21 15.42
CA SER A 46 -26.47 -10.56 14.08
C SER A 46 -25.31 -10.61 13.10
N LEU A 47 -25.53 -11.16 11.90
CA LEU A 47 -24.71 -10.79 10.76
C LEU A 47 -24.99 -9.31 10.42
N ILE A 48 -26.18 -9.03 9.91
CA ILE A 48 -26.50 -7.79 9.17
C ILE A 48 -26.11 -6.50 9.89
N LYS A 49 -26.36 -6.38 11.20
CA LYS A 49 -26.00 -5.16 11.96
C LYS A 49 -24.49 -4.92 11.94
N THR A 50 -23.69 -5.98 11.87
CA THR A 50 -22.25 -5.86 11.75
C THR A 50 -21.88 -5.14 10.47
N GLU A 51 -22.41 -5.56 9.31
CA GLU A 51 -22.04 -4.83 8.09
C GLU A 51 -22.63 -3.42 8.09
N LEU A 52 -23.83 -3.24 8.64
CA LEU A 52 -24.41 -1.91 8.73
C LEU A 52 -23.51 -0.98 9.55
N ASP A 53 -23.03 -1.44 10.70
CA ASP A 53 -22.14 -0.64 11.54
C ASP A 53 -20.85 -0.35 10.81
N LEU A 54 -20.32 -1.34 10.07
CA LEU A 54 -19.13 -1.08 9.27
C LEU A 54 -19.38 0.02 8.25
N THR A 55 -20.54 -0.01 7.59
CA THR A 55 -20.86 0.99 6.57
C THR A 55 -20.98 2.38 7.19
N LYS A 56 -21.71 2.49 8.29
CA LYS A 56 -21.89 3.79 8.93
C LYS A 56 -20.58 4.31 9.48
N SER A 57 -19.74 3.43 10.04
CA SER A 57 -18.44 3.84 10.52
C SER A 57 -17.57 4.33 9.37
N ALA A 58 -17.65 3.66 8.22
CA ALA A 58 -16.91 4.11 7.05
C ALA A 58 -17.38 5.47 6.60
N LEU A 59 -18.70 5.71 6.61
CA LEU A 59 -19.22 7.02 6.21
C LEU A 59 -18.76 8.11 7.16
N ARG A 60 -18.92 7.89 8.46
CA ARG A 60 -18.54 8.90 9.45
C ARG A 60 -17.03 9.16 9.41
N GLU A 61 -16.25 8.10 9.31
CA GLU A 61 -14.80 8.25 9.24
C GLU A 61 -14.37 9.00 7.98
N LEU A 62 -15.04 8.72 6.86
CA LEU A 62 -14.64 9.33 5.59
C LEU A 62 -14.88 10.83 5.60
N LYS A 63 -15.89 11.29 6.35
CA LYS A 63 -16.20 12.71 6.37
C LYS A 63 -15.12 13.56 7.05
N THR A 64 -14.18 12.92 7.74
CA THR A 64 -13.04 13.63 8.32
C THR A 64 -11.79 13.53 7.45
N VAL A 65 -11.79 12.68 6.43
CA VAL A 65 -10.64 12.57 5.55
C VAL A 65 -10.63 13.75 4.59
N SER A 66 -9.48 14.42 4.50
CA SER A 66 -9.33 15.55 3.59
C SER A 66 -8.03 15.40 2.83
N ALA A 67 -8.01 15.86 1.58
CA ALA A 67 -6.84 15.71 0.73
C ALA A 67 -6.09 17.02 0.53
N ASP A 68 -6.81 18.16 0.42
CA ASP A 68 -6.15 19.43 0.17
C ASP A 68 -6.75 20.59 0.94
N GLN A 69 -7.50 20.33 2.02
CA GLN A 69 -8.13 21.41 2.78
C GLN A 69 -8.16 21.00 4.25
N LEU A 70 -7.21 21.49 5.02
CA LEU A 70 -7.15 21.15 6.44
C LEU A 70 -8.41 21.61 7.16
N ARG A 71 -9.00 20.71 7.94
CA ARG A 71 -10.26 20.97 8.61
C ARG A 71 -10.10 21.95 9.76
N PHE A 72 26.38 21.22 -12.72
CA PHE A 72 25.11 20.77 -12.17
C PHE A 72 25.12 19.26 -11.93
N VAL A 73 24.08 18.78 -11.26
CA VAL A 73 23.82 17.34 -11.11
C VAL A 73 22.40 17.11 -11.58
N LEU A 74 22.25 16.60 -12.80
CA LEU A 74 20.94 16.51 -13.42
C LEU A 74 20.01 15.57 -12.65
N GLY A 75 20.54 14.46 -12.15
CA GLY A 75 19.69 13.53 -11.41
C GLY A 75 19.09 14.15 -10.15
N ALA A 76 19.91 14.88 -9.39
CA ALA A 76 19.39 15.52 -8.19
C ALA A 76 18.40 16.63 -8.54
N ILE A 77 18.67 17.38 -9.60
CA ILE A 77 17.76 18.46 -10.00
C ILE A 77 16.41 17.89 -10.40
N ALA A 78 16.40 16.81 -11.18
CA ALA A 78 15.15 16.24 -11.65
C ALA A 78 14.51 15.28 -10.64
N LEU A 79 15.14 15.08 -9.49
CA LEU A 79 14.67 14.10 -8.52
C LEU A 79 13.26 14.44 -8.04
N GLY A 80 12.36 13.47 -8.19
CA GLY A 80 11.02 13.56 -7.64
C GLY A 80 10.12 14.60 -8.27
N ARG A 81 10.53 15.20 -9.39
CA ARG A 81 9.70 16.25 -10.00
C ARG A 81 8.40 15.68 -10.53
N ALA A 82 8.43 14.45 -11.06
CA ALA A 82 7.24 13.88 -11.70
C ALA A 82 6.10 13.72 -10.71
N THR A 83 6.38 13.19 -9.53
CA THR A 83 5.31 12.96 -8.56
C THR A 83 4.71 14.27 -8.06
N ALA A 84 5.55 15.26 -7.79
CA ALA A 84 5.04 16.55 -7.35
C ALA A 84 4.21 17.22 -8.45
N ALA A 85 4.68 17.13 -9.70
CA ALA A 85 3.90 17.68 -10.80
C ALA A 85 2.56 16.97 -10.93
N ALA A 86 2.55 15.65 -10.75
CA ALA A 86 1.31 14.89 -10.86
C ALA A 86 0.32 15.29 -9.76
N VAL A 87 0.80 15.42 -8.53
CA VAL A 87 -0.10 15.79 -7.44
C VAL A 87 -0.59 17.22 -7.63
N THR A 88 0.26 18.09 -8.17
CA THR A 88 -0.18 19.45 -8.49
C THR A 88 -1.28 19.42 -9.54
N ALA A 89 -1.11 18.62 -10.59
CA ALA A 89 -2.13 18.54 -11.63
C ALA A 89 -3.44 17.99 -11.07
N GLY A 90 -3.34 17.00 -10.17
CA GLY A 90 -4.55 16.47 -9.56
C GLY A 90 -5.27 17.50 -8.69
N VAL A 91 -4.51 18.21 -7.86
CA VAL A 91 -5.13 19.17 -6.94
C VAL A 91 -5.68 20.36 -7.71
N ALA A 92 -5.14 20.62 -8.90
CA ALA A 92 -5.68 21.70 -9.74
C ALA A 92 -7.14 21.44 -10.08
N ILE A 93 -7.44 20.25 -10.60
CA ILE A 93 -8.82 19.91 -10.90
C ILE A 93 -9.61 19.70 -9.61
N ALA A 94 -8.94 19.24 -8.55
CA ALA A 94 -9.63 19.01 -7.28
C ALA A 94 -10.28 20.28 -6.76
N LYS A 95 -9.59 21.42 -6.86
CA LYS A 95 -10.20 22.68 -6.45
C LYS A 95 -11.40 23.01 -7.32
N THR A 96 -11.27 22.81 -8.62
CA THR A 96 -12.31 23.22 -9.55
C THR A 96 -13.50 22.22 -9.59
N ILE A 97 -13.50 21.19 -8.73
CA ILE A 97 -14.65 20.29 -8.65
C ILE A 97 -15.30 20.43 -7.29
N ARG A 98 -14.55 20.98 -6.32
CA ARG A 98 -15.08 21.14 -4.97
C ARG A 98 -16.24 22.11 -4.90
N LEU A 99 -16.28 23.12 -5.78
CA LEU A 99 -17.38 24.07 -5.77
C LEU A 99 -18.68 23.37 -6.13
N GLU A 100 -19.79 23.81 -5.51
CA GLU A 100 -21.04 23.10 -5.64
C GLU A 100 -21.56 23.07 -7.07
N SER A 101 -21.16 24.06 -7.88
CA SER A 101 -21.67 24.13 -9.26
C SER A 101 -21.23 22.91 -10.06
N GLU A 102 -19.98 22.49 -9.91
CA GLU A 102 -19.47 21.36 -10.69
C GLU A 102 -20.08 20.04 -10.23
N VAL A 103 -20.28 19.88 -8.92
CA VAL A 103 -21.00 18.71 -8.43
C VAL A 103 -22.42 18.69 -9.01
N THR A 104 -23.07 19.86 -9.03
CA THR A 104 -24.39 19.97 -9.63
C THR A 104 -24.37 19.53 -11.09
N ALA A 105 -23.42 20.05 -11.86
CA ALA A 105 -23.36 19.72 -13.28
C ALA A 105 -23.07 18.24 -13.52
N ILE A 106 -22.15 17.68 -12.75
CA ILE A 106 -21.81 16.26 -12.92
C ILE A 106 -23.00 15.39 -12.57
N LYS A 107 -23.70 15.71 -11.48
CA LYS A 107 -24.91 14.98 -11.15
C LYS A 107 -25.96 15.12 -12.25
N ASN A 108 -26.07 16.32 -12.82
CA ASN A 108 -27.03 16.53 -13.90
C ASN A 108 -26.72 15.63 -15.09
N ALA A 109 -25.43 15.50 -15.43
CA ALA A 109 -25.05 14.61 -16.52
C ALA A 109 -25.40 13.16 -16.20
N LEU A 110 -25.37 12.81 -14.91
CA LEU A 110 -25.53 11.41 -14.51
C LEU A 110 -26.87 11.12 -13.84
N LYS A 111 -27.94 11.85 -14.16
CA LYS A 111 -29.26 11.44 -13.70
C LYS A 111 -29.65 10.06 -14.19
N THR A 112 -29.57 9.83 -15.50
CA THR A 112 -30.15 8.63 -16.10
C THR A 112 -29.12 7.81 -16.87
N THR A 113 -27.84 7.95 -16.57
CA THR A 113 -26.81 7.16 -17.24
C THR A 113 -25.64 6.92 -16.29
N ASN A 114 -25.00 5.77 -16.45
CA ASN A 114 -23.84 5.42 -15.65
C ASN A 114 -22.55 5.95 -16.24
N GLU A 115 -22.58 6.56 -17.42
CA GLU A 115 -21.38 6.99 -18.10
C GLU A 115 -21.71 8.14 -19.04
N ALA A 116 -21.03 9.27 -18.85
CA ALA A 116 -21.18 10.41 -19.72
C ALA A 116 -19.95 11.29 -19.56
N VAL A 117 -19.71 12.15 -20.57
CA VAL A 117 -18.58 13.06 -20.57
C VAL A 117 -19.11 14.48 -20.63
N SER A 118 -18.63 15.33 -19.73
CA SER A 118 -19.05 16.71 -19.69
C SER A 118 -17.89 17.58 -19.24
N THR A 119 -17.92 18.84 -19.65
CA THR A 119 -16.85 19.76 -19.32
C THR A 119 -17.15 20.48 -18.02
N LEU A 120 -16.14 20.61 -17.17
CA LEU A 120 -16.30 21.37 -15.94
C LEU A 120 -16.37 22.86 -16.25
N GLY A 121 -16.65 23.64 -15.21
CA GLY A 121 -16.77 25.08 -15.38
C GLY A 121 -15.50 25.75 -15.87
N ASN A 122 -14.34 25.15 -15.61
CA ASN A 122 -13.08 25.72 -16.05
C ASN A 122 -12.81 25.51 -17.55
N GLY A 123 -13.58 24.63 -18.20
CA GLY A 123 -13.38 24.36 -19.60
C GLY A 123 -12.63 23.09 -19.93
N VAL A 124 -12.19 22.35 -18.93
CA VAL A 124 -11.53 21.07 -19.18
C VAL A 124 -12.60 19.98 -19.29
N ARG A 125 -12.37 19.04 -20.20
CA ARG A 125 -13.31 17.95 -20.44
C ARG A 125 -12.86 16.72 -19.67
N VAL A 126 -13.79 16.13 -18.92
CA VAL A 126 -13.51 14.95 -18.12
C VAL A 126 -14.63 13.93 -18.30
N LEU A 127 -14.31 12.67 -18.07
CA LEU A 127 -15.31 11.62 -18.06
C LEU A 127 -15.81 11.40 -16.64
N ALA A 128 -17.12 11.27 -16.49
CA ALA A 128 -17.74 11.07 -15.19
C ALA A 128 -18.53 9.77 -15.19
N THR A 129 -18.33 8.96 -14.16
CA THR A 129 -19.00 7.68 -14.04
C THR A 129 -19.47 7.52 -12.60
N ALA A 130 -20.51 6.70 -12.42
CA ALA A 130 -21.07 6.42 -11.10
C ALA A 130 -21.27 4.92 -10.93
N VAL A 131 -21.11 4.45 -9.70
CA VAL A 131 -21.35 3.06 -9.35
C VAL A 131 -22.58 3.02 -8.46
N ARG A 132 -23.59 2.26 -8.86
CA ARG A 132 -24.91 2.31 -8.23
C ARG A 132 -25.36 1.02 -7.59
N GLU A 133 -24.61 -0.07 -7.71
CA GLU A 133 -25.10 -1.36 -7.24
C GLU A 133 -25.40 -1.33 -5.74
N LEU A 134 -24.55 -0.67 -4.96
CA LEU A 134 -24.78 -0.58 -3.52
C LEU A 134 -26.09 0.14 -3.23
N LYS A 135 -26.35 1.25 -3.92
CA LYS A 135 -27.57 2.01 -3.64
C LYS A 135 -28.81 1.21 -4.01
N ASP A 136 -28.80 0.55 -5.18
CA ASP A 136 -29.96 -0.26 -5.57
C ASP A 136 -30.18 -1.40 -4.58
N PHE A 137 -29.09 -2.06 -4.17
CA PHE A 137 -29.20 -3.15 -3.20
C PHE A 137 -29.79 -2.64 -1.89
N VAL A 138 -29.40 -1.43 -1.47
CA VAL A 138 -29.95 -0.85 -0.24
C VAL A 138 -31.41 -0.48 -0.43
N SER A 139 -31.76 0.04 -1.61
CA SER A 139 -33.07 0.65 -1.79
C SER A 139 -34.16 -0.40 -2.02
N LYS A 140 -34.01 -1.25 -3.04
CA LYS A 140 -35.13 -2.09 -3.54
C LYS A 140 -34.95 -3.60 -3.39
N ASN A 141 -33.79 -4.07 -2.98
CA ASN A 141 -33.60 -5.43 -2.47
C ASN A 141 -33.68 -5.48 -0.93
N LEU A 142 -32.86 -4.67 -0.24
CA LEU A 142 -32.70 -4.67 1.22
C LEU A 142 -33.75 -3.88 2.00
N THR A 143 -33.92 -2.57 1.74
CA THR A 143 -34.78 -1.73 2.58
C THR A 143 -36.26 -1.98 2.38
N ARG A 144 -36.69 -2.66 1.30
CA ARG A 144 -38.03 -3.26 1.28
C ARG A 144 -38.25 -4.19 2.47
N ALA A 145 -37.21 -4.90 2.90
CA ALA A 145 -37.35 -6.12 3.68
C ALA A 145 -36.55 -6.19 5.00
N ILE A 146 -35.58 -5.32 5.30
CA ILE A 146 -35.17 -5.09 6.69
C ILE A 146 -36.41 -4.67 7.46
N ASN A 147 -36.90 -3.45 7.19
CA ASN A 147 -38.10 -2.82 7.72
C ASN A 147 -38.14 -2.71 9.26
N LYS A 148 -38.93 -1.79 9.82
CA LYS A 148 -39.05 -1.52 11.26
C LYS A 148 -37.71 -1.34 11.98
N ASN A 149 -37.28 -2.29 12.82
CA ASN A 149 -35.96 -2.25 13.45
C ASN A 149 -35.22 -3.59 13.51
N LYS A 150 -35.66 -4.61 12.76
CA LYS A 150 -35.16 -5.98 12.93
C LYS A 150 -33.90 -6.28 12.13
N CYS A 151 -33.06 -7.11 12.73
CA CYS A 151 -32.02 -7.92 12.10
C CYS A 151 -32.00 -9.29 12.81
N ASP A 152 -31.04 -10.18 12.55
CA ASP A 152 -31.09 -11.57 13.08
C ASP A 152 -32.39 -12.28 12.62
N ILE A 153 -32.52 -12.41 11.31
CA ILE A 153 -33.65 -13.02 10.59
C ILE A 153 -33.12 -13.87 9.43
N ASP A 154 -33.58 -15.10 9.37
CA ASP A 154 -32.85 -16.23 8.81
C ASP A 154 -32.85 -16.35 7.27
N ASP A 155 -32.76 -15.25 6.53
CA ASP A 155 -32.58 -15.31 5.06
C ASP A 155 -31.17 -15.72 4.62
N LEU A 156 -30.14 -15.19 5.32
CA LEU A 156 -28.70 -15.34 5.06
C LEU A 156 -28.22 -14.81 3.69
N LYS A 157 -28.85 -15.19 2.57
CA LYS A 157 -28.47 -14.75 1.22
C LYS A 157 -28.33 -13.24 1.14
N MET A 158 -29.28 -12.48 1.68
CA MET A 158 -29.23 -11.03 1.71
C MET A 158 -27.98 -10.54 2.44
N ALA A 159 -27.67 -11.11 3.61
CA ALA A 159 -26.53 -10.70 4.41
C ALA A 159 -25.21 -10.93 3.67
N VAL A 160 -25.04 -12.12 3.11
CA VAL A 160 -23.85 -12.46 2.36
C VAL A 160 -23.77 -11.63 1.08
N SER A 161 -24.91 -11.42 0.42
CA SER A 161 -24.93 -10.57 -0.77
C SER A 161 -24.57 -9.13 -0.42
N PHE A 162 -25.04 -8.64 0.73
CA PHE A 162 -24.68 -7.30 1.17
C PHE A 162 -23.19 -7.19 1.43
N SER A 163 -22.61 -8.21 2.05
CA SER A 163 -21.17 -8.22 2.27
C SER A 163 -20.42 -8.26 0.94
N GLN A 164 -20.95 -9.01 -0.03
CA GLN A 164 -20.33 -9.06 -1.35
C GLN A 164 -20.37 -7.70 -2.04
N PHE A 165 -21.50 -7.00 -1.94
CA PHE A 165 -21.66 -5.73 -2.65
C PHE A 165 -20.89 -4.59 -1.99
N ASN A 166 -21.06 -4.40 -0.68
CA ASN A 166 -20.42 -3.28 -0.02
C ASN A 166 -18.91 -3.46 0.11
N ARG A 167 -18.38 -4.58 -0.37
CA ARG A 167 -16.95 -4.82 -0.30
C ARG A 167 -16.16 -3.77 -1.08
N ARG A 168 -16.64 -3.40 -2.26
CA ARG A 168 -15.94 -2.39 -3.06
C ARG A 168 -15.89 -1.06 -2.33
N PHE A 169 -17.03 -0.63 -1.78
CA PHE A 169 -17.09 0.63 -1.05
C PHE A 169 -16.17 0.59 0.17
N LEU A 170 -16.19 -0.53 0.90
CA LEU A 170 -15.35 -0.65 2.08
C LEU A 170 -13.87 -0.59 1.72
N ASN A 171 -13.47 -1.28 0.65
CA ASN A 171 -12.07 -1.24 0.23
C ASN A 171 -11.68 0.17 -0.20
N VAL A 172 -12.54 0.85 -0.94
CA VAL A 172 -12.22 2.21 -1.38
C VAL A 172 -12.03 3.13 -0.19
N VAL A 173 -12.96 3.09 0.77
CA VAL A 173 -12.87 3.97 1.93
C VAL A 173 -11.66 3.62 2.77
N ARG A 174 -11.39 2.33 2.94
CA ARG A 174 -10.24 1.91 3.73
C ARG A 174 -8.94 2.40 3.12
N GLN A 175 -8.78 2.24 1.80
CA GLN A 175 -7.57 2.72 1.15
C GLN A 175 -7.43 4.22 1.25
N PHE A 176 -8.55 4.95 1.07
CA PHE A 176 -8.48 6.41 1.15
C PHE A 176 -8.10 6.87 2.54
N SER A 177 -8.66 6.23 3.57
CA SER A 177 -8.35 6.63 4.94
C SER A 177 -6.90 6.28 5.31
N GLU A 178 -6.44 5.11 4.87
CA GLU A 178 -5.06 4.72 5.16
C GLU A 178 -4.06 5.62 4.44
N ASN A 179 -4.40 6.04 3.21
CA ASN A 179 -3.53 6.90 2.43
C ASN A 179 -3.74 8.38 2.68
N ALA A 180 -4.68 8.73 3.57
CA ALA A 180 -4.95 10.12 3.93
C ALA A 180 -5.31 10.97 2.71
N GLY A 181 -6.06 10.36 1.79
CA GLY A 181 -6.65 11.07 0.68
C GLY A 181 -5.94 10.92 -0.65
N ILE A 182 -4.69 10.49 -0.65
CA ILE A 182 -3.91 10.37 -1.88
C ILE A 182 -3.35 8.96 -1.95
N THR A 183 -3.84 8.17 -2.90
CA THR A 183 -3.30 6.85 -3.12
C THR A 183 -2.14 6.89 -4.11
N PRO A 184 -1.16 6.00 -3.96
CA PRO A 184 -0.01 6.01 -4.89
C PRO A 184 -0.26 5.20 -6.14
N ALA A 185 -1.22 4.27 -6.09
CA ALA A 185 -1.51 3.41 -7.24
C ALA A 185 -2.99 3.10 -7.25
N ILE A 186 -3.48 2.73 -8.43
CA ILE A 186 -4.90 2.46 -8.65
C ILE A 186 -5.14 0.98 -8.43
N SER A 187 -5.70 0.62 -7.28
CA SER A 187 -6.12 -0.75 -7.04
C SER A 187 -7.38 -1.07 -7.84
N LEU A 188 -7.67 -2.36 -7.96
CA LEU A 188 -8.85 -2.79 -8.71
C LEU A 188 -10.16 -2.40 -8.04
N ASP A 189 -10.15 -2.08 -6.75
CA ASP A 189 -11.37 -1.59 -6.10
C ASP A 189 -11.70 -0.18 -6.55
N LEU A 190 -10.68 0.63 -6.85
CA LEU A 190 -10.93 1.97 -7.34
C LEU A 190 -11.66 1.95 -8.67
N MET A 191 -11.26 1.07 -9.57
CA MET A 191 -11.84 1.01 -10.91
C MET A 191 -11.51 -0.33 -11.54
N THR A 192 -12.54 -1.00 -12.06
CA THR A 192 -12.38 -2.35 -12.59
C THR A 192 -11.82 -2.31 -14.01
N ASP A 193 -11.59 -3.51 -14.55
CA ASP A 193 -11.02 -3.62 -15.90
C ASP A 193 -11.96 -3.04 -16.95
N ALA A 194 -13.26 -3.31 -16.81
CA ALA A 194 -14.23 -2.80 -17.78
C ALA A 194 -14.26 -1.28 -17.77
N GLU A 195 -14.27 -0.68 -16.58
CA GLU A 195 -14.25 0.78 -16.49
C GLU A 195 -12.96 1.34 -17.06
N LEU A 196 -11.83 0.65 -16.84
CA LEU A 196 -10.57 1.09 -17.41
C LEU A 196 -10.63 1.07 -18.94
N ALA A 197 -11.22 0.02 -19.51
CA ALA A 197 -11.39 -0.03 -20.95
C ALA A 197 -12.28 1.09 -21.45
N ARG A 198 -13.35 1.38 -20.70
CA ARG A 198 -14.26 2.45 -21.11
C ARG A 198 -13.56 3.81 -21.10
N ALA A 199 -12.77 4.07 -20.06
CA ALA A 199 -12.08 5.35 -19.96
C ALA A 199 -11.05 5.53 -21.07
N ILE A 200 -10.36 4.44 -21.42
CA ILE A 200 -9.32 4.50 -22.44
C ILE A 200 -9.93 4.84 -23.80
N SER A 201 -11.07 4.24 -24.13
CA SER A 201 -11.66 4.44 -25.45
C SER A 201 -12.04 5.89 -25.71
N ASN A 202 -12.40 6.63 -24.66
CA ASN A 202 -12.81 8.01 -24.79
C ASN A 202 -11.65 8.98 -24.67
N MET A 203 -10.42 8.48 -24.56
CA MET A 203 -9.27 9.35 -24.43
C MET A 203 -9.07 10.16 -25.71
N PRO A 204 -8.80 11.45 -25.61
CA PRO A 204 -8.64 12.30 -26.81
C PRO A 204 -7.29 12.13 -27.51
N THR A 205 -7.20 11.05 -28.29
CA THR A 205 -6.00 10.74 -29.05
C THR A 205 -6.40 9.91 -30.26
N SER A 206 -5.52 9.83 -31.25
CA SER A 206 -5.80 9.08 -32.47
C SER A 206 -5.95 7.59 -32.18
N ALA A 207 -6.29 6.84 -33.23
CA ALA A 207 -6.65 5.44 -33.06
C ALA A 207 -5.45 4.58 -32.67
N GLY A 208 -4.27 4.89 -33.18
CA GLY A 208 -3.11 4.04 -32.90
C GLY A 208 -2.74 4.00 -31.44
N GLN A 209 -2.75 5.15 -30.77
CA GLN A 209 -2.43 5.17 -29.36
C GLN A 209 -3.50 4.48 -28.52
N ILE A 210 -4.77 4.60 -28.91
CA ILE A 210 -5.82 3.83 -28.27
C ILE A 210 -5.55 2.34 -28.43
N LYS A 211 -5.08 1.95 -29.61
CA LYS A 211 -4.74 0.55 -29.86
C LYS A 211 -3.62 0.10 -28.93
N LEU A 212 -2.62 0.95 -28.74
CA LEU A 212 -1.50 0.57 -27.87
C LEU A 212 -1.94 0.49 -26.41
N MET A 213 -2.83 1.40 -25.99
CA MET A 213 -3.28 1.38 -24.60
C MET A 213 -4.07 0.13 -24.28
N LEU A 214 -5.06 -0.21 -25.12
CA LEU A 214 -6.00 -1.27 -24.77
C LEU A 214 -5.32 -2.64 -24.71
N GLU A 215 -4.18 -2.79 -25.38
CA GLU A 215 -3.44 -4.04 -25.29
C GLU A 215 -2.51 -4.08 -24.09
N ASN A 216 -2.27 -2.96 -23.44
CA ASN A 216 -1.38 -2.83 -22.29
C ASN A 216 -2.06 -2.04 -21.17
N ARG A 217 -3.28 -2.43 -20.83
CA ARG A 217 -4.05 -1.68 -19.84
C ARG A 217 -3.36 -1.68 -18.48
N ALA A 218 -2.62 -2.75 -18.17
CA ALA A 218 -1.96 -2.83 -16.87
C ALA A 218 -0.93 -1.73 -16.69
N MET A 219 -0.15 -1.43 -17.72
CA MET A 219 0.85 -0.39 -17.58
C MET A 219 0.19 0.99 -17.47
N VAL A 220 -0.98 1.15 -18.10
CA VAL A 220 -1.77 2.37 -17.89
C VAL A 220 -2.18 2.49 -16.44
N ARG A 221 -2.64 1.38 -15.85
CA ARG A 221 -3.06 1.41 -14.45
C ARG A 221 -1.89 1.68 -13.52
N ARG A 222 -0.69 1.24 -13.91
CA ARG A 222 0.45 1.32 -13.01
C ARG A 222 0.78 2.76 -12.62
N LYS A 223 0.78 3.67 -13.58
CA LYS A 223 1.21 5.04 -13.31
C LYS A 223 0.09 5.97 -12.86
N GLY A 224 -1.13 5.47 -12.72
CA GLY A 224 -2.22 6.32 -12.30
C GLY A 224 -2.43 6.33 -10.80
N PHE A 225 -3.06 7.39 -10.32
CA PHE A 225 -3.38 7.53 -8.91
C PHE A 225 -4.64 8.36 -8.76
N GLY A 226 -5.29 8.22 -7.63
CA GLY A 226 -6.58 8.86 -7.39
C GLY A 226 -6.56 9.73 -6.15
N ILE A 227 -7.37 10.78 -6.19
CA ILE A 227 -7.46 11.77 -5.11
C ILE A 227 -8.89 11.85 -4.64
N LEU A 228 -9.09 11.77 -3.32
CA LEU A 228 -10.42 11.89 -2.76
C LEU A 228 -10.89 13.35 -2.80
N ILE A 229 -12.13 13.55 -3.21
CA ILE A 229 -12.70 14.90 -3.25
C ILE A 229 -13.36 15.25 -1.92
N GLY A 230 -14.38 14.48 -1.54
CA GLY A 230 -15.08 14.73 -0.31
C GLY A 230 -16.40 13.98 -0.29
N VAL A 231 -17.15 14.21 0.79
CA VAL A 231 -18.44 13.56 0.99
C VAL A 231 -19.53 14.59 0.73
N TYR A 232 -20.51 14.22 -0.08
CA TYR A 232 -21.62 15.09 -0.46
C TYR A 232 -22.92 14.32 -0.30
N GLY A 233 -23.50 14.39 0.89
CA GLY A 233 -24.76 13.71 1.14
C GLY A 233 -24.60 12.20 1.11
N SER A 234 -25.43 11.54 0.31
CA SER A 234 -25.46 10.09 0.25
C SER A 234 -24.40 9.50 -0.68
N SER A 235 -23.59 10.32 -1.33
CA SER A 235 -22.66 9.83 -2.33
C SER A 235 -21.23 10.19 -1.94
N VAL A 236 -20.30 9.36 -2.40
CA VAL A 236 -18.87 9.58 -2.21
C VAL A 236 -18.27 9.95 -3.55
N ILE A 237 -17.51 11.04 -3.57
CA ILE A 237 -16.93 11.57 -4.80
C ILE A 237 -15.41 11.52 -4.70
N TYR A 238 -14.78 10.90 -5.69
CA TYR A 238 -13.32 10.86 -5.78
C TYR A 238 -12.94 10.83 -7.25
N MET A 239 -11.71 11.23 -7.53
CA MET A 239 -11.21 11.37 -8.90
C MET A 239 -10.08 10.38 -9.14
N VAL A 240 -9.92 9.98 -10.39
CA VAL A 240 -8.91 9.02 -10.80
C VAL A 240 -8.15 9.59 -11.99
N GLN A 241 -6.83 9.59 -11.91
CA GLN A 241 -6.00 10.12 -12.98
C GLN A 241 -5.47 8.99 -13.85
N LEU A 242 -5.47 9.22 -15.17
CA LEU A 242 -4.91 8.28 -16.13
C LEU A 242 -4.02 9.04 -17.12
N PRO A 243 -2.92 8.44 -17.54
CA PRO A 243 -2.00 9.14 -18.45
C PRO A 243 -2.44 9.03 -19.90
N ILE A 244 -2.03 10.00 -20.70
CA ILE A 244 -2.23 9.97 -22.15
C ILE A 244 -0.87 9.79 -22.79
N PHE A 245 -0.63 8.59 -23.34
CA PHE A 245 0.60 8.29 -24.06
C PHE A 245 0.46 8.82 -25.48
N GLY A 246 0.72 10.11 -25.64
CA GLY A 246 0.50 10.77 -26.91
C GLY A 246 1.58 10.56 -27.95
N VAL A 247 2.73 10.03 -27.57
CA VAL A 247 3.81 9.76 -28.51
C VAL A 247 4.28 8.33 -28.27
N ILE A 248 4.24 7.51 -29.33
CA ILE A 248 4.63 6.11 -29.26
C ILE A 248 5.53 5.79 -30.43
N ASP A 249 6.28 4.69 -30.30
CA ASP A 249 7.14 4.18 -31.37
C ASP A 249 8.14 5.24 -31.83
N THR A 250 9.02 5.64 -30.92
CA THR A 250 10.01 6.65 -31.22
C THR A 250 11.40 6.19 -30.79
N PRO A 251 12.49 6.48 -31.55
CA PRO A 251 13.88 6.24 -31.12
C PRO A 251 14.60 6.24 -29.73
N CYS A 252 14.14 5.56 -28.68
CA CYS A 252 14.73 5.72 -27.31
C CYS A 252 16.07 4.96 -27.24
N TRP A 253 17.11 5.46 -26.58
CA TRP A 253 18.34 4.67 -26.41
C TRP A 253 18.74 4.61 -24.95
N ILE A 254 19.52 3.65 -24.39
CA ILE A 254 19.99 3.66 -22.94
C ILE A 254 21.52 3.58 -22.76
N VAL A 255 22.13 4.09 -21.70
CA VAL A 255 23.57 4.13 -21.49
C VAL A 255 23.88 3.60 -20.10
N LYS A 256 24.92 2.77 -20.01
CA LYS A 256 25.46 2.28 -18.75
C LYS A 256 26.98 2.44 -18.79
N ALA A 257 27.59 2.51 -17.61
CA ALA A 257 29.02 2.76 -17.56
C ALA A 257 29.64 2.03 -16.38
N ALA A 258 30.96 1.82 -16.47
CA ALA A 258 31.76 1.18 -15.45
C ALA A 258 33.08 1.92 -15.31
N PRO A 259 33.75 1.75 -14.17
CA PRO A 259 34.94 2.50 -13.94
C PRO A 259 36.11 2.08 -14.71
N SER A 260 36.29 2.73 -15.83
CA SER A 260 37.54 2.50 -16.57
C SER A 260 38.75 2.86 -15.69
N CYS A 261 39.26 1.97 -14.83
CA CYS A 261 40.47 2.38 -14.07
C CYS A 261 41.72 2.06 -14.90
N SER A 262 42.90 2.55 -14.50
CA SER A 262 44.19 2.35 -15.23
C SER A 262 45.35 2.49 -14.24
N GLU A 263 46.56 2.00 -14.53
CA GLU A 263 47.63 2.04 -13.49
C GLU A 263 49.05 2.35 -13.99
N LYS A 264 49.83 3.16 -13.26
CA LYS A 264 51.22 3.52 -13.54
C LYS A 264 51.98 3.63 -12.23
N LYS A 265 52.91 2.70 -12.00
CA LYS A 265 53.80 2.73 -10.84
C LYS A 265 53.01 2.75 -9.53
N GLY A 266 51.91 2.00 -9.50
CA GLY A 266 51.11 1.85 -8.30
C GLY A 266 50.04 2.90 -8.09
N ASN A 267 50.14 4.05 -8.77
CA ASN A 267 49.10 5.05 -8.71
C ASN A 267 48.13 4.84 -9.87
N TYR A 268 46.90 5.31 -9.69
CA TYR A 268 45.83 5.04 -10.64
C TYR A 268 45.20 6.33 -11.13
N ALA A 269 44.77 6.31 -12.38
CA ALA A 269 43.89 7.32 -12.95
C ALA A 269 42.57 6.66 -13.29
N CYS A 270 41.48 7.16 -12.72
CA CYS A 270 40.19 6.52 -12.85
C CYS A 270 39.17 7.54 -13.32
N LEU A 271 38.25 7.10 -14.18
CA LEU A 271 37.26 7.99 -14.77
C LEU A 271 36.01 7.19 -15.10
N LEU A 272 34.87 7.60 -14.55
CA LEU A 272 33.60 6.93 -14.77
C LEU A 272 32.61 7.91 -15.41
N ARG A 273 32.11 7.54 -16.59
CA ARG A 273 31.04 8.30 -17.22
C ARG A 273 29.75 8.10 -16.44
N GLU A 274 28.97 9.18 -16.30
CA GLU A 274 27.80 9.13 -15.43
C GLU A 274 26.48 9.39 -16.14
N ASP A 275 26.48 9.63 -17.45
CA ASP A 275 25.30 10.11 -18.15
C ASP A 275 24.26 9.01 -18.33
N GLN A 276 24.41 7.92 -17.57
CA GLN A 276 23.50 6.80 -17.58
C GLN A 276 22.06 7.25 -17.33
N GLY A 277 21.12 6.38 -17.70
CA GLY A 277 19.70 6.71 -17.67
C GLY A 277 19.02 6.29 -18.95
N TRP A 278 18.11 7.13 -19.43
CA TRP A 278 17.43 6.90 -20.69
C TRP A 278 17.41 8.17 -21.51
N TYR A 279 17.37 8.00 -22.83
CA TYR A 279 17.29 9.10 -23.78
C TYR A 279 16.12 8.85 -24.72
N CYS A 280 15.41 9.91 -25.07
CA CYS A 280 14.23 9.79 -25.92
C CYS A 280 14.13 10.98 -26.86
N GLN A 281 14.14 10.70 -28.16
CA GLN A 281 13.77 11.69 -29.14
C GLN A 281 12.26 11.93 -29.07
N ASN A 282 11.84 13.10 -29.55
CA ASN A 282 10.40 13.36 -29.68
C ASN A 282 10.22 14.47 -30.72
N ALA A 283 9.89 14.07 -31.95
CA ALA A 283 9.57 15.00 -33.03
C ALA A 283 10.65 16.08 -33.18
N GLY A 284 11.92 15.67 -33.08
CA GLY A 284 13.04 16.56 -33.24
C GLY A 284 13.69 17.00 -31.95
N SER A 285 13.01 16.87 -30.83
CA SER A 285 13.61 17.21 -29.55
C SER A 285 14.37 16.01 -28.99
N THR A 286 15.25 16.29 -28.03
CA THR A 286 16.01 15.25 -27.32
C THR A 286 15.82 15.44 -25.83
N VAL A 287 15.37 14.39 -25.16
CA VAL A 287 15.03 14.44 -23.75
C VAL A 287 15.91 13.46 -22.99
N TYR A 288 16.35 13.87 -21.82
CA TYR A 288 17.21 13.06 -20.96
C TYR A 288 16.44 12.65 -19.71
N TYR A 289 16.66 11.42 -19.25
CA TYR A 289 15.95 10.88 -18.09
C TYR A 289 16.96 10.29 -17.13
N PRO A 290 17.34 11.00 -16.07
CA PRO A 290 18.44 10.53 -15.21
C PRO A 290 18.04 9.43 -14.24
N ASN A 291 16.84 9.51 -13.68
CA ASN A 291 16.45 8.62 -12.59
C ASN A 291 15.88 7.34 -13.18
N GLU A 292 16.55 6.22 -12.91
CA GLU A 292 16.10 4.92 -13.41
C GLU A 292 14.82 4.47 -12.72
N LYS A 293 14.47 5.06 -11.58
CA LYS A 293 13.34 4.57 -10.79
C LYS A 293 12.02 4.69 -11.53
N ASP A 294 12.05 5.74 -12.36
CA ASP A 294 10.82 6.09 -13.10
C ASP A 294 10.84 5.51 -14.50
N CYS A 295 11.88 5.78 -15.28
CA CYS A 295 11.78 5.30 -16.68
C CYS A 295 11.98 3.76 -16.75
N GLU A 296 10.91 2.95 -16.62
CA GLU A 296 10.92 1.46 -16.60
C GLU A 296 10.62 0.84 -17.96
N THR A 297 10.60 -0.50 -18.10
CA THR A 297 10.57 -1.05 -19.45
C THR A 297 9.77 -2.35 -19.49
N ARG A 298 9.23 -2.64 -20.66
CA ARG A 298 8.54 -3.89 -20.94
C ARG A 298 8.98 -4.38 -22.31
N GLY A 299 9.89 -5.34 -22.34
CA GLY A 299 10.45 -5.77 -23.61
C GLY A 299 11.32 -4.67 -24.20
N ASP A 300 11.03 -4.31 -25.46
CA ASP A 300 11.76 -3.26 -26.14
C ASP A 300 11.01 -1.94 -26.17
N HIS A 301 10.20 -1.65 -25.15
CA HIS A 301 9.51 -0.38 -25.02
C HIS A 301 9.84 0.22 -23.66
N VAL A 302 10.08 1.54 -23.63
CA VAL A 302 10.42 2.26 -22.41
C VAL A 302 9.33 3.30 -22.14
N PHE A 303 8.73 3.22 -20.96
CA PHE A 303 7.60 4.07 -20.61
C PHE A 303 8.02 5.27 -19.76
N CYS A 304 8.78 6.19 -20.34
CA CYS A 304 9.22 7.36 -19.59
C CYS A 304 8.07 8.30 -19.29
N ASP A 305 8.24 9.10 -18.24
CA ASP A 305 7.30 10.16 -17.88
C ASP A 305 7.98 11.49 -18.15
N THR A 306 7.41 12.28 -19.07
CA THR A 306 8.07 13.51 -19.51
C THR A 306 8.23 14.51 -18.39
N ALA A 307 7.42 14.44 -17.34
CA ALA A 307 7.57 15.36 -16.22
C ALA A 307 8.90 15.19 -15.51
N ALA A 308 9.57 14.05 -15.66
CA ALA A 308 10.88 13.84 -15.06
C ALA A 308 12.02 14.11 -16.03
N GLY A 309 11.72 14.55 -17.25
CA GLY A 309 12.76 14.71 -18.25
C GLY A 309 13.43 16.06 -18.21
N ILE A 310 14.65 16.10 -18.73
CA ILE A 310 15.42 17.33 -18.91
C ILE A 310 15.79 17.42 -20.39
N ASN A 311 15.39 18.52 -21.02
CA ASN A 311 15.55 18.67 -22.47
C ASN A 311 16.94 19.17 -22.79
N VAL A 312 17.61 18.47 -23.72
CA VAL A 312 18.98 18.79 -24.13
C VAL A 312 19.06 18.77 -25.64
N ALA A 313 20.19 19.24 -26.17
CA ALA A 313 20.39 19.30 -27.60
C ALA A 313 20.60 17.91 -28.19
N GLU A 314 20.44 17.82 -29.52
CA GLU A 314 20.61 16.54 -30.19
C GLU A 314 22.06 16.07 -30.18
N GLN A 315 23.00 16.99 -29.92
CA GLN A 315 24.41 16.62 -29.93
C GLN A 315 24.79 15.76 -28.73
N SER A 316 23.85 15.48 -27.83
CA SER A 316 24.14 14.61 -26.70
C SER A 316 24.49 13.19 -27.15
N LYS A 317 23.88 12.74 -28.24
CA LYS A 317 24.20 11.34 -28.57
C LYS A 317 25.68 11.35 -28.76
N GLU A 318 26.11 12.34 -29.47
CA GLU A 318 27.53 12.34 -29.87
C GLU A 318 28.48 11.54 -29.00
N CYS A 319 28.75 11.89 -27.75
CA CYS A 319 29.92 11.22 -27.13
C CYS A 319 29.76 9.69 -27.00
N ASN A 320 28.72 9.12 -27.60
CA ASN A 320 28.67 7.65 -27.77
C ASN A 320 29.30 7.54 -29.14
N ILE A 321 30.14 8.51 -29.47
CA ILE A 321 30.89 8.48 -30.74
C ILE A 321 32.28 8.89 -30.27
N ASN A 322 32.66 10.16 -30.36
CA ASN A 322 34.02 10.39 -29.91
C ASN A 322 33.94 11.28 -28.66
N ILE A 323 34.05 10.66 -27.49
CA ILE A 323 33.88 11.39 -26.24
C ILE A 323 34.99 12.41 -26.02
N SER A 324 36.07 12.34 -26.79
CA SER A 324 37.18 13.27 -26.59
C SER A 324 37.01 14.56 -27.38
N THR A 325 36.54 14.46 -28.63
CA THR A 325 36.56 15.60 -29.53
C THR A 325 35.22 16.31 -29.67
N THR A 326 34.12 15.69 -29.27
CA THR A 326 32.81 16.30 -29.47
C THR A 326 32.65 17.54 -28.61
N ASN A 327 31.96 18.54 -29.18
CA ASN A 327 31.74 19.82 -28.50
C ASN A 327 30.44 19.78 -27.73
N TYR A 328 30.42 18.90 -26.72
CA TYR A 328 29.26 18.72 -25.87
C TYR A 328 29.75 18.59 -24.44
N PRO A 329 28.98 19.15 -23.48
CA PRO A 329 29.31 18.97 -22.10
C PRO A 329 29.08 17.52 -21.78
N CYS A 330 30.09 16.69 -21.97
CA CYS A 330 29.95 15.28 -21.55
C CYS A 330 30.31 15.25 -20.06
N LYS A 331 29.42 14.63 -19.30
CA LYS A 331 29.62 14.71 -17.85
C LYS A 331 30.24 13.44 -17.31
N VAL A 332 31.20 13.60 -16.43
CA VAL A 332 31.91 12.44 -15.91
C VAL A 332 32.26 12.71 -14.45
N SER A 333 32.63 11.62 -13.75
CA SER A 333 33.11 11.70 -12.38
C SER A 333 34.43 10.97 -12.29
N THR A 334 35.38 11.57 -11.57
CA THR A 334 36.75 11.06 -11.52
C THR A 334 37.09 10.58 -10.12
N GLY A 335 38.29 10.04 -9.99
CA GLY A 335 38.77 9.56 -8.70
C GLY A 335 40.15 8.97 -8.84
N ARG A 336 40.84 8.90 -7.70
CA ARG A 336 42.17 8.30 -7.67
C ARG A 336 42.17 6.87 -7.11
N ASN A 337 41.01 6.35 -6.71
CA ASN A 337 40.93 5.01 -6.13
C ASN A 337 40.06 4.12 -6.98
N PRO A 338 40.59 3.04 -7.55
CA PRO A 338 39.75 2.14 -8.37
C PRO A 338 38.74 1.39 -7.52
N ILE A 339 37.64 1.02 -8.17
CA ILE A 339 36.59 0.22 -7.56
C ILE A 339 36.12 -0.81 -8.57
N SER A 340 35.96 -2.05 -8.12
CA SER A 340 35.55 -3.14 -8.99
C SER A 340 34.08 -3.45 -8.77
N MET A 341 33.33 -3.57 -9.86
CA MET A 341 31.92 -3.96 -9.80
C MET A 341 31.50 -4.42 -11.19
N VAL A 342 30.23 -4.75 -11.32
CA VAL A 342 29.65 -5.21 -12.57
C VAL A 342 28.45 -4.34 -12.90
N ALA A 343 28.34 -3.93 -14.17
CA ALA A 343 27.21 -3.16 -14.66
C ALA A 343 26.43 -4.04 -15.62
N LEU A 344 25.12 -4.14 -15.38
CA LEU A 344 24.25 -5.07 -16.10
C LEU A 344 23.44 -4.32 -17.14
N SER A 345 23.83 -4.43 -18.41
CA SER A 345 23.07 -3.88 -19.52
C SER A 345 22.16 -4.96 -20.07
N PRO A 346 21.09 -4.60 -20.78
CA PRO A 346 20.13 -5.63 -21.24
C PRO A 346 20.70 -6.60 -22.26
N LEU A 347 21.89 -6.36 -22.81
CA LEU A 347 22.50 -7.28 -23.74
C LEU A 347 23.88 -7.77 -23.32
N GLY A 348 24.49 -7.15 -22.31
CA GLY A 348 25.80 -7.58 -21.87
C GLY A 348 26.06 -7.12 -20.45
N ALA A 349 27.31 -7.28 -20.02
CA ALA A 349 27.70 -6.86 -18.69
C ALA A 349 29.15 -6.40 -18.70
N LEU A 350 29.37 -5.15 -18.32
CA LEU A 350 30.73 -4.65 -18.12
C LEU A 350 31.30 -5.18 -16.83
N VAL A 351 32.56 -5.56 -16.95
CA VAL A 351 33.23 -6.00 -15.72
C VAL A 351 34.50 -5.17 -15.66
N ALA A 352 34.73 -4.58 -14.51
CA ALA A 352 35.94 -3.78 -14.35
C ALA A 352 36.66 -4.30 -13.13
N CYS A 353 37.95 -4.55 -13.27
CA CYS A 353 38.61 -5.19 -12.13
C CYS A 353 40.09 -4.98 -12.00
N TYR A 354 40.45 -4.00 -11.22
CA TYR A 354 41.88 -3.81 -10.96
C TYR A 354 42.06 -4.35 -9.59
N LYS A 355 43.25 -4.25 -9.02
CA LYS A 355 43.46 -4.64 -7.60
C LYS A 355 43.41 -6.16 -7.41
N GLY A 356 43.73 -6.61 -6.19
CA GLY A 356 43.80 -8.03 -5.88
C GLY A 356 42.55 -8.81 -6.19
N VAL A 357 41.43 -8.13 -6.43
CA VAL A 357 40.19 -8.84 -6.70
C VAL A 357 40.31 -9.62 -8.02
N SER A 358 39.86 -10.86 -8.01
CA SER A 358 39.91 -11.73 -9.17
C SER A 358 38.51 -11.95 -9.71
N CYS A 359 38.40 -12.00 -11.03
CA CYS A 359 37.11 -12.13 -11.70
C CYS A 359 37.14 -13.30 -12.67
N SER A 360 35.98 -13.91 -12.89
CA SER A 360 35.87 -15.06 -13.76
C SER A 360 34.44 -15.16 -14.27
N ILE A 361 34.23 -16.05 -15.23
CA ILE A 361 32.92 -16.27 -15.81
C ILE A 361 32.63 -17.78 -15.84
N GLY A 362 31.34 -18.11 -15.90
CA GLY A 362 30.95 -19.51 -15.88
C GLY A 362 29.59 -19.69 -16.53
N SER A 363 29.15 -20.95 -16.57
CA SER A 363 27.87 -21.31 -17.17
C SER A 363 27.17 -22.31 -16.27
N ASN A 364 25.88 -22.49 -16.53
CA ASN A 364 25.05 -23.37 -15.70
C ASN A 364 25.29 -24.86 -15.97
N ARG A 365 25.92 -25.20 -17.09
CA ARG A 365 26.16 -26.61 -17.44
C ARG A 365 27.63 -26.99 -17.39
N VAL A 366 28.53 -26.05 -17.16
CA VAL A 366 29.96 -26.34 -17.15
C VAL A 366 30.55 -25.89 -15.81
N GLY A 367 29.84 -24.98 -15.13
CA GLY A 367 30.40 -24.38 -13.93
C GLY A 367 31.39 -23.29 -14.32
N ILE A 368 32.48 -23.20 -13.56
CA ILE A 368 33.52 -22.23 -13.86
C ILE A 368 34.10 -22.53 -15.24
N ILE A 369 34.42 -21.48 -15.99
CA ILE A 369 34.93 -21.64 -17.34
C ILE A 369 36.36 -21.11 -17.44
N LYS A 370 36.52 -19.81 -17.18
CA LYS A 370 37.84 -19.18 -17.33
C LYS A 370 37.87 -17.90 -16.52
N GLN A 371 39.09 -17.38 -16.34
CA GLN A 371 39.31 -16.17 -15.58
C GLN A 371 39.57 -14.99 -16.51
N LEU A 372 39.11 -13.82 -16.11
CA LEU A 372 39.22 -12.62 -16.92
C LEU A 372 40.52 -11.87 -16.62
N ASN A 373 40.85 -10.94 -17.49
CA ASN A 373 42.07 -10.16 -17.22
C ASN A 373 41.63 -9.03 -16.35
N LYS A 374 42.57 -8.17 -16.07
CA LYS A 374 42.17 -7.01 -15.28
C LYS A 374 41.31 -6.10 -16.15
N GLY A 375 41.93 -5.17 -16.87
CA GLY A 375 41.24 -4.17 -17.72
C GLY A 375 39.80 -4.45 -18.04
N CYS A 376 38.95 -3.47 -17.77
CA CYS A 376 37.50 -3.64 -18.02
C CYS A 376 37.27 -4.50 -19.27
N SER A 377 36.45 -5.55 -19.19
CA SER A 377 36.16 -6.27 -20.46
C SER A 377 34.68 -6.52 -20.62
N TYR A 378 34.31 -6.68 -21.87
CA TYR A 378 32.87 -6.80 -22.11
C TYR A 378 32.66 -8.20 -22.15
N ILE A 379 31.55 -8.58 -21.67
CA ILE A 379 31.07 -9.96 -21.66
C ILE A 379 29.66 -9.98 -22.22
N THR A 380 29.47 -10.67 -23.33
CA THR A 380 28.15 -10.83 -23.90
C THR A 380 27.41 -11.97 -23.22
N ASN A 381 26.09 -11.99 -23.40
CA ASN A 381 25.26 -13.03 -22.80
C ASN A 381 25.19 -14.29 -23.64
N GLN A 382 26.11 -14.47 -24.58
CA GLN A 382 26.18 -15.70 -25.37
C GLN A 382 27.42 -16.53 -25.05
N ASP A 383 28.57 -15.90 -24.87
CA ASP A 383 29.78 -16.63 -24.51
C ASP A 383 29.87 -16.95 -23.02
N ALA A 384 28.95 -16.41 -22.22
CA ALA A 384 28.93 -16.68 -20.78
C ALA A 384 27.52 -16.44 -20.27
N ASP A 385 27.25 -17.01 -19.10
CA ASP A 385 25.94 -16.87 -18.47
C ASP A 385 25.99 -16.42 -17.02
N THR A 386 27.11 -16.62 -16.32
CA THR A 386 27.28 -16.16 -14.95
C THR A 386 28.62 -15.48 -14.81
N VAL A 387 28.65 -14.38 -14.07
CA VAL A 387 29.86 -13.59 -13.85
C VAL A 387 30.15 -13.57 -12.37
N THR A 388 31.40 -13.87 -12.00
CA THR A 388 31.79 -14.04 -10.61
C THR A 388 32.84 -13.00 -10.24
N ILE A 389 32.54 -12.20 -9.22
CA ILE A 389 33.51 -11.37 -8.53
C ILE A 389 33.74 -12.02 -7.17
N ASP A 390 35.02 -12.24 -6.82
CA ASP A 390 35.49 -13.12 -5.74
C ASP A 390 34.45 -14.13 -5.24
N ASN A 391 33.54 -13.73 -4.36
CA ASN A 391 32.54 -14.65 -3.82
C ASN A 391 31.13 -14.07 -3.98
N THR A 392 30.81 -13.61 -5.18
CA THR A 392 29.50 -13.07 -5.51
C THR A 392 29.25 -13.24 -6.99
N VAL A 393 28.06 -13.72 -7.34
CA VAL A 393 27.74 -14.10 -8.70
C VAL A 393 26.55 -13.28 -9.20
N TYR A 394 26.50 -13.05 -10.50
CA TYR A 394 25.39 -12.39 -11.17
C TYR A 394 24.85 -13.29 -12.27
N GLN A 395 23.59 -13.08 -12.62
CA GLN A 395 22.94 -13.80 -13.70
C GLN A 395 22.71 -12.85 -14.87
N LEU A 396 23.27 -13.18 -16.02
CA LEU A 396 23.15 -12.32 -17.19
C LEU A 396 21.74 -12.39 -17.76
N SER A 397 21.36 -11.30 -18.44
CA SER A 397 20.10 -11.29 -19.16
C SER A 397 20.18 -12.21 -20.37
N LYS A 398 19.03 -12.68 -20.84
CA LYS A 398 18.98 -13.60 -21.97
C LYS A 398 18.14 -13.03 -23.11
N VAL A 399 18.13 -11.71 -23.26
CA VAL A 399 17.50 -11.11 -24.43
C VAL A 399 18.43 -11.30 -25.62
N GLU A 400 17.87 -11.81 -26.72
CA GLU A 400 18.66 -12.16 -27.90
C GLU A 400 18.74 -10.96 -28.83
N GLY A 401 19.97 -10.52 -29.11
CA GLY A 401 20.20 -9.41 -30.01
C GLY A 401 21.68 -9.20 -30.24
N GLU A 402 22.05 -8.77 -31.45
CA GLU A 402 23.47 -8.67 -31.79
C GLU A 402 24.16 -7.57 -30.97
N GLN A 403 25.45 -7.79 -30.72
CA GLN A 403 26.26 -6.86 -29.95
C GLN A 403 27.55 -6.61 -30.71
N HIS A 404 27.93 -5.34 -30.82
CA HIS A 404 29.11 -4.93 -31.56
C HIS A 404 30.12 -4.31 -30.60
N VAL A 405 31.39 -4.39 -30.97
CA VAL A 405 32.48 -3.79 -30.21
C VAL A 405 33.10 -2.69 -31.06
N ILE A 406 33.28 -1.51 -30.47
CA ILE A 406 33.91 -0.39 -31.14
C ILE A 406 35.28 -0.20 -30.51
N LYS A 407 36.33 -0.36 -31.31
CA LYS A 407 37.68 -0.25 -30.81
C LYS A 407 37.99 1.22 -30.46
N GLY A 408 39.03 1.39 -29.65
CA GLY A 408 39.46 2.73 -29.27
C GLY A 408 40.34 2.73 -28.03
N ARG A 409 41.37 3.55 -28.04
CA ARG A 409 42.28 3.64 -26.90
C ARG A 409 41.53 4.23 -25.71
N PRO A 410 41.59 3.60 -24.53
CA PRO A 410 40.84 4.10 -23.38
C PRO A 410 41.27 5.52 -23.00
N VAL A 411 40.29 6.33 -22.62
CA VAL A 411 40.57 7.71 -22.22
C VAL A 411 41.35 7.72 -20.91
N SER A 412 41.04 6.79 -20.00
CA SER A 412 41.72 6.72 -18.72
C SER A 412 43.19 6.38 -18.85
N SER A 413 43.63 5.85 -19.98
CA SER A 413 45.04 5.61 -20.23
C SER A 413 45.74 6.80 -20.85
N SER A 414 45.01 7.86 -21.19
CA SER A 414 45.64 9.07 -21.71
C SER A 414 46.29 9.88 -20.60
N PHE A 415 45.73 9.84 -19.40
CA PHE A 415 46.26 10.63 -18.29
C PHE A 415 47.54 10.02 -17.75
N ASP A 416 48.25 10.82 -16.96
CA ASP A 416 49.38 10.36 -16.18
C ASP A 416 49.01 10.42 -14.71
N PRO A 417 49.04 9.29 -14.00
CA PRO A 417 48.55 9.28 -12.61
C PRO A 417 49.24 10.27 -11.69
N ILE A 418 50.48 10.66 -11.99
CA ILE A 418 51.12 11.72 -11.21
C ILE A 418 50.34 13.01 -11.45
N LYS A 419 49.90 13.63 -10.36
CA LYS A 419 49.04 14.81 -10.41
C LYS A 419 47.81 14.53 -11.28
N PHE A 420 46.98 13.61 -10.80
CA PHE A 420 45.64 13.44 -11.36
C PHE A 420 44.69 14.38 -10.63
N PRO A 421 43.77 15.04 -11.32
CA PRO A 421 42.89 16.00 -10.65
C PRO A 421 42.10 15.32 -9.54
N PRO A 422 41.84 16.04 -8.44
CA PRO A 422 41.21 15.42 -7.26
C PRO A 422 39.83 14.85 -7.55
N ASP A 423 39.23 14.22 -6.54
CA ASP A 423 37.98 13.51 -6.71
C ASP A 423 36.86 14.46 -7.11
N GLN A 424 36.47 14.42 -8.37
CA GLN A 424 35.42 15.29 -8.90
C GLN A 424 34.10 14.55 -8.95
N PHE A 425 33.01 15.33 -8.99
CA PHE A 425 31.66 14.79 -9.02
C PHE A 425 30.83 15.53 -10.05
N ASN A 426 30.39 14.81 -11.08
CA ASN A 426 29.49 15.34 -12.11
C ASN A 426 30.06 16.59 -12.79
N VAL A 427 31.34 16.52 -13.16
CA VAL A 427 31.94 17.64 -13.88
C VAL A 427 32.07 17.28 -15.36
N ALA A 428 32.09 18.33 -16.19
CA ALA A 428 32.30 18.13 -17.62
C ALA A 428 33.70 17.58 -17.87
N LEU A 429 33.83 16.75 -18.91
CA LEU A 429 35.05 15.98 -19.11
C LEU A 429 36.25 16.88 -19.37
N ASP A 430 36.08 17.86 -20.26
CA ASP A 430 37.22 18.70 -20.62
C ASP A 430 37.66 19.63 -19.49
N GLN A 431 36.81 19.88 -18.50
CA GLN A 431 37.28 20.63 -17.33
C GLN A 431 38.34 19.87 -16.57
N VAL A 432 38.36 18.54 -16.65
CA VAL A 432 39.44 17.77 -16.07
C VAL A 432 40.76 18.10 -16.77
N PHE A 433 40.72 18.20 -18.10
CA PHE A 433 41.90 18.66 -18.84
C PHE A 433 42.26 20.09 -18.49
N GLU A 434 41.33 20.98 -18.23
CA GLU A 434 41.86 22.32 -17.88
C GLU A 434 42.64 22.05 -16.61
N ASN A 435 42.09 21.19 -15.77
CA ASN A 435 42.74 20.95 -14.46
C ASN A 435 44.18 20.64 -14.76
N ILE A 436 44.36 19.87 -15.82
CA ILE A 436 45.77 19.63 -16.20
C ILE A 436 46.27 20.97 -16.72
N ASN A 437 46.81 21.82 -15.85
CA ASN A 437 47.21 23.18 -16.32
C ASN A 437 48.66 23.14 -16.82
N LEU B 1 27.10 -6.68 22.34
CA LEU B 1 27.71 -5.80 21.36
C LEU B 1 28.92 -5.07 21.96
N LYS B 2 29.87 -4.72 21.11
CA LYS B 2 31.00 -3.89 21.49
C LYS B 2 30.98 -2.63 20.66
N GLU B 3 30.92 -1.47 21.34
CA GLU B 3 30.90 -0.18 20.66
C GLU B 3 32.08 0.64 21.14
N SER B 4 32.92 1.07 20.21
CA SER B 4 34.11 1.84 20.50
C SER B 4 33.96 3.21 19.87
N TYR B 5 34.17 4.25 20.67
CA TYR B 5 34.14 5.62 20.16
C TYR B 5 35.55 6.10 19.86
N LEU B 6 35.67 6.87 18.78
CA LEU B 6 36.94 7.45 18.35
C LEU B 6 36.84 8.96 18.42
N GLU B 7 37.80 9.58 19.12
CA GLU B 7 37.81 11.03 19.23
C GLU B 7 38.43 11.69 18.00
N GLU B 8 39.55 11.16 17.53
CA GLU B 8 40.34 11.88 16.53
C GLU B 8 39.60 12.01 15.20
N SER B 9 38.36 11.60 15.18
CA SER B 9 37.53 11.98 14.02
C SER B 9 36.13 11.51 14.37
N CYS B 10 35.34 12.36 15.01
CA CYS B 10 34.06 11.86 15.52
C CYS B 10 33.55 10.74 14.64
N SER B 11 33.27 9.60 15.23
CA SER B 11 32.85 8.41 14.47
C SER B 11 32.53 7.27 15.41
N THR B 12 31.35 6.68 15.40
CA THR B 12 31.10 5.63 16.40
C THR B 12 31.14 4.24 15.81
N ILE B 13 32.17 3.45 16.03
CA ILE B 13 32.24 2.17 15.33
C ILE B 13 31.73 1.09 16.28
N THR B 14 30.89 0.21 15.75
CA THR B 14 30.33 -0.89 16.52
C THR B 14 30.72 -2.20 15.86
N GLU B 15 31.34 -3.09 16.63
CA GLU B 15 31.86 -4.35 16.12
C GLU B 15 31.13 -5.51 16.75
N GLY B 16 31.23 -6.68 16.12
CA GLY B 16 30.63 -7.88 16.67
C GLY B 16 29.34 -8.33 16.03
N TYR B 17 28.91 -7.69 14.94
CA TYR B 17 27.71 -8.15 14.25
C TYR B 17 28.03 -9.34 13.35
N LEU B 18 27.03 -10.19 13.16
CA LEU B 18 27.14 -11.37 12.32
C LEU B 18 26.26 -11.20 11.09
N SER B 19 26.85 -11.37 9.91
CA SER B 19 26.11 -11.10 8.69
C SER B 19 25.37 -12.34 8.19
N VAL B 20 24.37 -12.11 7.36
CA VAL B 20 23.59 -13.15 6.70
C VAL B 20 23.40 -12.69 5.27
N LEU B 21 24.21 -13.21 4.36
CA LEU B 21 24.36 -12.65 3.02
C LEU B 21 23.65 -13.52 1.99
N ARG B 22 22.99 -12.87 1.03
CA ARG B 22 22.38 -13.56 -0.10
C ARG B 22 23.42 -13.93 -1.15
N THR B 23 23.83 -15.20 -1.19
CA THR B 23 24.84 -15.64 -2.14
C THR B 23 24.28 -15.91 -3.53
N GLY B 24 23.00 -16.25 -3.64
CA GLY B 24 22.43 -16.56 -4.93
C GLY B 24 20.91 -16.62 -4.83
N TRP B 25 20.30 -17.15 -5.87
CA TRP B 25 18.85 -17.27 -5.94
C TRP B 25 18.44 -18.73 -6.05
N TYR B 26 17.15 -18.97 -5.80
CA TYR B 26 16.55 -20.28 -5.95
C TYR B 26 15.12 -20.07 -6.41
N THR B 27 14.84 -20.41 -7.66
CA THR B 27 13.58 -20.06 -8.30
C THR B 27 12.51 -21.09 -7.96
N ASN B 28 11.39 -20.62 -7.41
CA ASN B 28 10.21 -21.46 -7.23
C ASN B 28 9.25 -21.20 -8.39
N VAL B 29 8.70 -22.27 -8.94
CA VAL B 29 7.72 -22.16 -10.00
C VAL B 29 6.38 -22.65 -9.47
N PHE B 30 5.33 -21.91 -9.78
CA PHE B 30 3.99 -22.21 -9.29
C PHE B 30 3.06 -22.42 -10.46
N THR B 31 2.12 -23.34 -10.30
CA THR B 31 1.07 -23.60 -11.28
C THR B 31 -0.26 -23.73 -10.55
N LEU B 32 -1.17 -22.79 -10.79
CA LEU B 32 -2.47 -22.77 -10.16
C LEU B 32 -3.52 -23.16 -11.19
N GLU B 33 -4.26 -24.22 -10.91
CA GLU B 33 -5.26 -24.75 -11.84
C GLU B 33 -6.63 -24.25 -11.41
N VAL B 34 -7.29 -23.48 -12.28
CA VAL B 34 -8.61 -22.97 -11.96
C VAL B 34 -9.69 -23.94 -12.42
N GLY B 35 -9.39 -24.75 -13.43
CA GLY B 35 -10.39 -25.63 -14.00
C GLY B 35 -11.13 -24.98 -15.14
N ASP B 36 -12.06 -25.76 -15.71
CA ASP B 36 -12.87 -25.30 -16.85
C ASP B 36 -14.12 -24.57 -16.36
N VAL B 37 -13.88 -23.40 -15.75
CA VAL B 37 -14.99 -22.57 -15.28
C VAL B 37 -15.76 -21.96 -16.45
N GLU B 38 -15.10 -21.79 -17.59
CA GLU B 38 -15.80 -21.10 -18.69
C GLU B 38 -16.80 -22.07 -19.32
N ASN B 39 -16.74 -23.33 -18.92
CA ASN B 39 -17.56 -24.36 -19.61
C ASN B 39 -19.00 -24.37 -19.11
N LEU B 40 -19.34 -23.67 -18.01
CA LEU B 40 -20.71 -23.74 -17.46
C LEU B 40 -21.37 -22.36 -17.45
N THR B 41 -22.61 -22.28 -17.86
CA THR B 41 -23.14 -20.94 -17.92
C THR B 41 -24.36 -21.03 -17.12
N CYS B 42 -24.77 -19.93 -16.54
CA CYS B 42 -25.99 -20.17 -15.75
C CYS B 42 -27.26 -19.54 -16.30
N SER B 43 -28.25 -19.29 -15.42
CA SER B 43 -29.57 -18.86 -15.92
C SER B 43 -30.44 -18.14 -14.91
N ASP B 44 -30.79 -18.80 -13.82
CA ASP B 44 -31.77 -18.15 -12.96
C ASP B 44 -31.59 -16.64 -12.88
N GLY B 45 -30.42 -16.11 -13.23
CA GLY B 45 -30.18 -14.70 -13.16
C GLY B 45 -29.50 -14.29 -11.87
N PRO B 46 -29.96 -13.20 -11.22
CA PRO B 46 -29.39 -12.71 -9.97
C PRO B 46 -29.29 -13.79 -8.90
N SER B 47 -28.06 -14.15 -8.52
CA SER B 47 -27.77 -15.16 -7.49
C SER B 47 -26.32 -15.05 -7.01
N LEU B 48 -26.02 -15.58 -5.83
CA LEU B 48 -24.67 -15.52 -5.27
C LEU B 48 -23.68 -16.28 -6.16
N ILE B 49 -24.03 -17.52 -6.55
CA ILE B 49 -23.08 -18.38 -7.25
C ILE B 49 -22.77 -17.83 -8.64
N LYS B 50 -23.79 -17.34 -9.34
CA LYS B 50 -23.56 -16.74 -10.65
C LYS B 50 -22.68 -15.51 -10.54
N THR B 51 -22.91 -14.67 -9.51
CA THR B 51 -22.09 -13.50 -9.32
C THR B 51 -20.63 -13.89 -9.09
N GLU B 52 -20.42 -14.92 -8.26
CA GLU B 52 -19.05 -15.34 -7.98
C GLU B 52 -18.38 -15.93 -9.22
N LEU B 53 -19.11 -16.72 -10.00
CA LEU B 53 -18.53 -17.28 -11.22
C LEU B 53 -18.22 -16.17 -12.22
N ASP B 54 -19.07 -15.14 -12.29
CA ASP B 54 -18.79 -13.99 -13.13
C ASP B 54 -17.52 -13.27 -12.67
N LEU B 55 -17.36 -13.13 -11.35
CA LEU B 55 -16.13 -12.54 -10.82
C LEU B 55 -14.91 -13.35 -11.23
N THR B 56 -15.00 -14.67 -11.13
CA THR B 56 -13.87 -15.53 -11.51
C THR B 56 -13.56 -15.40 -12.99
N LYS B 57 -14.59 -15.42 -13.84
CA LYS B 57 -14.38 -15.28 -15.28
C LYS B 57 -13.77 -13.93 -15.62
N SER B 58 -14.24 -12.85 -14.97
CA SER B 58 -13.67 -11.54 -15.20
C SER B 58 -12.21 -11.49 -14.79
N ALA B 59 -11.89 -12.09 -13.64
CA ALA B 59 -10.51 -12.11 -13.18
C ALA B 59 -9.63 -12.86 -14.17
N LEU B 60 -10.11 -13.99 -14.67
CA LEU B 60 -9.32 -14.77 -15.62
C LEU B 60 -9.13 -14.02 -16.93
N ARG B 61 -10.20 -13.43 -17.47
CA ARG B 61 -10.10 -12.69 -18.72
C ARG B 61 -9.17 -11.50 -18.59
N GLU B 62 -9.26 -10.77 -17.49
CA GLU B 62 -8.35 -9.66 -17.25
C GLU B 62 -6.92 -10.16 -17.08
N LEU B 63 -6.76 -11.39 -16.55
CA LEU B 63 -5.43 -11.91 -16.31
C LEU B 63 -4.66 -12.13 -17.60
N LYS B 64 -5.38 -12.44 -18.69
CA LYS B 64 -4.70 -12.67 -19.97
C LYS B 64 -4.04 -11.41 -20.51
N THR B 65 -4.48 -10.23 -20.09
CA THR B 65 -3.89 -8.99 -20.58
C THR B 65 -2.55 -8.70 -19.91
N VAL B 66 -2.35 -9.16 -18.68
CA VAL B 66 -1.13 -8.86 -17.94
C VAL B 66 0.05 -9.57 -18.59
N SER B 67 1.19 -8.88 -18.64
CA SER B 67 2.42 -9.46 -19.14
C SER B 67 3.60 -8.83 -18.41
N ALA B 68 4.71 -9.57 -18.35
CA ALA B 68 5.91 -9.11 -17.66
C ALA B 68 6.97 -8.56 -18.59
N ASP B 69 7.13 -9.13 -19.79
CA ASP B 69 8.12 -8.64 -20.73
C ASP B 69 7.53 -8.39 -22.11
N GLN B 70 6.55 -9.20 -22.51
CA GLN B 70 6.04 -9.17 -23.88
C GLN B 70 4.91 -8.16 -23.99
N LEU B 71 5.18 -7.03 -24.64
CA LEU B 71 4.14 -6.06 -24.93
C LEU B 71 3.24 -6.60 -26.04
N ARG B 72 2.01 -6.93 -25.69
CA ARG B 72 1.07 -7.54 -26.63
C ARG B 72 0.70 -6.57 -27.75
N PHE B 73 35.50 9.00 -6.57
CA PHE B 73 34.16 8.53 -6.92
C PHE B 73 33.18 8.75 -5.79
N VAL B 74 31.91 8.44 -6.04
CA VAL B 74 30.87 8.54 -5.03
C VAL B 74 30.21 7.19 -4.84
N LEU B 75 30.57 6.49 -3.76
CA LEU B 75 30.11 5.13 -3.56
C LEU B 75 28.60 5.08 -3.36
N GLY B 76 28.05 6.06 -2.64
CA GLY B 76 26.61 6.07 -2.41
C GLY B 76 25.81 6.18 -3.68
N ALA B 77 26.20 7.09 -4.56
CA ALA B 77 25.50 7.23 -5.84
C ALA B 77 25.74 6.04 -6.75
N ILE B 78 26.92 5.41 -6.65
CA ILE B 78 27.22 4.26 -7.50
C ILE B 78 26.36 3.07 -7.12
N ALA B 79 26.26 2.78 -5.82
CA ALA B 79 25.56 1.58 -5.39
C ALA B 79 24.07 1.81 -5.24
N LEU B 80 23.58 3.01 -5.54
CA LEU B 80 22.19 3.35 -5.30
C LEU B 80 21.25 2.46 -6.10
N GLY B 81 20.50 1.62 -5.39
CA GLY B 81 19.44 0.82 -5.98
C GLY B 81 19.89 -0.27 -6.92
N ARG B 82 21.17 -0.66 -6.91
CA ARG B 82 21.65 -1.64 -7.87
C ARG B 82 21.07 -3.03 -7.59
N ALA B 83 20.86 -3.36 -6.32
CA ALA B 83 20.43 -4.71 -5.97
C ALA B 83 19.06 -5.04 -6.55
N THR B 84 18.11 -4.11 -6.44
CA THR B 84 16.77 -4.35 -6.96
C THR B 84 16.81 -4.52 -8.48
N ALA B 85 17.57 -3.67 -9.17
CA ALA B 85 17.65 -3.78 -10.63
C ALA B 85 18.28 -5.10 -11.04
N ALA B 86 19.34 -5.53 -10.35
CA ALA B 86 19.99 -6.78 -10.69
C ALA B 86 19.05 -7.96 -10.46
N ALA B 87 18.31 -7.94 -9.34
CA ALA B 87 17.36 -9.01 -9.07
C ALA B 87 16.25 -9.04 -10.12
N VAL B 88 15.77 -7.86 -10.53
CA VAL B 88 14.75 -7.80 -11.56
C VAL B 88 15.27 -8.37 -12.87
N THR B 89 16.52 -8.03 -13.22
CA THR B 89 17.12 -8.55 -14.45
C THR B 89 17.23 -10.07 -14.41
N ALA B 90 17.66 -10.62 -13.28
CA ALA B 90 17.76 -12.08 -13.16
C ALA B 90 16.39 -12.72 -13.27
N GLY B 91 15.39 -12.14 -12.61
CA GLY B 91 14.04 -12.67 -12.72
C GLY B 91 13.52 -12.63 -14.15
N VAL B 92 13.81 -11.54 -14.86
CA VAL B 92 13.38 -11.42 -16.25
C VAL B 92 14.03 -12.49 -17.11
N ALA B 93 15.32 -12.73 -16.89
CA ALA B 93 16.02 -13.73 -17.68
C ALA B 93 15.44 -15.12 -17.43
N ILE B 94 15.19 -15.46 -16.17
CA ILE B 94 14.63 -16.77 -15.86
C ILE B 94 13.22 -16.90 -16.42
N ALA B 95 12.43 -15.82 -16.34
CA ALA B 95 11.08 -15.84 -16.89
C ALA B 95 11.09 -16.05 -18.39
N LYS B 96 12.02 -15.40 -19.09
CA LYS B 96 12.13 -15.60 -20.53
C LYS B 96 12.53 -17.03 -20.85
N THR B 97 13.46 -17.59 -20.07
CA THR B 97 13.88 -18.97 -20.32
C THR B 97 12.73 -19.95 -20.09
N ILE B 98 11.90 -19.70 -19.07
CA ILE B 98 10.85 -20.65 -18.74
C ILE B 98 9.61 -20.44 -19.61
N ARG B 99 9.49 -19.26 -20.23
CA ARG B 99 8.26 -18.91 -20.94
C ARG B 99 8.04 -19.75 -22.19
N LEU B 100 9.05 -20.48 -22.65
CA LEU B 100 8.90 -21.28 -23.86
C LEU B 100 7.88 -22.39 -23.66
N GLU B 101 7.22 -22.77 -24.76
CA GLU B 101 6.16 -23.77 -24.67
C GLU B 101 6.71 -25.12 -24.22
N SER B 102 7.88 -25.51 -24.72
CA SER B 102 8.44 -26.81 -24.37
C SER B 102 8.78 -26.90 -22.89
N GLU B 103 9.33 -25.81 -22.33
CA GLU B 103 9.68 -25.81 -20.91
C GLU B 103 8.42 -25.95 -20.05
N VAL B 104 7.36 -25.22 -20.42
CA VAL B 104 6.11 -25.31 -19.67
C VAL B 104 5.53 -26.72 -19.79
N THR B 105 5.59 -27.31 -20.98
CA THR B 105 5.09 -28.66 -21.17
C THR B 105 5.85 -29.67 -20.30
N ALA B 106 7.18 -29.55 -20.26
CA ALA B 106 7.98 -30.45 -19.44
C ALA B 106 7.66 -30.28 -17.97
N ILE B 107 7.53 -29.03 -17.52
CA ILE B 107 7.20 -28.77 -16.12
C ILE B 107 5.83 -29.35 -15.77
N LYS B 108 4.87 -29.19 -16.68
CA LYS B 108 3.54 -29.77 -16.46
C LYS B 108 3.61 -31.28 -16.38
N ASN B 109 4.45 -31.90 -17.23
CA ASN B 109 4.64 -33.35 -17.15
C ASN B 109 5.21 -33.75 -15.79
N ALA B 110 6.18 -32.99 -15.29
CA ALA B 110 6.78 -33.31 -13.99
C ALA B 110 5.76 -33.18 -12.87
N LEU B 111 4.94 -32.14 -12.91
CA LEU B 111 3.95 -31.88 -11.87
C LEU B 111 2.61 -32.53 -12.15
N LYS B 112 2.56 -33.50 -13.06
CA LYS B 112 1.28 -34.09 -13.43
C LYS B 112 0.73 -35.01 -12.34
N THR B 113 1.61 -35.82 -11.74
CA THR B 113 1.18 -36.83 -10.77
C THR B 113 1.48 -36.46 -9.34
N THR B 114 2.19 -35.37 -9.09
CA THR B 114 2.55 -34.98 -7.73
C THR B 114 2.46 -33.48 -7.60
N ASN B 115 2.35 -33.02 -6.35
CA ASN B 115 2.18 -31.59 -6.09
C ASN B 115 3.50 -30.82 -6.10
N GLU B 116 4.65 -31.49 -6.03
CA GLU B 116 5.91 -30.79 -6.02
C GLU B 116 7.03 -31.75 -6.40
N ALA B 117 8.02 -31.21 -7.12
CA ALA B 117 9.23 -31.94 -7.48
C ALA B 117 10.21 -30.97 -8.12
N VAL B 118 11.50 -31.27 -7.96
CA VAL B 118 12.51 -30.51 -8.67
C VAL B 118 12.61 -31.02 -10.10
N SER B 119 13.00 -30.13 -11.00
CA SER B 119 13.20 -30.51 -12.40
C SER B 119 14.26 -29.61 -13.01
N THR B 120 14.85 -30.10 -14.09
CA THR B 120 15.92 -29.35 -14.76
C THR B 120 15.34 -28.60 -15.95
N LEU B 121 15.55 -27.28 -15.97
CA LEU B 121 15.16 -26.51 -17.14
C LEU B 121 16.02 -26.90 -18.33
N GLY B 122 15.50 -26.61 -19.53
CA GLY B 122 16.23 -26.95 -20.74
C GLY B 122 17.60 -26.31 -20.81
N ASN B 123 17.76 -25.14 -20.19
CA ASN B 123 19.05 -24.46 -20.19
C ASN B 123 20.03 -25.05 -19.19
N GLY B 124 19.58 -25.93 -18.30
CA GLY B 124 20.46 -26.60 -17.36
C GLY B 124 20.32 -26.19 -15.92
N VAL B 125 19.57 -25.12 -15.62
CA VAL B 125 19.40 -24.69 -14.24
C VAL B 125 18.38 -25.59 -13.55
N ARG B 126 18.64 -25.90 -12.28
CA ARG B 126 17.74 -26.70 -11.46
C ARG B 126 16.90 -25.78 -10.58
N VAL B 127 15.58 -25.88 -10.71
CA VAL B 127 14.67 -25.07 -9.92
C VAL B 127 13.57 -25.97 -9.37
N LEU B 128 12.88 -25.46 -8.35
CA LEU B 128 11.78 -26.18 -7.76
C LEU B 128 10.48 -25.84 -8.46
N ALA B 129 9.63 -26.85 -8.63
CA ALA B 129 8.32 -26.68 -9.25
C ALA B 129 7.26 -27.24 -8.33
N THR B 130 6.13 -26.55 -8.24
CA THR B 130 5.04 -26.96 -7.36
C THR B 130 3.72 -26.51 -7.96
N ALA B 131 2.64 -27.13 -7.50
CA ALA B 131 1.31 -26.92 -8.05
C ALA B 131 0.29 -26.70 -6.95
N VAL B 132 -0.82 -26.07 -7.32
CA VAL B 132 -1.96 -25.85 -6.44
C VAL B 132 -3.19 -26.39 -7.15
N ARG B 133 -3.94 -27.27 -6.48
CA ARG B 133 -5.03 -28.01 -7.12
C ARG B 133 -6.39 -27.85 -6.47
N GLU B 134 -6.49 -27.18 -5.32
CA GLU B 134 -7.75 -27.16 -4.59
C GLU B 134 -8.87 -26.52 -5.40
N LEU B 135 -8.58 -25.42 -6.08
CA LEU B 135 -9.61 -24.73 -6.85
C LEU B 135 -10.16 -25.61 -7.95
N LYS B 136 -9.28 -26.29 -8.69
CA LYS B 136 -9.72 -27.17 -9.76
C LYS B 136 -10.55 -28.32 -9.21
N ASP B 137 -10.11 -28.92 -8.10
CA ASP B 137 -10.84 -30.03 -7.51
C ASP B 137 -12.24 -29.61 -7.09
N PHE B 138 -12.35 -28.45 -6.43
CA PHE B 138 -13.67 -27.95 -6.05
C PHE B 138 -14.54 -27.70 -7.26
N VAL B 139 -14.00 -27.00 -8.26
CA VAL B 139 -14.78 -26.69 -9.46
C VAL B 139 -15.29 -27.98 -10.10
N SER B 140 -14.44 -29.01 -10.14
CA SER B 140 -14.80 -30.25 -10.80
C SER B 140 -15.86 -31.02 -10.01
N LYS B 141 -15.67 -31.16 -8.70
CA LYS B 141 -16.43 -32.16 -7.95
C LYS B 141 -17.54 -31.58 -7.07
N ASN B 142 -17.61 -30.27 -6.88
CA ASN B 142 -18.73 -29.67 -6.16
C ASN B 142 -19.45 -28.66 -7.04
N LEU B 143 -18.72 -27.74 -7.69
CA LEU B 143 -19.34 -26.69 -8.47
C LEU B 143 -20.05 -27.27 -9.70
N THR B 144 -19.38 -28.17 -10.42
CA THR B 144 -19.99 -28.78 -11.59
C THR B 144 -21.21 -29.61 -11.19
N ARG B 145 -21.10 -30.36 -10.10
CA ARG B 145 -22.20 -31.22 -9.66
C ARG B 145 -23.41 -30.41 -9.22
N ALA B 146 -23.19 -29.32 -8.47
CA ALA B 146 -24.31 -28.50 -8.02
C ALA B 146 -25.01 -27.84 -9.21
N ILE B 147 -24.25 -27.34 -10.17
CA ILE B 147 -24.82 -26.71 -11.35
C ILE B 147 -25.04 -27.79 -12.41
N ASN B 148 -26.19 -28.46 -12.33
CA ASN B 148 -26.44 -29.61 -13.21
C ASN B 148 -27.07 -29.18 -14.53
N LYS B 149 -28.10 -28.34 -14.48
CA LYS B 149 -28.81 -27.91 -15.67
C LYS B 149 -28.82 -26.39 -15.77
N ASN B 150 -27.66 -25.79 -15.50
CA ASN B 150 -27.44 -24.34 -15.55
C ASN B 150 -28.24 -23.58 -14.50
N LYS B 151 -29.08 -24.22 -13.67
CA LYS B 151 -29.77 -23.55 -12.56
C LYS B 151 -28.77 -23.30 -11.43
N CYS B 152 -28.64 -22.04 -11.03
CA CYS B 152 -27.71 -21.64 -9.97
C CYS B 152 -28.38 -21.00 -8.76
N ASP B 153 -29.70 -20.92 -8.77
CA ASP B 153 -30.44 -20.49 -7.56
C ASP B 153 -30.40 -21.74 -6.67
N ILE B 154 -29.25 -22.35 -6.48
CA ILE B 154 -29.17 -23.66 -5.79
C ILE B 154 -29.53 -23.37 -4.34
N ASP B 155 -30.63 -23.93 -3.90
CA ASP B 155 -31.00 -23.76 -2.49
C ASP B 155 -29.71 -23.90 -1.70
N ASP B 156 -28.88 -24.89 -2.02
CA ASP B 156 -27.68 -25.18 -1.20
C ASP B 156 -27.18 -23.89 -0.56
N LEU B 157 -26.63 -22.96 -1.33
CA LEU B 157 -26.03 -21.70 -0.78
C LEU B 157 -24.79 -22.07 0.05
N LYS B 158 -24.74 -23.19 0.77
CA LYS B 158 -23.50 -23.63 1.43
C LYS B 158 -22.43 -23.63 0.34
N MET B 159 -22.68 -24.22 -0.81
CA MET B 159 -21.78 -24.23 -1.95
C MET B 159 -21.20 -22.84 -2.18
N ALA B 160 -22.05 -21.82 -2.08
CA ALA B 160 -21.60 -20.46 -2.34
C ALA B 160 -20.54 -20.02 -1.34
N VAL B 161 -20.76 -20.29 -0.05
CA VAL B 161 -19.81 -19.85 0.96
C VAL B 161 -18.50 -20.63 0.83
N SER B 162 -18.60 -21.94 0.58
CA SER B 162 -17.37 -22.73 0.42
C SER B 162 -16.58 -22.25 -0.79
N PHE B 163 -17.27 -21.95 -1.90
CA PHE B 163 -16.59 -21.44 -3.09
C PHE B 163 -15.95 -20.09 -2.81
N SER B 164 -16.65 -19.22 -2.07
CA SER B 164 -16.08 -17.92 -1.72
C SER B 164 -14.84 -18.09 -0.87
N GLN B 165 -14.84 -19.06 0.03
CA GLN B 165 -13.65 -19.34 0.82
C GLN B 165 -12.50 -19.83 -0.07
N PHE B 166 -12.78 -20.74 -0.99
CA PHE B 166 -11.70 -21.38 -1.75
C PHE B 166 -11.09 -20.44 -2.78
N ASN B 167 -11.90 -19.72 -3.55
CA ASN B 167 -11.32 -18.93 -4.62
C ASN B 167 -10.75 -17.60 -4.14
N ARG B 168 -10.74 -17.36 -2.84
CA ARG B 168 -10.17 -16.14 -2.30
C ARG B 168 -8.70 -16.01 -2.66
N ARG B 169 -7.94 -17.10 -2.54
CA ARG B 169 -6.52 -17.07 -2.86
C ARG B 169 -6.29 -16.70 -4.31
N PHE B 170 -7.03 -17.33 -5.22
CA PHE B 170 -6.85 -17.05 -6.65
C PHE B 170 -7.23 -15.61 -6.97
N LEU B 171 -8.33 -15.13 -6.40
CA LEU B 171 -8.73 -13.75 -6.63
C LEU B 171 -7.66 -12.79 -6.13
N ASN B 172 -7.11 -13.04 -4.95
CA ASN B 172 -6.07 -12.17 -4.40
C ASN B 172 -4.83 -12.19 -5.29
N VAL B 173 -4.43 -13.37 -5.76
CA VAL B 173 -3.25 -13.47 -6.61
C VAL B 173 -3.45 -12.67 -7.89
N VAL B 174 -4.62 -12.84 -8.52
CA VAL B 174 -4.88 -12.15 -9.78
C VAL B 174 -4.91 -10.65 -9.57
N ARG B 175 -5.57 -10.19 -8.51
CA ARG B 175 -5.66 -8.74 -8.30
C ARG B 175 -4.30 -8.14 -7.98
N GLN B 176 -3.47 -8.84 -7.19
CA GLN B 176 -2.14 -8.33 -6.90
C GLN B 176 -1.30 -8.26 -8.17
N PHE B 177 -1.38 -9.29 -9.01
CA PHE B 177 -0.58 -9.29 -10.22
C PHE B 177 -1.04 -8.22 -11.20
N SER B 178 -2.35 -7.96 -11.25
CA SER B 178 -2.84 -6.88 -12.09
C SER B 178 -2.40 -5.52 -11.56
N GLU B 179 -2.45 -5.34 -10.24
CA GLU B 179 -2.07 -4.06 -9.66
C GLU B 179 -0.58 -3.78 -9.86
N ASN B 180 0.27 -4.79 -9.67
CA ASN B 180 1.69 -4.59 -9.84
C ASN B 180 2.11 -4.65 -11.30
N ALA B 181 1.21 -5.03 -12.19
CA ALA B 181 1.48 -5.14 -13.63
C ALA B 181 2.64 -6.11 -13.90
N GLY B 182 2.67 -7.20 -13.15
CA GLY B 182 3.56 -8.31 -13.40
C GLY B 182 4.60 -8.55 -12.32
N ILE B 183 5.19 -7.50 -11.77
CA ILE B 183 6.30 -7.62 -10.84
C ILE B 183 5.84 -7.15 -9.47
N THR B 184 5.71 -8.09 -8.53
CA THR B 184 5.38 -7.73 -7.16
C THR B 184 6.62 -7.22 -6.43
N PRO B 185 6.45 -6.35 -5.44
CA PRO B 185 7.61 -5.89 -4.67
C PRO B 185 7.94 -6.80 -3.50
N ALA B 186 6.95 -7.56 -3.04
CA ALA B 186 7.14 -8.45 -1.90
C ALA B 186 6.17 -9.62 -2.04
N ILE B 187 6.47 -10.69 -1.32
CA ILE B 187 5.70 -11.93 -1.39
C ILE B 187 4.61 -11.84 -0.35
N SER B 188 3.37 -11.64 -0.80
CA SER B 188 2.23 -11.72 0.09
C SER B 188 1.98 -13.17 0.48
N LEU B 189 1.15 -13.35 1.51
CA LEU B 189 0.79 -14.71 1.91
C LEU B 189 -0.09 -15.41 0.89
N ASP B 190 -0.65 -14.69 -0.08
CA ASP B 190 -1.45 -15.33 -1.11
C ASP B 190 -0.57 -16.04 -2.13
N LEU B 191 0.63 -15.51 -2.40
CA LEU B 191 1.53 -16.15 -3.35
C LEU B 191 1.92 -17.55 -2.87
N MET B 192 2.37 -17.65 -1.62
CA MET B 192 2.53 -18.95 -0.97
C MET B 192 2.19 -18.78 0.51
N THR B 193 1.66 -19.82 1.12
CA THR B 193 1.55 -19.83 2.56
C THR B 193 2.89 -20.20 3.18
N ASP B 194 3.00 -20.00 4.49
CA ASP B 194 4.26 -20.26 5.18
C ASP B 194 4.59 -21.75 5.16
N ALA B 195 3.57 -22.60 5.08
CA ALA B 195 3.84 -24.03 4.99
C ALA B 195 4.57 -24.37 3.70
N GLU B 196 4.11 -23.81 2.58
CA GLU B 196 4.79 -24.05 1.31
C GLU B 196 6.20 -23.45 1.32
N LEU B 197 6.36 -22.29 1.93
CA LEU B 197 7.68 -21.69 2.06
C LEU B 197 8.62 -22.60 2.85
N ALA B 198 8.14 -23.14 3.97
CA ALA B 198 8.97 -24.04 4.77
C ALA B 198 9.30 -25.30 4.00
N ARG B 199 8.34 -25.83 3.24
CA ARG B 199 8.62 -27.01 2.43
C ARG B 199 9.67 -26.72 1.38
N ALA B 200 9.60 -25.55 0.74
CA ALA B 200 10.52 -25.24 -0.35
C ALA B 200 11.93 -24.96 0.18
N ILE B 201 12.02 -24.34 1.36
CA ILE B 201 13.33 -23.96 1.91
C ILE B 201 14.21 -25.17 2.12
N SER B 202 13.62 -26.34 2.35
CA SER B 202 14.38 -27.54 2.67
C SER B 202 15.05 -28.16 1.45
N ASN B 203 15.06 -27.47 0.31
CA ASN B 203 15.67 -28.03 -0.89
C ASN B 203 16.74 -27.14 -1.50
N MET B 204 17.15 -26.07 -0.82
CA MET B 204 18.17 -25.19 -1.38
C MET B 204 19.56 -25.82 -1.21
N PRO B 205 20.48 -25.55 -2.14
CA PRO B 205 21.78 -26.27 -2.16
C PRO B 205 22.83 -25.66 -1.24
N THR B 206 22.61 -25.79 0.06
CA THR B 206 23.58 -25.33 1.06
C THR B 206 23.71 -26.40 2.13
N SER B 207 24.60 -26.13 3.09
CA SER B 207 24.76 -27.03 4.21
C SER B 207 23.58 -26.92 5.18
N ALA B 208 23.51 -27.86 6.12
CA ALA B 208 22.38 -27.93 7.04
C ALA B 208 22.29 -26.71 7.95
N GLY B 209 23.41 -26.07 8.27
CA GLY B 209 23.37 -24.92 9.15
C GLY B 209 22.59 -23.75 8.57
N GLN B 210 22.82 -23.48 7.28
CA GLN B 210 22.08 -22.41 6.62
C GLN B 210 20.59 -22.71 6.59
N ILE B 211 20.22 -23.96 6.31
CA ILE B 211 18.81 -24.35 6.30
C ILE B 211 18.21 -24.19 7.68
N LYS B 212 18.95 -24.56 8.72
CA LYS B 212 18.47 -24.40 10.08
C LYS B 212 18.23 -22.93 10.41
N LEU B 213 19.21 -22.07 10.10
CA LEU B 213 19.07 -20.65 10.42
C LEU B 213 17.90 -20.04 9.67
N MET B 214 17.75 -20.37 8.38
CA MET B 214 16.72 -19.74 7.57
C MET B 214 15.34 -20.31 7.89
N LEU B 215 15.28 -21.57 8.33
CA LEU B 215 13.99 -22.16 8.68
C LEU B 215 13.43 -21.55 9.96
N GLU B 216 14.29 -21.11 10.87
CA GLU B 216 13.83 -20.51 12.12
C GLU B 216 13.53 -19.02 11.98
N ASN B 217 13.89 -18.42 10.85
CA ASN B 217 13.64 -17.00 10.59
C ASN B 217 13.05 -16.82 9.20
N ARG B 218 12.00 -17.59 8.90
CA ARG B 218 11.43 -17.59 7.55
C ARG B 218 10.96 -16.21 7.13
N ALA B 219 10.58 -15.35 8.08
CA ALA B 219 10.10 -14.03 7.73
C ALA B 219 11.17 -13.19 7.04
N MET B 220 12.44 -13.46 7.33
CA MET B 220 13.52 -12.72 6.69
C MET B 220 13.81 -13.22 5.28
N VAL B 221 13.25 -14.35 4.87
CA VAL B 221 13.36 -14.79 3.48
C VAL B 221 12.21 -14.22 2.65
N ARG B 222 11.01 -14.20 3.23
CA ARG B 222 9.86 -13.67 2.52
C ARG B 222 10.00 -12.18 2.24
N ARG B 223 10.59 -11.44 3.18
CA ARG B 223 10.66 -9.99 3.05
C ARG B 223 11.55 -9.55 1.89
N LYS B 224 12.58 -10.33 1.55
CA LYS B 224 13.54 -9.93 0.54
C LYS B 224 13.35 -10.62 -0.80
N GLY B 225 12.24 -11.33 -1.00
CA GLY B 225 11.99 -11.97 -2.27
C GLY B 225 10.77 -11.41 -2.99
N PHE B 226 10.78 -11.53 -4.32
CA PHE B 226 9.65 -11.10 -5.11
C PHE B 226 9.45 -12.08 -6.27
N GLY B 227 8.23 -12.09 -6.79
CA GLY B 227 7.84 -13.05 -7.82
C GLY B 227 7.34 -12.35 -9.07
N ILE B 228 7.31 -13.10 -10.17
CA ILE B 228 6.97 -12.58 -11.48
C ILE B 228 5.88 -13.47 -12.08
N LEU B 229 4.90 -12.85 -12.73
CA LEU B 229 3.84 -13.61 -13.38
C LEU B 229 4.36 -14.20 -14.68
N ILE B 230 4.26 -15.53 -14.81
CA ILE B 230 4.69 -16.19 -16.04
C ILE B 230 3.70 -15.91 -17.18
N GLY B 231 2.41 -15.90 -16.87
CA GLY B 231 1.40 -15.71 -17.89
C GLY B 231 0.33 -16.78 -17.83
N VAL B 232 -0.64 -16.70 -18.74
CA VAL B 232 -1.77 -17.62 -18.77
C VAL B 232 -1.55 -18.63 -19.89
N TYR B 233 -1.76 -19.90 -19.58
CA TYR B 233 -1.69 -20.97 -20.56
C TYR B 233 -2.95 -21.83 -20.40
N GLY B 234 -4.02 -21.43 -21.08
CA GLY B 234 -5.29 -22.07 -20.85
C GLY B 234 -5.78 -21.81 -19.42
N SER B 235 -6.42 -22.82 -18.84
CA SER B 235 -6.84 -22.71 -17.45
C SER B 235 -5.68 -22.68 -16.48
N SER B 236 -4.47 -23.04 -16.92
CA SER B 236 -3.32 -23.10 -16.04
C SER B 236 -2.73 -21.71 -15.88
N VAL B 237 -2.86 -21.14 -14.68
CA VAL B 237 -2.22 -19.88 -14.35
C VAL B 237 -0.84 -20.17 -13.79
N ILE B 238 0.18 -19.57 -14.40
CA ILE B 238 1.58 -19.86 -14.05
C ILE B 238 2.23 -18.58 -13.57
N TYR B 239 2.93 -18.68 -12.45
CA TYR B 239 3.73 -17.57 -11.91
C TYR B 239 4.90 -18.15 -11.13
N MET B 240 5.96 -17.36 -11.01
CA MET B 240 7.18 -17.79 -10.36
C MET B 240 7.49 -16.88 -9.19
N VAL B 241 8.34 -17.36 -8.29
CA VAL B 241 8.73 -16.65 -7.08
C VAL B 241 10.23 -16.77 -6.90
N GLN B 242 10.88 -15.66 -6.56
CA GLN B 242 12.31 -15.66 -6.27
C GLN B 242 12.55 -15.63 -4.77
N LEU B 243 13.41 -16.53 -4.28
CA LEU B 243 13.76 -16.57 -2.87
C LEU B 243 15.26 -16.52 -2.69
N PRO B 244 15.77 -15.61 -1.86
CA PRO B 244 17.21 -15.56 -1.62
C PRO B 244 17.70 -16.80 -0.87
N ILE B 245 18.95 -17.15 -1.11
CA ILE B 245 19.63 -18.18 -0.33
C ILE B 245 20.71 -17.48 0.50
N PHE B 246 20.70 -17.71 1.81
CA PHE B 246 21.67 -17.07 2.70
C PHE B 246 22.78 -18.07 2.99
N GLY B 247 23.72 -18.18 2.05
CA GLY B 247 24.86 -19.06 2.21
C GLY B 247 25.88 -18.58 3.23
N VAL B 248 26.57 -17.48 2.92
CA VAL B 248 27.64 -17.00 3.79
C VAL B 248 27.04 -16.42 5.05
N ILE B 249 27.44 -16.98 6.20
CA ILE B 249 26.87 -16.62 7.50
C ILE B 249 27.98 -16.61 8.54
N ASP B 250 27.77 -15.81 9.60
CA ASP B 250 28.64 -15.80 10.78
C ASP B 250 30.03 -15.25 10.47
N THR B 251 30.06 -14.17 9.73
CA THR B 251 31.35 -13.51 9.53
C THR B 251 31.28 -12.23 10.30
N PRO B 252 32.38 -11.57 10.70
CA PRO B 252 32.19 -10.34 11.46
C PRO B 252 31.62 -9.20 10.62
N CYS B 253 31.28 -8.02 11.15
CA CYS B 253 30.80 -6.91 10.27
C CYS B 253 30.69 -5.62 11.09
N TRP B 254 31.51 -4.62 10.87
CA TRP B 254 31.41 -3.41 11.72
C TRP B 254 30.58 -2.31 11.10
N ILE B 255 29.86 -1.43 11.82
CA ILE B 255 29.14 -0.27 11.29
C ILE B 255 29.82 0.99 11.79
N VAL B 256 29.89 2.00 10.92
CA VAL B 256 30.51 3.28 11.26
C VAL B 256 29.45 4.37 11.09
N LYS B 257 29.24 5.14 12.15
CA LYS B 257 28.38 6.31 12.13
C LYS B 257 29.18 7.52 12.57
N ALA B 258 28.77 8.70 12.11
CA ALA B 258 29.55 9.89 12.39
C ALA B 258 28.65 11.10 12.49
N ALA B 259 29.18 12.13 13.14
CA ALA B 259 28.44 13.38 13.30
C ALA B 259 29.44 14.49 13.09
N PRO B 260 29.06 15.57 12.43
CA PRO B 260 30.08 16.55 12.13
C PRO B 260 30.91 17.01 13.29
N SER B 261 32.22 16.78 13.25
CA SER B 261 33.17 17.29 14.28
C SER B 261 33.59 18.69 13.87
N CYS B 262 33.89 19.57 14.82
CA CYS B 262 34.18 20.95 14.34
C CYS B 262 35.06 21.73 15.31
N SER B 263 35.58 22.89 14.87
CA SER B 263 36.58 23.68 15.66
C SER B 263 36.28 25.16 15.67
N GLU B 264 37.13 25.94 16.35
CA GLU B 264 36.91 27.40 16.30
C GLU B 264 38.10 28.23 16.77
N LYS B 265 38.40 29.35 16.12
CA LYS B 265 39.43 30.31 16.48
C LYS B 265 39.09 31.65 15.86
N LYS B 266 38.78 32.64 16.70
CA LYS B 266 38.42 33.99 16.26
C LYS B 266 37.21 33.97 15.34
N GLY B 267 36.23 33.12 15.66
CA GLY B 267 34.99 33.08 14.92
C GLY B 267 35.06 32.38 13.59
N ASN B 268 36.25 31.93 13.18
CA ASN B 268 36.41 31.17 11.94
C ASN B 268 36.54 29.70 12.28
N TYR B 269 35.93 28.82 11.50
CA TYR B 269 35.92 27.38 11.89
C TYR B 269 36.65 26.56 10.85
N ALA B 270 36.53 25.22 10.91
CA ALA B 270 37.29 24.35 9.98
C ALA B 270 36.81 22.93 10.17
N CYS B 271 36.02 22.33 9.27
CA CYS B 271 35.41 21.03 9.66
C CYS B 271 35.50 19.79 8.73
N LEU B 272 35.26 18.59 9.31
CA LEU B 272 35.38 17.31 8.60
C LEU B 272 34.38 16.34 9.23
N LEU B 273 33.55 15.63 8.45
CA LEU B 273 32.55 14.67 8.94
C LEU B 273 32.77 13.39 8.18
N ARG B 274 33.33 12.41 8.81
CA ARG B 274 33.62 11.14 8.17
C ARG B 274 32.56 10.82 7.13
N GLU B 275 32.98 10.24 6.00
CA GLU B 275 32.08 10.08 4.85
C GLU B 275 31.62 8.62 4.69
N ASP B 276 32.54 7.67 4.86
CA ASP B 276 32.25 6.28 4.51
C ASP B 276 31.40 5.58 5.57
N GLN B 277 30.20 6.08 5.81
CA GLN B 277 29.29 5.48 6.76
C GLN B 277 28.52 4.34 6.11
N GLY B 278 27.96 3.48 6.96
CA GLY B 278 27.24 2.31 6.52
C GLY B 278 27.77 1.03 7.15
N TRP B 279 27.56 -0.07 6.44
CA TRP B 279 27.96 -1.39 6.93
C TRP B 279 29.26 -1.83 6.27
N TYR B 280 29.92 -2.79 6.92
CA TYR B 280 31.08 -3.47 6.37
C TYR B 280 30.92 -4.95 6.66
N CYS B 281 31.47 -5.79 5.79
CA CYS B 281 31.44 -7.23 6.00
C CYS B 281 32.70 -7.85 5.42
N GLN B 282 33.34 -8.72 6.22
CA GLN B 282 34.38 -9.58 5.69
C GLN B 282 33.75 -10.81 5.04
N ASN B 283 34.47 -11.39 4.08
CA ASN B 283 34.02 -12.66 3.50
C ASN B 283 35.19 -13.28 2.77
N ALA B 284 35.59 -14.49 3.17
CA ALA B 284 36.67 -15.23 2.52
C ALA B 284 37.95 -14.42 2.46
N GLY B 285 38.17 -13.57 3.46
CA GLY B 285 39.35 -12.72 3.52
C GLY B 285 39.19 -11.35 2.90
N SER B 286 38.19 -11.15 2.05
CA SER B 286 37.94 -9.85 1.46
C SER B 286 37.01 -9.04 2.36
N THR B 287 36.83 -7.78 2.00
CA THR B 287 35.93 -6.88 2.72
C THR B 287 35.02 -6.17 1.71
N VAL B 288 33.73 -6.13 2.00
CA VAL B 288 32.76 -5.48 1.12
C VAL B 288 32.21 -4.26 1.85
N TYR B 289 31.34 -3.51 1.16
CA TYR B 289 30.86 -2.24 1.68
C TYR B 289 29.39 -2.06 1.34
N TYR B 290 28.70 -1.18 2.06
CA TYR B 290 27.28 -0.98 1.84
C TYR B 290 26.89 0.47 2.07
N PRO B 291 27.03 1.33 1.05
CA PRO B 291 26.75 2.76 1.24
C PRO B 291 25.31 3.03 1.68
N ASN B 292 24.34 2.59 0.89
CA ASN B 292 22.95 2.83 1.18
C ASN B 292 22.54 2.13 2.48
N GLU B 293 21.60 2.72 3.22
CA GLU B 293 21.20 2.19 4.51
C GLU B 293 19.93 1.35 4.41
N LYS B 294 19.07 1.69 3.48
CA LYS B 294 17.91 0.80 3.36
C LYS B 294 18.39 -0.51 2.79
N ASP B 295 19.69 -0.72 2.65
CA ASP B 295 20.12 -1.97 1.95
C ASP B 295 20.60 -3.01 2.94
N CYS B 296 20.16 -2.89 4.16
CA CYS B 296 20.65 -3.81 5.19
C CYS B 296 19.99 -3.48 6.52
N GLU B 297 19.48 -4.47 7.20
CA GLU B 297 18.75 -4.18 8.44
C GLU B 297 19.36 -5.02 9.55
N THR B 298 19.04 -4.74 10.81
CA THR B 298 19.62 -5.61 11.82
C THR B 298 18.57 -6.36 12.64
N ARG B 299 18.87 -7.56 13.15
CA ARG B 299 18.08 -8.42 14.03
C ARG B 299 19.01 -8.82 15.17
N GLY B 300 18.99 -8.04 16.24
CA GLY B 300 19.84 -8.35 17.38
C GLY B 300 21.30 -8.30 17.00
N ASP B 301 21.96 -9.45 17.09
CA ASP B 301 23.38 -9.57 16.78
C ASP B 301 23.62 -9.94 15.31
N HIS B 302 22.67 -9.65 14.44
CA HIS B 302 22.75 -10.04 13.04
C HIS B 302 22.41 -8.88 12.13
N VAL B 303 23.04 -8.86 10.96
CA VAL B 303 22.78 -7.85 9.94
C VAL B 303 22.50 -8.57 8.63
N PHE B 304 21.37 -8.27 8.06
CA PHE B 304 21.11 -8.89 6.76
C PHE B 304 21.55 -7.91 5.71
N CYS B 305 22.54 -8.20 4.89
CA CYS B 305 22.87 -7.32 3.76
C CYS B 305 22.72 -8.10 2.45
N ASP B 306 22.38 -7.47 1.32
CA ASP B 306 22.12 -8.16 0.02
C ASP B 306 23.28 -7.98 -0.94
N THR B 307 24.14 -8.97 -1.04
CA THR B 307 25.38 -8.81 -1.80
C THR B 307 25.24 -7.82 -2.92
N ALA B 308 24.43 -8.08 -3.92
CA ALA B 308 24.33 -7.30 -5.14
C ALA B 308 24.60 -5.83 -4.89
N ALA B 309 24.28 -5.31 -3.70
CA ALA B 309 24.58 -3.92 -3.37
C ALA B 309 25.99 -3.73 -2.85
N GLY B 310 26.76 -4.81 -2.72
CA GLY B 310 28.08 -4.70 -2.16
C GLY B 310 29.07 -4.02 -3.09
N ILE B 311 30.12 -3.46 -2.48
CA ILE B 311 31.25 -2.89 -3.20
C ILE B 311 32.52 -3.38 -2.54
N ASN B 312 33.42 -3.94 -3.34
CA ASN B 312 34.62 -4.54 -2.80
C ASN B 312 35.70 -3.49 -2.55
N VAL B 313 36.28 -3.53 -1.38
CA VAL B 313 37.43 -2.71 -1.01
C VAL B 313 38.48 -3.64 -0.40
N ALA B 314 39.71 -3.14 -0.32
CA ALA B 314 40.74 -3.87 0.39
C ALA B 314 40.41 -3.94 1.87
N GLU B 315 41.09 -4.85 2.57
CA GLU B 315 40.89 -4.95 4.02
C GLU B 315 41.40 -3.70 4.73
N GLN B 316 42.24 -2.91 4.07
CA GLN B 316 42.70 -1.64 4.61
C GLN B 316 41.62 -0.56 4.61
N SER B 317 40.35 -0.95 4.50
CA SER B 317 39.27 -0.03 4.83
C SER B 317 39.25 0.26 6.32
N LYS B 318 39.58 -0.73 7.16
CA LYS B 318 39.29 -0.69 8.58
C LYS B 318 40.21 0.23 9.39
N GLU B 319 41.48 0.40 8.99
CA GLU B 319 42.43 0.98 9.93
C GLU B 319 42.12 2.45 10.25
N CYS B 320 41.45 3.18 9.36
CA CYS B 320 41.19 4.58 9.69
C CYS B 320 40.01 4.74 10.66
N ASN B 321 39.58 3.64 11.30
CA ASN B 321 38.86 3.70 12.56
C ASN B 321 39.79 3.57 13.76
N ILE B 322 41.10 3.52 13.51
CA ILE B 322 42.14 3.39 14.53
C ILE B 322 43.10 4.56 14.37
N ASN B 323 43.59 4.76 13.15
CA ASN B 323 44.47 5.88 12.81
C ASN B 323 43.99 6.40 11.46
N ILE B 324 43.29 7.53 11.48
CA ILE B 324 42.71 8.06 10.25
C ILE B 324 43.56 9.16 9.64
N SER B 325 44.42 9.79 10.44
CA SER B 325 45.10 11.01 9.99
C SER B 325 46.21 10.74 8.97
N THR B 326 46.97 9.66 9.14
CA THR B 326 48.21 9.50 8.39
C THR B 326 48.27 8.24 7.52
N THR B 327 47.23 7.42 7.49
CA THR B 327 47.36 6.13 6.83
C THR B 327 47.25 6.28 5.32
N ASN B 328 47.93 5.37 4.60
CA ASN B 328 48.00 5.44 3.15
C ASN B 328 46.63 5.28 2.49
N TYR B 329 45.75 4.47 3.09
CA TYR B 329 44.44 4.24 2.50
C TYR B 329 43.63 5.53 2.52
N PRO B 330 43.07 5.94 1.39
CA PRO B 330 42.30 7.18 1.35
C PRO B 330 40.80 7.00 1.64
N CYS B 331 40.42 6.86 2.90
CA CYS B 331 38.99 6.80 3.24
C CYS B 331 38.39 8.20 3.20
N LYS B 332 37.22 8.33 2.57
CA LYS B 332 36.70 9.61 2.14
C LYS B 332 36.26 10.46 3.34
N VAL B 333 36.36 11.78 3.18
CA VAL B 333 35.89 12.74 4.18
C VAL B 333 35.18 13.89 3.45
N SER B 334 34.44 14.67 4.23
CA SER B 334 33.75 15.86 3.71
C SER B 334 34.07 17.06 4.59
N THR B 335 34.24 18.21 3.96
CA THR B 335 34.63 19.42 4.66
C THR B 335 33.59 20.51 4.45
N GLY B 336 33.72 21.57 5.23
CA GLY B 336 32.82 22.71 5.13
C GLY B 336 33.27 23.81 6.05
N ARG B 337 32.70 24.99 5.85
CA ARG B 337 33.05 26.16 6.64
C ARG B 337 31.93 26.61 7.56
N ASN B 338 30.97 25.72 7.88
CA ASN B 338 29.89 26.06 8.78
C ASN B 338 29.43 24.81 9.51
N PRO B 339 29.33 24.86 10.84
CA PRO B 339 28.92 23.66 11.59
C PRO B 339 27.43 23.38 11.42
N ILE B 340 27.07 22.12 11.66
CA ILE B 340 25.68 21.70 11.66
C ILE B 340 25.40 20.93 12.94
N SER B 341 24.70 21.57 13.88
CA SER B 341 24.34 20.89 15.11
C SER B 341 23.26 19.84 14.82
N MET B 342 23.52 18.60 15.23
CA MET B 342 22.64 17.49 14.91
C MET B 342 22.97 16.31 15.81
N VAL B 343 22.02 15.41 15.93
CA VAL B 343 22.19 14.21 16.73
C VAL B 343 22.15 12.98 15.84
N ALA B 344 23.20 12.16 15.92
CA ALA B 344 23.31 10.95 15.11
C ALA B 344 23.30 9.75 16.03
N LEU B 345 22.42 8.79 15.73
CA LEU B 345 22.27 7.62 16.58
C LEU B 345 23.30 6.55 16.24
N SER B 346 23.56 5.70 17.24
CA SER B 346 24.34 4.48 17.06
C SER B 346 23.64 3.40 17.88
N PRO B 347 23.91 2.12 17.61
CA PRO B 347 23.15 1.06 18.31
C PRO B 347 23.30 1.10 19.82
N LEU B 348 24.46 1.52 20.33
CA LEU B 348 24.69 1.54 21.77
C LEU B 348 24.94 2.94 22.31
N GLY B 349 24.69 3.98 21.52
CA GLY B 349 24.90 5.33 21.98
C GLY B 349 24.40 6.32 20.98
N ALA B 350 24.92 7.55 21.07
CA ALA B 350 24.60 8.58 20.10
C ALA B 350 25.59 9.72 20.22
N LEU B 351 26.16 10.11 19.09
CA LEU B 351 26.97 11.32 19.04
C LEU B 351 26.08 12.55 19.08
N VAL B 352 26.60 13.61 19.71
CA VAL B 352 25.86 14.91 19.73
C VAL B 352 26.95 15.97 19.81
N ALA B 353 27.00 16.86 18.82
CA ALA B 353 28.06 17.91 18.79
C ALA B 353 27.49 19.22 18.25
N CYS B 354 27.41 20.23 19.10
CA CYS B 354 26.76 21.50 18.71
C CYS B 354 27.73 22.63 18.86
N TYR B 355 27.51 23.67 18.10
CA TYR B 355 28.47 24.80 18.11
C TYR B 355 27.72 26.13 18.10
N LYS B 356 28.44 27.24 18.07
CA LYS B 356 27.89 28.60 18.10
C LYS B 356 26.57 28.68 18.87
N GLY B 357 25.57 29.34 18.31
CA GLY B 357 24.31 29.57 19.00
C GLY B 357 23.38 28.38 19.08
N VAL B 358 23.83 27.31 19.74
CA VAL B 358 23.03 26.11 19.94
C VAL B 358 23.20 25.68 21.39
N SER B 359 22.14 25.10 21.96
CA SER B 359 22.17 24.58 23.31
C SER B 359 21.82 23.10 23.31
N CYS B 360 22.59 22.32 24.06
CA CYS B 360 22.41 20.88 24.15
C CYS B 360 22.29 20.47 25.61
N SER B 361 21.34 19.57 25.88
CA SER B 361 21.14 19.06 27.23
C SER B 361 20.66 17.62 27.14
N ILE B 362 20.92 16.86 28.19
CA ILE B 362 20.54 15.46 28.27
C ILE B 362 19.78 15.23 29.56
N GLY B 363 18.98 14.16 29.57
CA GLY B 363 18.20 13.82 30.74
C GLY B 363 17.62 12.43 30.62
N SER B 364 16.92 12.03 31.67
CA SER B 364 16.21 10.76 31.68
C SER B 364 14.76 11.03 32.08
N ASN B 365 13.89 10.07 31.77
CA ASN B 365 12.46 10.26 31.98
C ASN B 365 12.10 10.44 33.45
N ARG B 366 12.75 9.70 34.36
CA ARG B 366 12.37 9.74 35.77
C ARG B 366 12.81 11.03 36.47
N VAL B 367 13.83 11.72 35.96
CA VAL B 367 14.36 12.90 36.63
C VAL B 367 14.25 14.16 35.79
N GLY B 368 13.84 14.05 34.53
CA GLY B 368 13.85 15.22 33.67
C GLY B 368 15.25 15.52 33.18
N ILE B 369 15.56 16.81 33.05
CA ILE B 369 16.89 17.21 32.60
C ILE B 369 17.92 16.82 33.65
N ILE B 370 19.02 16.24 33.19
CA ILE B 370 20.12 15.86 34.08
C ILE B 370 21.17 16.97 34.10
N LYS B 371 21.76 17.25 32.95
CA LYS B 371 22.83 18.23 32.87
C LYS B 371 22.93 18.74 31.45
N GLN B 372 23.61 19.88 31.29
CA GLN B 372 23.85 20.44 29.97
C GLN B 372 25.16 19.93 29.41
N LEU B 373 25.25 19.90 28.09
CA LEU B 373 26.44 19.44 27.40
C LEU B 373 27.32 20.63 27.00
N ASN B 374 28.63 20.37 26.93
CA ASN B 374 29.56 21.40 26.51
C ASN B 374 29.53 21.56 25.00
N LYS B 375 30.09 22.67 24.54
CA LYS B 375 30.27 22.87 23.12
C LYS B 375 31.26 21.85 22.56
N GLY B 376 31.22 21.68 21.24
CA GLY B 376 32.12 20.76 20.59
C GLY B 376 31.63 19.33 20.63
N CYS B 377 32.50 18.46 20.15
CA CYS B 377 32.18 17.04 20.06
C CYS B 377 31.98 16.42 21.45
N SER B 378 30.97 15.58 21.58
CA SER B 378 30.70 14.88 22.83
C SER B 378 29.98 13.57 22.53
N TYR B 379 30.16 12.61 23.44
CA TYR B 379 29.58 11.28 23.29
C TYR B 379 28.67 10.99 24.48
N ILE B 380 27.59 10.24 24.23
CA ILE B 380 26.62 9.87 25.25
C ILE B 380 26.48 8.36 25.26
N THR B 381 26.70 7.75 26.42
CA THR B 381 26.46 6.33 26.57
C THR B 381 24.97 6.09 26.84
N ASN B 382 24.41 5.06 26.20
CA ASN B 382 22.98 4.82 26.34
C ASN B 382 22.59 4.26 27.71
N GLN B 383 23.57 3.91 28.55
CA GLN B 383 23.24 3.55 29.93
C GLN B 383 23.17 4.75 30.84
N ASP B 384 23.61 5.92 30.36
CA ASP B 384 23.69 7.12 31.18
C ASP B 384 22.40 7.92 31.20
N ALA B 385 21.64 7.92 30.12
CA ALA B 385 20.43 8.73 30.02
C ALA B 385 19.48 8.11 29.00
N ASP B 386 18.34 8.75 28.82
CA ASP B 386 17.32 8.29 27.90
C ASP B 386 16.96 9.32 26.84
N THR B 387 16.98 10.61 27.18
CA THR B 387 16.55 11.68 26.30
C THR B 387 17.71 12.63 26.04
N VAL B 388 17.91 12.99 24.77
CA VAL B 388 18.87 14.02 24.38
C VAL B 388 18.10 15.12 23.67
N THR B 389 18.42 16.37 24.01
CA THR B 389 17.72 17.53 23.48
C THR B 389 18.73 18.50 22.90
N ILE B 390 18.51 18.92 21.66
CA ILE B 390 19.38 19.87 20.98
C ILE B 390 18.50 21.00 20.45
N ASP B 391 18.47 22.11 21.20
CA ASP B 391 17.63 23.26 20.87
C ASP B 391 16.17 22.86 20.67
N ASN B 392 15.55 22.37 21.74
CA ASN B 392 14.12 22.08 21.80
C ASN B 392 13.68 20.95 20.89
N THR B 393 14.61 20.17 20.35
CA THR B 393 14.30 18.95 19.62
C THR B 393 14.89 17.77 20.38
N VAL B 394 14.06 16.78 20.68
CA VAL B 394 14.43 15.70 21.58
C VAL B 394 14.42 14.38 20.83
N TYR B 395 15.40 13.54 21.11
CA TYR B 395 15.51 12.19 20.57
C TYR B 395 15.52 11.19 21.72
N GLN B 396 14.88 10.05 21.51
CA GLN B 396 14.86 8.98 22.49
C GLN B 396 15.88 7.92 22.12
N LEU B 397 16.78 7.61 23.05
CA LEU B 397 17.88 6.71 22.75
C LEU B 397 17.42 5.27 22.76
N SER B 398 18.26 4.40 22.19
CA SER B 398 18.00 2.98 22.20
C SER B 398 18.43 2.35 23.52
N LYS B 399 17.79 1.23 23.87
CA LYS B 399 18.11 0.48 25.08
C LYS B 399 18.61 -0.92 24.74
N VAL B 400 19.32 -1.06 23.62
CA VAL B 400 20.03 -2.30 23.36
C VAL B 400 21.12 -2.47 24.41
N GLU B 401 21.30 -3.69 24.89
CA GLU B 401 22.22 -3.97 25.98
C GLU B 401 23.59 -4.32 25.42
N GLY B 402 24.62 -3.66 25.92
CA GLY B 402 25.97 -3.91 25.43
C GLY B 402 26.98 -3.15 26.27
N GLU B 403 28.22 -3.15 25.80
CA GLU B 403 29.32 -2.47 26.48
C GLU B 403 29.97 -1.48 25.53
N GLN B 404 30.51 -0.41 26.11
CA GLN B 404 31.04 0.70 25.34
C GLN B 404 32.43 1.07 25.83
N HIS B 405 33.18 1.77 24.97
CA HIS B 405 34.53 2.20 25.28
C HIS B 405 34.79 3.53 24.61
N VAL B 406 35.80 4.23 25.09
CA VAL B 406 36.24 5.50 24.53
C VAL B 406 37.73 5.41 24.23
N ILE B 407 38.12 5.87 23.05
CA ILE B 407 39.53 5.92 22.64
C ILE B 407 39.92 7.38 22.55
N LYS B 408 40.94 7.77 23.31
CA LYS B 408 41.36 9.16 23.34
C LYS B 408 42.11 9.53 22.07
N GLY B 409 42.17 10.84 21.82
CA GLY B 409 42.87 11.35 20.66
C GLY B 409 42.45 12.76 20.31
N ARG B 410 43.39 13.59 19.90
CA ARG B 410 43.08 14.94 19.48
C ARG B 410 42.27 14.89 18.18
N PRO B 411 41.10 15.51 18.15
CA PRO B 411 40.30 15.51 16.91
C PRO B 411 41.06 16.16 15.76
N VAL B 412 40.94 15.55 14.58
CA VAL B 412 41.62 16.06 13.40
C VAL B 412 41.04 17.40 12.98
N SER B 413 39.79 17.66 13.36
CA SER B 413 39.16 18.94 13.02
C SER B 413 39.92 20.12 13.64
N SER B 414 40.56 19.89 14.78
CA SER B 414 41.34 20.93 15.44
C SER B 414 42.79 20.97 14.96
N SER B 415 43.21 20.02 14.12
CA SER B 415 44.58 20.00 13.64
C SER B 415 44.86 21.09 12.62
N PHE B 416 43.85 21.49 11.86
CA PHE B 416 44.03 22.50 10.81
C PHE B 416 43.98 23.90 11.43
N ASP B 417 43.89 24.88 10.54
CA ASP B 417 43.68 26.29 10.81
C ASP B 417 42.52 26.79 9.96
N PRO B 418 41.58 27.53 10.54
CA PRO B 418 40.42 27.98 9.74
C PRO B 418 40.82 28.84 8.54
N ILE B 419 41.88 29.62 8.65
CA ILE B 419 42.51 30.22 7.48
C ILE B 419 43.32 29.13 6.79
N LYS B 420 43.27 29.12 5.46
CA LYS B 420 43.78 28.08 4.57
C LYS B 420 42.88 26.86 4.52
N PHE B 421 41.73 26.88 5.18
CA PHE B 421 40.78 25.78 5.06
C PHE B 421 40.25 25.72 3.64
N PRO B 422 40.28 24.57 3.00
CA PRO B 422 39.82 24.47 1.61
C PRO B 422 38.31 24.69 1.51
N PRO B 423 37.81 25.00 0.32
CA PRO B 423 36.36 25.14 0.16
C PRO B 423 35.62 23.86 0.48
N ASP B 424 34.29 23.95 0.51
CA ASP B 424 33.47 22.82 0.89
C ASP B 424 33.63 21.68 -0.11
N GLN B 425 34.31 20.62 0.31
CA GLN B 425 34.63 19.51 -0.56
C GLN B 425 33.75 18.30 -0.21
N PHE B 426 33.28 17.61 -1.24
CA PHE B 426 32.33 16.52 -1.08
C PHE B 426 32.99 15.20 -1.51
N ASN B 427 32.98 14.22 -0.60
CA ASN B 427 33.44 12.86 -0.87
C ASN B 427 34.86 12.83 -1.40
N VAL B 428 35.72 13.69 -0.88
CA VAL B 428 37.14 13.63 -1.21
C VAL B 428 37.91 13.05 -0.04
N ALA B 429 38.85 12.15 -0.35
CA ALA B 429 39.59 11.48 0.71
C ALA B 429 40.53 12.45 1.42
N LEU B 430 40.94 12.07 2.63
CA LEU B 430 41.56 13.02 3.55
C LEU B 430 42.90 13.53 3.05
N ASP B 431 43.70 12.66 2.42
CA ASP B 431 45.03 13.10 2.02
C ASP B 431 44.98 14.13 0.89
N GLN B 432 43.97 14.09 0.02
CA GLN B 432 43.81 15.19 -0.93
C GLN B 432 43.41 16.48 -0.21
N VAL B 433 42.62 16.37 0.86
CA VAL B 433 42.28 17.56 1.64
C VAL B 433 43.54 18.18 2.23
N PHE B 434 44.44 17.35 2.76
CA PHE B 434 45.70 17.86 3.26
C PHE B 434 46.56 18.44 2.15
N GLU B 435 46.65 17.76 1.01
CA GLU B 435 47.50 18.40 -0.01
C GLU B 435 46.78 19.69 -0.40
N ASN B 436 45.45 19.60 -0.48
CA ASN B 436 44.69 20.83 -0.76
C ASN B 436 45.36 21.87 0.13
N ILE B 437 45.41 21.58 1.42
CA ILE B 437 45.97 22.61 2.31
C ILE B 437 47.27 23.02 1.61
N ASN B 438 47.37 24.27 1.14
CA ASN B 438 48.63 24.75 0.51
C ASN B 438 48.88 26.21 0.89
N LEU C 1 -1.78 33.36 1.85
CA LEU C 1 -0.59 32.83 1.20
C LEU C 1 0.09 33.88 0.34
N LYS C 2 1.16 34.46 0.87
CA LYS C 2 1.93 35.46 0.14
C LYS C 2 3.11 34.79 -0.56
N GLU C 3 3.39 35.22 -1.78
CA GLU C 3 4.54 34.77 -2.54
C GLU C 3 5.37 35.99 -2.91
N SER C 4 6.68 35.88 -2.77
CA SER C 4 7.61 36.92 -3.18
C SER C 4 8.58 36.31 -4.18
N TYR C 5 8.53 36.79 -5.42
CA TYR C 5 9.42 36.30 -6.47
C TYR C 5 10.60 37.26 -6.62
N LEU C 6 11.78 36.70 -6.85
CA LEU C 6 12.99 37.49 -7.00
C LEU C 6 13.57 37.26 -8.39
N GLU C 7 13.72 38.34 -9.15
CA GLU C 7 14.56 38.29 -10.34
C GLU C 7 16.03 38.18 -9.97
N GLU C 8 16.24 38.00 -8.65
CA GLU C 8 17.63 37.86 -8.12
C GLU C 8 18.08 36.39 -7.97
N SER C 9 17.15 35.44 -7.98
CA SER C 9 17.55 34.00 -7.97
C SER C 9 16.33 33.15 -8.36
N CYS C 10 15.67 33.47 -9.45
CA CYS C 10 14.51 32.72 -9.99
C CYS C 10 14.08 31.81 -8.84
N SER C 11 13.34 32.34 -7.88
CA SER C 11 13.02 31.55 -6.68
C SER C 11 11.71 31.97 -6.04
N THR C 12 10.77 31.06 -5.91
CA THR C 12 9.49 31.50 -5.35
C THR C 12 9.32 31.35 -3.89
N ILE C 13 9.71 32.32 -3.06
CA ILE C 13 9.52 32.03 -1.65
C ILE C 13 8.06 32.27 -1.31
N THR C 14 7.43 31.30 -0.65
CA THR C 14 6.06 31.43 -0.21
C THR C 14 6.01 31.47 1.31
N GLU C 15 5.35 32.50 1.85
CA GLU C 15 5.26 32.70 3.29
C GLU C 15 3.81 32.63 3.71
N GLY C 16 3.60 32.46 5.01
CA GLY C 16 2.27 32.37 5.56
C GLY C 16 1.79 30.97 5.89
N TYR C 17 2.55 29.94 5.54
CA TYR C 17 2.18 28.58 5.91
C TYR C 17 2.29 28.38 7.41
N LEU C 18 1.39 27.57 7.96
CA LEU C 18 1.34 27.32 9.40
C LEU C 18 1.90 25.93 9.69
N SER C 19 2.80 25.86 10.67
CA SER C 19 3.56 24.64 10.92
C SER C 19 2.79 23.68 11.83
N VAL C 20 3.05 22.39 11.62
CA VAL C 20 2.74 21.35 12.58
C VAL C 20 3.97 20.46 12.69
N LEU C 21 4.49 20.31 13.90
CA LEU C 21 5.77 19.66 14.11
C LEU C 21 5.62 18.53 15.13
N ARG C 22 6.20 17.37 14.83
CA ARG C 22 6.20 16.27 15.79
C ARG C 22 7.26 16.50 16.85
N THR C 23 6.95 16.20 18.10
CA THR C 23 7.88 16.39 19.19
C THR C 23 8.13 15.14 20.03
N GLY C 24 7.31 14.10 19.89
CA GLY C 24 7.53 12.89 20.66
C GLY C 24 6.57 11.80 20.24
N TRP C 25 6.85 10.60 20.73
CA TRP C 25 6.02 9.44 20.40
C TRP C 25 5.14 9.08 21.58
N TYR C 26 3.87 8.78 21.29
CA TYR C 26 2.96 8.19 22.25
C TYR C 26 2.70 6.74 21.84
N THR C 27 2.99 5.81 22.75
CA THR C 27 2.95 4.39 22.43
C THR C 27 1.68 3.78 22.99
N ASN C 28 0.90 3.14 22.12
CA ASN C 28 -0.29 2.41 22.52
C ASN C 28 -0.06 0.92 22.26
N VAL C 29 -0.25 0.10 23.29
CA VAL C 29 0.03 -1.32 23.22
C VAL C 29 -1.29 -2.07 23.21
N PHE C 30 -1.45 -2.96 22.24
CA PHE C 30 -2.66 -3.73 22.06
C PHE C 30 -2.48 -5.16 22.56
N THR C 31 -3.60 -5.87 22.70
CA THR C 31 -3.60 -7.30 22.99
C THR C 31 -4.94 -7.87 22.55
N LEU C 32 -4.89 -8.82 21.62
CA LEU C 32 -6.09 -9.48 21.10
C LEU C 32 -6.14 -10.90 21.64
N GLU C 33 -7.12 -11.18 22.49
CA GLU C 33 -7.24 -12.53 23.01
C GLU C 33 -7.79 -13.41 21.88
N VAL C 34 -6.94 -14.24 21.31
CA VAL C 34 -7.38 -15.16 20.28
C VAL C 34 -8.38 -16.16 20.85
N GLY C 35 -8.11 -16.65 22.05
CA GLY C 35 -8.89 -17.71 22.64
C GLY C 35 -8.20 -19.06 22.49
N ASP C 36 -8.81 -20.06 23.11
CA ASP C 36 -8.25 -21.40 23.09
C ASP C 36 -8.62 -22.14 21.81
N VAL C 37 -8.39 -21.52 20.66
CA VAL C 37 -8.55 -22.23 19.40
C VAL C 37 -7.50 -23.33 19.26
N GLU C 38 -6.40 -23.22 20.01
CA GLU C 38 -5.35 -24.24 19.97
C GLU C 38 -5.86 -25.59 20.47
N ASN C 39 -6.93 -25.62 21.25
CA ASN C 39 -7.52 -26.88 21.71
C ASN C 39 -8.75 -27.28 20.90
N LEU C 40 -9.13 -26.38 20.00
CA LEU C 40 -10.36 -26.64 19.22
C LEU C 40 -10.15 -27.89 18.35
N THR C 41 -11.15 -28.79 18.22
CA THR C 41 -10.94 -30.05 17.52
C THR C 41 -12.11 -30.42 16.69
N CYS C 42 -11.87 -31.12 15.58
CA CYS C 42 -12.97 -31.58 14.69
C CYS C 42 -12.63 -32.73 13.74
N SER C 43 -13.63 -33.55 13.39
CA SER C 43 -13.38 -34.75 12.57
C SER C 43 -14.41 -34.90 11.44
N ASP C 44 -15.50 -34.15 11.50
CA ASP C 44 -16.55 -34.21 10.44
C ASP C 44 -15.91 -33.87 9.09
N GLY C 45 -14.62 -34.16 8.90
CA GLY C 45 -14.02 -33.94 7.61
C GLY C 45 -14.13 -32.50 7.18
N PRO C 46 -13.95 -32.24 5.88
CA PRO C 46 -14.00 -30.85 5.40
C PRO C 46 -15.32 -30.18 5.70
N SER C 47 -15.24 -28.92 6.11
CA SER C 47 -16.41 -28.11 6.45
C SER C 47 -15.98 -26.66 6.51
N LEU C 48 -16.98 -25.78 6.46
CA LEU C 48 -16.70 -24.33 6.47
C LEU C 48 -16.02 -23.91 7.77
N ILE C 49 -16.63 -24.27 8.90
CA ILE C 49 -16.08 -23.90 10.20
C ILE C 49 -14.70 -24.50 10.39
N LYS C 50 -14.51 -25.75 9.94
CA LYS C 50 -13.20 -26.37 10.02
C LYS C 50 -12.18 -25.62 9.16
N THR C 51 -12.59 -25.17 7.98
CA THR C 51 -11.68 -24.40 7.14
C THR C 51 -11.22 -23.13 7.83
N GLU C 52 -12.16 -22.39 8.43
CA GLU C 52 -11.76 -21.15 9.09
C GLU C 52 -10.95 -21.43 10.36
N LEU C 53 -11.25 -22.53 11.05
CA LEU C 53 -10.46 -22.91 12.22
C LEU C 53 -9.03 -23.23 11.82
N ASP C 54 -8.86 -23.93 10.69
CA ASP C 54 -7.52 -24.19 10.17
C ASP C 54 -6.80 -22.91 9.80
N LEU C 55 -7.53 -21.96 9.18
CA LEU C 55 -6.91 -20.68 8.87
C LEU C 55 -6.42 -19.98 10.13
N THR C 56 -7.25 -19.97 11.18
CA THR C 56 -6.87 -19.32 12.43
C THR C 56 -5.67 -20.01 13.07
N LYS C 57 -5.68 -21.34 13.12
CA LYS C 57 -4.57 -22.08 13.71
C LYS C 57 -3.27 -21.82 12.94
N SER C 58 -3.34 -21.85 11.61
CA SER C 58 -2.15 -21.60 10.81
C SER C 58 -1.64 -20.18 11.04
N ALA C 59 -2.54 -19.21 11.12
CA ALA C 59 -2.11 -17.84 11.40
C ALA C 59 -1.42 -17.75 12.75
N LEU C 60 -1.97 -18.40 13.77
CA LEU C 60 -1.34 -18.35 15.09
C LEU C 60 0.04 -18.98 15.07
N ARG C 61 0.15 -20.18 14.48
CA ARG C 61 1.43 -20.88 14.46
C ARG C 61 2.47 -20.11 13.66
N GLU C 62 2.06 -19.49 12.57
CA GLU C 62 2.99 -18.74 11.73
C GLU C 62 3.58 -17.56 12.49
N LEU C 63 2.75 -16.87 13.27
CA LEU C 63 3.18 -15.61 13.86
C LEU C 63 4.21 -15.84 14.97
N LYS C 64 4.17 -17.01 15.63
CA LYS C 64 5.05 -17.23 16.77
C LYS C 64 6.52 -17.28 16.39
N THR C 65 6.82 -17.39 15.10
CA THR C 65 8.21 -17.48 14.66
C THR C 65 8.88 -16.12 14.49
N VAL C 66 8.11 -15.05 14.40
CA VAL C 66 8.65 -13.73 14.08
C VAL C 66 8.75 -12.90 15.34
N SER C 67 9.83 -12.10 15.43
CA SER C 67 9.99 -11.12 16.49
C SER C 67 10.83 -9.98 15.96
N ALA C 68 10.57 -8.76 16.46
CA ALA C 68 11.11 -7.56 15.85
C ALA C 68 12.63 -7.49 15.89
N ASP C 69 13.26 -7.87 17.00
CA ASP C 69 14.70 -7.72 17.11
C ASP C 69 15.37 -9.04 17.41
N GLN C 70 14.73 -9.89 18.20
CA GLN C 70 15.30 -11.19 18.54
C GLN C 70 15.39 -12.06 17.29
N LEU C 71 16.63 -12.46 16.98
CA LEU C 71 16.85 -13.33 15.82
C LEU C 71 16.47 -14.74 16.26
N ARG C 72 15.19 -15.05 16.15
CA ARG C 72 14.72 -16.35 16.67
C ARG C 72 15.74 -17.44 16.29
N ARG C 73 16.30 -18.09 17.30
CA ARG C 73 17.23 -19.22 17.07
C ARG C 73 16.61 -20.23 16.11
N PHE C 74 29.47 20.37 2.61
CA PHE C 74 28.42 19.55 3.19
C PHE C 74 27.15 19.64 2.37
N VAL C 75 26.41 18.53 2.31
CA VAL C 75 25.10 18.47 1.68
C VAL C 75 24.10 18.14 2.76
N LEU C 76 23.22 19.10 3.08
CA LEU C 76 22.29 18.90 4.18
C LEU C 76 21.28 17.80 3.88
N GLY C 77 20.81 17.71 2.64
CA GLY C 77 19.91 16.63 2.28
C GLY C 77 20.57 15.26 2.45
N ALA C 78 21.83 15.15 2.03
CA ALA C 78 22.56 13.90 2.23
C ALA C 78 22.78 13.60 3.70
N ILE C 79 23.06 14.62 4.51
CA ILE C 79 23.30 14.42 5.93
C ILE C 79 22.03 13.92 6.61
N ALA C 80 20.89 14.53 6.31
CA ALA C 80 19.64 14.21 6.98
C ALA C 80 18.84 13.13 6.27
N LEU C 81 19.39 12.52 5.22
CA LEU C 81 18.66 11.55 4.41
C LEU C 81 18.24 10.34 5.22
N GLY C 82 16.94 10.19 5.46
CA GLY C 82 16.40 9.03 6.13
C GLY C 82 16.59 8.99 7.63
N ARG C 83 16.97 10.11 8.26
CA ARG C 83 17.19 10.11 9.69
C ARG C 83 15.91 9.80 10.46
N ALA C 84 14.79 10.38 10.04
CA ALA C 84 13.56 10.31 10.84
C ALA C 84 13.05 8.88 10.94
N THR C 85 13.00 8.15 9.83
CA THR C 85 12.48 6.79 9.86
C THR C 85 13.35 5.90 10.74
N ALA C 86 14.67 6.00 10.60
CA ALA C 86 15.56 5.18 11.40
C ALA C 86 15.43 5.52 12.88
N ALA C 87 15.34 6.81 13.22
CA ALA C 87 15.20 7.20 14.62
C ALA C 87 13.89 6.69 15.20
N ALA C 88 12.80 6.80 14.44
CA ALA C 88 11.50 6.33 14.91
C ALA C 88 11.51 4.82 15.14
N VAL C 89 12.11 4.07 14.21
CA VAL C 89 12.21 2.62 14.36
C VAL C 89 13.05 2.29 15.59
N THR C 90 14.15 3.03 15.79
CA THR C 90 15.01 2.78 16.94
C THR C 90 14.26 3.00 18.25
N ALA C 91 13.52 4.10 18.34
CA ALA C 91 12.73 4.36 19.54
C ALA C 91 11.68 3.28 19.75
N GLY C 92 11.00 2.88 18.68
CA GLY C 92 10.03 1.82 18.80
C GLY C 92 10.63 0.54 19.35
N VAL C 93 11.79 0.16 18.81
CA VAL C 93 12.46 -1.05 19.30
C VAL C 93 12.90 -0.87 20.74
N ALA C 94 13.25 0.35 21.15
CA ALA C 94 13.66 0.58 22.53
C ALA C 94 12.50 0.31 23.49
N ILE C 95 11.35 0.94 23.25
CA ILE C 95 10.20 0.66 24.11
C ILE C 95 9.75 -0.80 23.97
N ALA C 96 9.96 -1.39 22.80
CA ALA C 96 9.63 -2.80 22.63
C ALA C 96 10.50 -3.67 23.53
N LYS C 97 11.80 -3.38 23.59
CA LYS C 97 12.68 -4.11 24.50
C LYS C 97 12.29 -3.90 25.94
N THR C 98 11.87 -2.68 26.30
CA THR C 98 11.39 -2.45 27.65
C THR C 98 10.17 -3.31 27.95
N ILE C 99 9.26 -3.44 26.99
CA ILE C 99 8.05 -4.23 27.17
C ILE C 99 8.36 -5.72 27.26
N ARG C 100 9.37 -6.18 26.50
CA ARG C 100 9.56 -7.61 26.28
C ARG C 100 9.79 -8.38 27.58
N LEU C 101 10.28 -7.72 28.62
CA LEU C 101 10.50 -8.41 29.88
C LEU C 101 9.17 -8.91 30.45
N GLU C 102 9.22 -10.10 31.06
CA GLU C 102 8.00 -10.76 31.51
C GLU C 102 7.25 -9.93 32.55
N SER C 103 7.98 -9.18 33.38
CA SER C 103 7.32 -8.37 34.41
C SER C 103 6.42 -7.32 33.78
N GLU C 104 6.87 -6.71 32.68
CA GLU C 104 6.05 -5.69 32.02
C GLU C 104 4.78 -6.28 31.42
N VAL C 105 4.89 -7.47 30.81
CA VAL C 105 3.70 -8.13 30.30
C VAL C 105 2.75 -8.48 31.45
N THR C 106 3.30 -8.92 32.57
CA THR C 106 2.47 -9.21 33.74
C THR C 106 1.73 -7.97 34.21
N ALA C 107 2.43 -6.84 34.29
CA ALA C 107 1.80 -5.60 34.74
C ALA C 107 0.71 -5.16 33.75
N ILE C 108 0.99 -5.25 32.46
CA ILE C 108 0.01 -4.85 31.46
C ILE C 108 -1.23 -5.72 31.55
N LYS C 109 -1.03 -7.03 31.70
CA LYS C 109 -2.16 -7.93 31.89
C LYS C 109 -2.93 -7.56 33.15
N ASN C 110 -2.23 -7.19 34.22
CA ASN C 110 -2.89 -6.78 35.45
C ASN C 110 -3.78 -5.56 35.22
N ALA C 111 -3.29 -4.59 34.46
CA ALA C 111 -4.06 -3.37 34.24
C ALA C 111 -5.33 -3.65 33.45
N LEU C 112 -5.25 -4.53 32.45
CA LEU C 112 -6.35 -4.68 31.51
C LEU C 112 -7.40 -5.70 31.96
N LYS C 113 -7.23 -6.31 33.13
CA LYS C 113 -8.10 -7.41 33.53
C LYS C 113 -9.56 -7.03 33.60
N THR C 114 -9.87 -5.79 33.98
CA THR C 114 -11.25 -5.37 34.20
C THR C 114 -11.65 -4.17 33.34
N THR C 115 -10.88 -3.86 32.30
CA THR C 115 -11.20 -2.71 31.46
C THR C 115 -10.73 -2.94 30.04
N ASN C 116 -11.38 -2.27 29.10
CA ASN C 116 -10.95 -2.32 27.71
C ASN C 116 -9.71 -1.46 27.48
N GLU C 117 -9.46 -0.50 28.35
CA GLU C 117 -8.34 0.41 28.18
C GLU C 117 -7.94 0.99 29.53
N ALA C 118 -6.64 1.09 29.74
CA ALA C 118 -6.11 1.72 30.95
C ALA C 118 -4.75 2.31 30.62
N VAL C 119 -4.32 3.26 31.45
CA VAL C 119 -3.05 3.96 31.27
C VAL C 119 -2.18 3.69 32.49
N SER C 120 -0.94 3.28 32.26
CA SER C 120 -0.03 2.97 33.35
C SER C 120 1.40 3.22 32.89
N THR C 121 2.28 3.40 33.86
CA THR C 121 3.71 3.58 33.62
C THR C 121 4.41 2.26 33.85
N LEU C 122 5.15 1.80 32.85
CA LEU C 122 5.86 0.53 32.97
C LEU C 122 7.11 0.72 33.84
N GLY C 123 7.92 -0.33 33.91
CA GLY C 123 9.11 -0.30 34.74
C GLY C 123 10.12 0.76 34.33
N ASN C 124 10.11 1.17 33.07
CA ASN C 124 11.01 2.23 32.62
C ASN C 124 10.61 3.59 33.18
N GLY C 125 9.41 3.71 33.74
CA GLY C 125 8.91 4.98 34.22
C GLY C 125 8.27 5.85 33.15
N VAL C 126 7.78 5.26 32.07
CA VAL C 126 7.19 6.00 30.96
C VAL C 126 5.71 5.69 30.90
N ARG C 127 4.89 6.73 30.82
CA ARG C 127 3.45 6.56 30.73
C ARG C 127 3.05 6.09 29.33
N VAL C 128 2.27 5.01 29.27
CA VAL C 128 1.80 4.45 28.01
C VAL C 128 0.36 4.01 28.18
N LEU C 129 -0.27 3.66 27.06
CA LEU C 129 -1.65 3.20 27.06
C LEU C 129 -1.70 1.72 26.66
N ALA C 130 -2.54 0.96 27.36
CA ALA C 130 -2.75 -0.44 27.06
C ALA C 130 -4.23 -0.68 26.86
N THR C 131 -4.58 -1.28 25.71
CA THR C 131 -5.95 -1.56 25.38
C THR C 131 -6.08 -3.01 24.95
N ALA C 132 -7.25 -3.58 25.16
CA ALA C 132 -7.51 -4.99 24.87
C ALA C 132 -8.64 -5.11 23.86
N VAL C 133 -8.52 -6.09 22.97
CA VAL C 133 -9.54 -6.41 21.98
C VAL C 133 -10.04 -7.82 22.28
N ARG C 134 -11.33 -7.93 22.58
CA ARG C 134 -11.88 -9.14 23.17
C ARG C 134 -12.95 -9.82 22.33
N GLU C 135 -13.24 -9.33 21.12
CA GLU C 135 -14.32 -9.92 20.35
C GLU C 135 -14.03 -11.37 19.98
N LEU C 136 -12.79 -11.66 19.56
CA LEU C 136 -12.51 -13.00 19.03
C LEU C 136 -12.68 -14.06 20.10
N LYS C 137 -12.04 -13.89 21.26
CA LYS C 137 -12.16 -14.89 22.32
C LYS C 137 -13.57 -14.94 22.87
N ASP C 138 -14.24 -13.78 22.97
CA ASP C 138 -15.62 -13.76 23.44
C ASP C 138 -16.50 -14.64 22.55
N PHE C 139 -16.42 -14.43 21.24
CA PHE C 139 -17.22 -15.23 20.33
C PHE C 139 -16.84 -16.69 20.40
N VAL C 140 -15.54 -16.99 20.38
CA VAL C 140 -15.10 -18.39 20.38
C VAL C 140 -15.59 -19.10 21.63
N SER C 141 -15.52 -18.43 22.78
CA SER C 141 -15.98 -19.03 24.04
C SER C 141 -17.50 -19.06 24.01
N LYS C 142 -18.12 -17.91 24.13
CA LYS C 142 -19.59 -17.84 24.19
C LYS C 142 -20.26 -18.73 23.15
N ASN C 143 -19.98 -18.55 21.85
CA ASN C 143 -20.77 -19.28 20.80
C ASN C 143 -19.90 -20.42 20.19
N LEU C 144 -18.82 -20.28 19.39
CA LEU C 144 -18.02 -21.38 18.79
C LEU C 144 -17.97 -22.63 19.66
N THR C 145 -17.47 -22.51 20.89
CA THR C 145 -17.24 -23.68 21.73
C THR C 145 -18.55 -24.38 22.09
N ARG C 146 -19.59 -23.59 22.36
CA ARG C 146 -20.90 -24.19 22.63
C ARG C 146 -21.42 -24.94 21.42
N ALA C 147 -21.26 -24.37 20.21
CA ALA C 147 -21.69 -25.06 19.01
C ALA C 147 -20.88 -26.32 18.77
N ILE C 148 -19.57 -26.28 19.00
CA ILE C 148 -18.70 -27.43 18.84
C ILE C 148 -18.77 -28.26 20.11
N ASN C 149 -19.72 -29.21 20.15
CA ASN C 149 -19.96 -29.96 21.39
C ASN C 149 -19.09 -31.20 21.48
N LYS C 150 -19.11 -32.03 20.43
CA LYS C 150 -18.49 -33.35 20.47
C LYS C 150 -17.65 -33.57 19.21
N ASN C 151 -16.80 -32.60 18.90
CA ASN C 151 -15.92 -32.62 17.73
C ASN C 151 -16.70 -32.49 16.42
N LYS C 152 -17.98 -32.14 16.51
CA LYS C 152 -18.83 -32.02 15.34
C LYS C 152 -18.91 -30.57 14.89
N CYS C 153 -18.59 -30.32 13.62
CA CYS C 153 -18.67 -28.98 13.06
C CYS C 153 -19.40 -28.93 11.73
N ASP C 154 -19.97 -30.04 11.27
CA ASP C 154 -20.71 -30.04 10.01
C ASP C 154 -22.09 -29.43 10.17
N ILE C 155 -22.49 -29.09 11.40
CA ILE C 155 -23.83 -28.58 11.66
C ILE C 155 -24.14 -27.43 10.72
N ASP C 156 -25.25 -27.54 10.00
CA ASP C 156 -25.62 -26.64 8.91
C ASP C 156 -26.36 -25.40 9.42
N ASP C 157 -25.88 -24.78 10.51
CA ASP C 157 -26.47 -23.53 10.98
C ASP C 157 -26.10 -22.37 10.06
N LEU C 158 -24.86 -22.35 9.56
CA LEU C 158 -24.40 -21.40 8.54
C LEU C 158 -24.34 -19.97 9.06
N LYS C 159 -24.77 -19.76 10.31
CA LYS C 159 -24.69 -18.44 10.91
C LYS C 159 -23.35 -18.25 11.61
N MET C 160 -22.98 -19.23 12.43
CA MET C 160 -21.73 -19.13 13.18
C MET C 160 -20.52 -19.08 12.26
N ALA C 161 -20.59 -19.75 11.11
CA ALA C 161 -19.48 -19.73 10.17
C ALA C 161 -19.22 -18.32 9.67
N VAL C 162 -20.25 -17.64 9.17
CA VAL C 162 -20.08 -16.31 8.62
C VAL C 162 -19.76 -15.32 9.73
N SER C 163 -20.38 -15.48 10.91
CA SER C 163 -20.05 -14.59 12.01
C SER C 163 -18.59 -14.75 12.43
N PHE C 164 -18.10 -15.99 12.44
CA PHE C 164 -16.70 -16.24 12.78
C PHE C 164 -15.77 -15.65 11.73
N SER C 165 -16.14 -15.75 10.46
CA SER C 165 -15.32 -15.11 9.43
C SER C 165 -15.30 -13.59 9.65
N GLN C 166 -16.45 -13.00 9.94
CA GLN C 166 -16.51 -11.56 10.19
C GLN C 166 -15.61 -11.17 11.37
N PHE C 167 -15.66 -11.94 12.45
CA PHE C 167 -14.90 -11.58 13.64
C PHE C 167 -13.41 -11.78 13.43
N ASN C 168 -13.00 -12.91 12.86
CA ASN C 168 -11.57 -13.20 12.77
C ASN C 168 -10.94 -12.63 11.51
N ARG C 169 -11.70 -11.94 10.66
CA ARG C 169 -11.10 -11.27 9.53
C ARG C 169 -10.08 -10.24 9.99
N ARG C 170 -10.39 -9.49 11.04
CA ARG C 170 -9.44 -8.51 11.58
C ARG C 170 -8.17 -9.21 12.05
N PHE C 171 -8.31 -10.31 12.79
CA PHE C 171 -7.14 -11.01 13.32
C PHE C 171 -6.27 -11.57 12.21
N LEU C 172 -6.90 -12.18 11.21
CA LEU C 172 -6.15 -12.70 10.07
C LEU C 172 -5.44 -11.58 9.32
N ASN C 173 -6.12 -10.45 9.13
CA ASN C 173 -5.48 -9.32 8.44
C ASN C 173 -4.28 -8.83 9.22
N VAL C 174 -4.41 -8.69 10.53
CA VAL C 174 -3.31 -8.21 11.36
C VAL C 174 -2.12 -9.16 11.27
N VAL C 175 -2.38 -10.46 11.44
CA VAL C 175 -1.31 -11.45 11.43
C VAL C 175 -0.63 -11.49 10.07
N ARG C 176 -1.42 -11.46 8.99
CA ARG C 176 -0.82 -11.55 7.65
C ARG C 176 -0.03 -10.30 7.32
N GLN C 177 -0.51 -9.12 7.73
CA GLN C 177 0.28 -7.91 7.51
C GLN C 177 1.59 -7.94 8.29
N PHE C 178 1.53 -8.43 9.53
CA PHE C 178 2.76 -8.52 10.31
C PHE C 178 3.74 -9.51 9.69
N SER C 179 3.24 -10.64 9.18
CA SER C 179 4.11 -11.59 8.50
C SER C 179 4.70 -11.00 7.24
N GLU C 180 3.90 -10.23 6.49
CA GLU C 180 4.41 -9.56 5.30
C GLU C 180 5.52 -8.57 5.65
N ASN C 181 5.33 -7.80 6.71
CA ASN C 181 6.27 -6.74 7.07
C ASN C 181 7.43 -7.22 7.93
N ALA C 182 7.41 -8.49 8.37
CA ALA C 182 8.43 -9.04 9.24
C ALA C 182 8.57 -8.23 10.53
N GLY C 183 7.46 -7.71 11.04
CA GLY C 183 7.41 -7.07 12.33
C GLY C 183 7.42 -5.56 12.31
N ILE C 184 7.75 -4.92 11.18
CA ILE C 184 7.85 -3.48 11.09
C ILE C 184 6.92 -3.02 9.98
N THR C 185 5.72 -2.56 10.34
CA THR C 185 4.80 -2.04 9.35
C THR C 185 5.23 -0.64 8.92
N PRO C 186 4.96 -0.26 7.68
CA PRO C 186 5.29 1.10 7.23
C PRO C 186 4.16 2.08 7.51
N ALA C 187 2.96 1.56 7.71
CA ALA C 187 1.78 2.39 7.97
C ALA C 187 0.90 1.66 8.98
N ILE C 188 -0.26 2.25 9.25
CA ILE C 188 -1.22 1.69 10.20
C ILE C 188 -2.51 1.44 9.45
N SER C 189 -2.81 0.18 9.18
CA SER C 189 -4.07 -0.17 8.53
C SER C 189 -5.23 0.01 9.51
N LEU C 190 -6.44 0.04 8.97
CA LEU C 190 -7.63 0.10 9.81
C LEU C 190 -7.80 -1.15 10.64
N ASP C 191 -7.13 -2.25 10.29
CA ASP C 191 -7.20 -3.46 11.09
C ASP C 191 -6.35 -3.34 12.35
N LEU C 192 -5.19 -2.68 12.25
CA LEU C 192 -4.34 -2.49 13.42
C LEU C 192 -5.04 -1.64 14.47
N MET C 193 -5.73 -0.59 14.05
CA MET C 193 -6.36 0.34 14.98
C MET C 193 -7.48 1.05 14.24
N THR C 194 -8.72 0.83 14.66
CA THR C 194 -9.87 1.41 13.99
C THR C 194 -9.98 2.90 14.29
N ASP C 195 -10.93 3.55 13.63
CA ASP C 195 -11.09 5.00 13.78
C ASP C 195 -11.44 5.38 15.22
N ALA C 196 -12.33 4.61 15.85
CA ALA C 196 -12.73 4.92 17.21
C ALA C 196 -11.55 4.82 18.17
N GLU C 197 -10.73 3.77 18.02
CA GLU C 197 -9.58 3.62 18.89
C GLU C 197 -8.57 4.75 18.67
N LEU C 198 -8.37 5.15 17.41
CA LEU C 198 -7.50 6.28 17.12
C LEU C 198 -8.02 7.54 17.80
N ALA C 199 -9.33 7.78 17.71
CA ALA C 199 -9.90 8.96 18.37
C ALA C 199 -9.70 8.91 19.87
N ARG C 200 -9.88 7.73 20.48
CA ARG C 200 -9.68 7.62 21.92
C ARG C 200 -8.23 7.86 22.30
N ALA C 201 -7.29 7.38 21.48
CA ALA C 201 -5.87 7.54 21.80
C ALA C 201 -5.46 9.00 21.79
N ILE C 202 -6.10 9.81 20.94
CA ILE C 202 -5.75 11.22 20.84
C ILE C 202 -6.12 11.96 22.13
N SER C 203 -7.23 11.58 22.75
CA SER C 203 -7.77 12.33 23.88
C SER C 203 -6.98 12.10 25.17
N ASN C 204 -5.92 11.31 25.11
CA ASN C 204 -5.09 11.04 26.28
C ASN C 204 -3.66 11.49 26.10
N MET C 205 -3.35 12.25 25.05
CA MET C 205 -1.99 12.68 24.81
C MET C 205 -1.62 13.80 25.77
N PRO C 206 -0.34 13.93 26.12
CA PRO C 206 0.09 14.97 27.08
C PRO C 206 0.32 16.33 26.42
N THR C 207 -0.76 16.93 25.93
CA THR C 207 -0.71 18.25 25.32
C THR C 207 -1.95 19.03 25.73
N SER C 208 -1.92 20.34 25.45
CA SER C 208 -3.05 21.19 25.80
C SER C 208 -4.22 20.97 24.84
N ALA C 209 -5.29 21.75 25.05
CA ALA C 209 -6.54 21.50 24.33
C ALA C 209 -6.41 21.79 22.84
N GLY C 210 -5.63 22.79 22.46
CA GLY C 210 -5.59 23.18 21.05
C GLY C 210 -5.05 22.10 20.15
N GLN C 211 -3.93 21.50 20.54
CA GLN C 211 -3.34 20.42 19.75
C GLN C 211 -4.24 19.21 19.71
N ILE C 212 -4.90 18.90 20.83
CA ILE C 212 -5.84 17.79 20.86
C ILE C 212 -6.96 18.01 19.86
N LYS C 213 -7.53 19.22 19.85
CA LYS C 213 -8.60 19.53 18.92
C LYS C 213 -8.12 19.45 17.48
N LEU C 214 -6.95 20.02 17.21
CA LEU C 214 -6.43 20.03 15.83
C LEU C 214 -6.18 18.61 15.33
N MET C 215 -5.61 17.75 16.16
CA MET C 215 -5.32 16.39 15.73
C MET C 215 -6.61 15.55 15.67
N LEU C 216 -7.59 15.87 16.51
CA LEU C 216 -8.88 15.20 16.42
C LEU C 216 -9.59 15.55 15.12
N GLU C 217 -9.46 16.80 14.67
CA GLU C 217 -10.07 17.19 13.41
C GLU C 217 -9.28 16.74 12.19
N ASN C 218 -8.08 16.20 12.39
CA ASN C 218 -7.22 15.74 11.30
C ASN C 218 -6.62 14.37 11.63
N ARG C 219 -7.45 13.43 12.06
CA ARG C 219 -6.97 12.12 12.47
C ARG C 219 -6.21 11.41 11.35
N ALA C 220 -6.58 11.69 10.10
CA ALA C 220 -5.97 10.98 8.98
C ALA C 220 -4.47 11.22 8.89
N MET C 221 -4.03 12.46 9.04
CA MET C 221 -2.59 12.73 9.00
C MET C 221 -1.88 12.26 10.25
N VAL C 222 -2.59 12.14 11.38
CA VAL C 222 -2.02 11.48 12.55
C VAL C 222 -1.72 10.02 12.22
N ARG C 223 -2.66 9.36 11.54
CA ARG C 223 -2.47 7.98 11.15
C ARG C 223 -1.33 7.83 10.14
N ARG C 224 -1.23 8.79 9.22
CA ARG C 224 -0.32 8.63 8.08
C ARG C 224 1.14 8.48 8.53
N LYS C 225 1.57 9.26 9.51
CA LYS C 225 2.99 9.29 9.87
C LYS C 225 3.37 8.26 10.93
N GLY C 226 2.44 7.43 11.38
CA GLY C 226 2.76 6.44 12.39
C GLY C 226 2.98 5.06 11.81
N PHE C 227 3.54 4.18 12.64
CA PHE C 227 3.75 2.79 12.27
C PHE C 227 3.74 1.92 13.51
N GLY C 228 3.43 0.65 13.31
CA GLY C 228 3.31 -0.30 14.40
C GLY C 228 4.37 -1.38 14.34
N ILE C 229 4.89 -1.77 15.50
CA ILE C 229 5.95 -2.76 15.62
C ILE C 229 5.45 -3.92 16.44
N LEU C 230 5.77 -5.14 16.01
CA LEU C 230 5.31 -6.34 16.68
C LEU C 230 6.04 -6.52 18.00
N ILE C 231 5.30 -6.95 19.03
CA ILE C 231 5.89 -7.25 20.33
C ILE C 231 6.23 -8.73 20.45
N GLY C 232 5.34 -9.60 19.98
CA GLY C 232 5.56 -11.03 20.02
C GLY C 232 4.29 -11.73 20.45
N VAL C 233 4.42 -13.04 20.69
CA VAL C 233 3.31 -13.88 21.12
C VAL C 233 3.51 -14.24 22.57
N TYR C 234 2.52 -13.97 23.40
CA TYR C 234 2.57 -14.28 24.83
C TYR C 234 1.27 -15.00 25.19
N GLY C 235 1.38 -16.29 25.47
CA GLY C 235 0.18 -17.07 25.71
C GLY C 235 -0.68 -17.15 24.47
N SER C 236 -1.99 -17.25 24.67
CA SER C 236 -2.91 -17.29 23.55
C SER C 236 -2.98 -15.94 22.85
N SER C 237 -2.75 -14.87 23.58
CA SER C 237 -2.92 -13.53 23.04
C SER C 237 -1.75 -13.13 22.16
N VAL C 238 -1.98 -12.09 21.35
CA VAL C 238 -0.94 -11.49 20.50
C VAL C 238 -0.79 -10.04 20.89
N ILE C 239 0.45 -9.59 21.04
CA ILE C 239 0.75 -8.24 21.52
C ILE C 239 1.50 -7.48 20.43
N TYR C 240 1.04 -6.27 20.14
CA TYR C 240 1.70 -5.37 19.21
C TYR C 240 1.41 -3.94 19.65
N MET C 241 2.25 -3.02 19.22
CA MET C 241 2.16 -1.63 19.65
C MET C 241 2.17 -0.69 18.45
N VAL C 242 1.64 0.51 18.66
CA VAL C 242 1.47 1.51 17.60
C VAL C 242 2.08 2.82 18.09
N GLN C 243 2.89 3.46 17.23
CA GLN C 243 3.44 4.77 17.52
C GLN C 243 2.61 5.84 16.82
N LEU C 244 1.97 6.69 17.61
CA LEU C 244 1.23 7.83 17.10
C LEU C 244 1.96 9.11 17.44
N PRO C 245 2.23 9.98 16.46
CA PRO C 245 3.04 11.17 16.74
C PRO C 245 2.32 12.16 17.64
N ILE C 246 3.12 12.96 18.34
CA ILE C 246 2.61 14.02 19.22
C ILE C 246 3.03 15.36 18.63
N PHE C 247 2.05 16.15 18.19
CA PHE C 247 2.33 17.43 17.55
C PHE C 247 2.32 18.54 18.61
N GLY C 248 3.48 18.71 19.23
CA GLY C 248 3.58 19.69 20.31
C GLY C 248 3.48 21.13 19.84
N VAL C 249 4.11 21.45 18.71
CA VAL C 249 4.22 22.82 18.22
C VAL C 249 3.31 22.98 17.01
N ILE C 250 2.49 24.03 17.03
CA ILE C 250 1.54 24.30 15.95
C ILE C 250 1.56 25.79 15.63
N ASP C 251 1.00 26.12 14.46
CA ASP C 251 0.62 27.49 14.10
C ASP C 251 1.81 28.43 13.91
N THR C 252 2.99 27.91 14.21
CA THR C 252 4.19 28.74 14.07
C THR C 252 4.35 29.00 12.62
N PRO C 253 5.04 30.04 12.12
CA PRO C 253 5.00 30.26 10.69
C PRO C 253 5.98 29.53 9.74
N CYS C 254 5.58 28.53 8.92
CA CYS C 254 6.51 27.69 8.10
C CYS C 254 6.77 28.45 6.74
N TRP C 255 7.98 28.95 6.37
CA TRP C 255 8.26 29.57 5.02
C TRP C 255 8.22 28.56 3.86
N ILE C 256 9.04 28.66 2.78
CA ILE C 256 9.23 27.64 1.64
C ILE C 256 10.07 28.24 0.48
N VAL C 257 11.08 27.57 -0.09
CA VAL C 257 11.90 28.18 -1.14
C VAL C 257 12.04 27.17 -2.27
N LYS C 258 11.61 27.56 -3.46
CA LYS C 258 11.77 26.79 -4.68
C LYS C 258 12.59 27.62 -5.65
N ALA C 259 13.32 26.94 -6.53
CA ALA C 259 14.24 27.65 -7.40
C ALA C 259 14.31 26.97 -8.76
N ALA C 260 14.73 27.74 -9.75
CA ALA C 260 15.01 27.28 -11.10
C ALA C 260 16.33 27.89 -11.54
N PRO C 261 17.07 27.23 -12.42
CA PRO C 261 18.38 27.74 -12.80
C PRO C 261 18.30 29.14 -13.41
N SER C 262 19.21 30.00 -12.99
CA SER C 262 19.36 31.34 -13.55
C SER C 262 20.61 31.35 -14.40
N CYS C 263 20.47 31.76 -15.66
CA CYS C 263 21.55 31.65 -16.62
C CYS C 263 21.82 33.00 -17.28
N SER C 264 23.09 33.21 -17.63
CA SER C 264 23.53 34.42 -18.31
C SER C 264 24.43 34.03 -19.47
N GLU C 265 24.48 34.88 -20.49
CA GLU C 265 25.20 34.58 -21.71
C GLU C 265 26.06 35.77 -22.13
N LYS C 266 27.21 35.46 -22.72
CA LYS C 266 28.01 36.42 -23.49
C LYS C 266 28.33 35.77 -24.83
N LYS C 267 27.39 35.87 -25.76
CA LYS C 267 27.57 35.41 -27.14
C LYS C 267 28.01 33.94 -27.20
N GLY C 268 27.13 33.07 -26.73
CA GLY C 268 27.35 31.64 -26.82
C GLY C 268 28.08 31.02 -25.64
N ASN C 269 28.77 31.81 -24.83
CA ASN C 269 29.32 31.31 -23.59
C ASN C 269 28.37 31.62 -22.44
N TYR C 270 28.22 30.65 -21.55
CA TYR C 270 27.20 30.95 -20.55
C TYR C 270 27.79 30.83 -19.21
N ALA C 271 26.97 31.06 -18.20
CA ALA C 271 27.40 30.84 -16.82
C ALA C 271 26.13 30.64 -16.01
N CYS C 272 26.12 29.73 -15.03
CA CYS C 272 24.84 29.61 -14.30
C CYS C 272 24.93 29.31 -12.81
N LEU C 273 23.94 29.82 -12.05
CA LEU C 273 23.94 29.66 -10.58
C LEU C 273 22.53 29.38 -10.06
N LEU C 274 22.33 28.19 -9.50
CA LEU C 274 21.06 27.76 -8.93
C LEU C 274 21.20 27.68 -7.42
N ARG C 275 20.18 28.16 -6.72
CA ARG C 275 20.17 28.06 -5.26
C ARG C 275 20.13 26.61 -4.83
N GLU C 276 20.79 26.32 -3.70
CA GLU C 276 20.87 24.95 -3.21
C GLU C 276 20.43 24.85 -1.76
N ASP C 277 19.49 25.70 -1.34
CA ASP C 277 18.92 25.61 -0.01
C ASP C 277 17.42 25.37 -0.09
N GLN C 278 16.97 24.66 -1.13
CA GLN C 278 15.56 24.44 -1.35
C GLN C 278 14.96 23.55 -0.26
N GLY C 279 13.68 23.77 0.02
CA GLY C 279 12.97 23.02 1.02
C GLY C 279 12.24 23.94 1.99
N TRP C 280 11.56 23.32 2.95
CA TRP C 280 10.75 24.05 3.91
C TRP C 280 11.60 24.60 5.04
N TYR C 281 11.13 25.71 5.60
CA TYR C 281 11.74 26.35 6.77
C TYR C 281 10.65 26.62 7.80
N CYS C 282 10.91 26.29 9.04
CA CYS C 282 9.93 26.44 10.11
C CYS C 282 10.54 27.25 11.26
N GLN C 283 9.77 28.21 11.76
CA GLN C 283 10.10 28.84 13.04
C GLN C 283 9.64 27.92 14.16
N ASN C 284 10.34 27.98 15.30
CA ASN C 284 9.94 27.20 16.46
C ASN C 284 10.59 27.81 17.68
N ALA C 285 9.78 28.44 18.53
CA ALA C 285 10.25 29.02 19.80
C ALA C 285 11.44 29.96 19.60
N GLY C 286 11.41 30.74 18.53
CA GLY C 286 12.47 31.68 18.25
C GLY C 286 13.60 31.16 17.39
N SER C 287 13.66 29.86 17.15
CA SER C 287 14.69 29.29 16.30
C SER C 287 14.12 28.93 14.93
N THR C 288 14.97 28.37 14.07
CA THR C 288 14.57 28.01 12.72
C THR C 288 15.04 26.60 12.41
N VAL C 289 14.14 25.81 11.83
CA VAL C 289 14.42 24.42 11.48
C VAL C 289 14.27 24.27 9.97
N TYR C 290 15.21 23.55 9.36
CA TYR C 290 15.28 23.39 7.92
C TYR C 290 15.10 21.93 7.55
N TYR C 291 14.32 21.68 6.50
CA TYR C 291 13.94 20.33 6.10
C TYR C 291 14.23 20.13 4.63
N PRO C 292 15.50 19.89 4.27
CA PRO C 292 15.83 19.73 2.84
C PRO C 292 15.14 18.55 2.18
N ASN C 293 14.90 17.46 2.90
CA ASN C 293 14.29 16.27 2.31
C ASN C 293 12.80 16.54 2.12
N GLU C 294 12.43 16.78 0.86
CA GLU C 294 11.06 17.17 0.54
C GLU C 294 10.08 16.01 0.70
N LYS C 295 10.59 14.82 0.93
CA LYS C 295 9.57 13.77 1.19
C LYS C 295 9.07 13.98 2.60
N ASP C 296 9.86 14.65 3.45
CA ASP C 296 9.47 14.74 4.88
C ASP C 296 8.52 15.90 5.11
N CYS C 297 7.79 16.29 4.10
CA CYS C 297 6.85 17.36 4.45
C CYS C 297 5.69 17.51 3.47
N GLU C 298 4.52 17.09 3.90
CA GLU C 298 3.33 17.25 3.04
C GLU C 298 2.56 18.50 3.44
N THR C 299 1.70 18.96 2.57
CA THR C 299 0.87 20.13 2.78
C THR C 299 -0.61 19.78 2.73
N ARG C 300 -1.37 20.43 3.60
CA ARG C 300 -2.83 20.28 3.62
C ARG C 300 -3.42 21.67 3.78
N GLY C 301 -4.02 22.19 2.71
CA GLY C 301 -4.47 23.58 2.74
C GLY C 301 -3.28 24.51 2.85
N ASP C 302 -3.33 25.41 3.82
CA ASP C 302 -2.20 26.30 4.09
C ASP C 302 -1.36 25.85 5.28
N HIS C 303 -1.55 24.61 5.73
CA HIS C 303 -0.73 24.03 6.78
C HIS C 303 0.29 23.07 6.16
N VAL C 304 1.45 22.99 6.81
CA VAL C 304 2.51 22.08 6.40
C VAL C 304 2.92 21.25 7.61
N PHE C 305 3.06 19.95 7.39
CA PHE C 305 3.39 19.05 8.50
C PHE C 305 4.79 18.55 8.27
N CYS C 306 5.73 18.67 9.21
CA CYS C 306 7.10 18.11 9.05
C CYS C 306 7.52 17.27 10.26
N ASP C 307 8.52 16.37 10.15
CA ASP C 307 9.05 15.62 11.34
C ASP C 307 10.42 16.12 11.82
N THR C 308 10.51 16.76 12.99
CA THR C 308 11.67 17.45 13.53
C THR C 308 12.90 16.56 13.55
N ALA C 309 12.73 15.25 13.62
CA ALA C 309 13.87 14.34 13.58
C ALA C 309 14.64 14.47 12.28
N ALA C 310 13.96 14.75 11.16
CA ALA C 310 14.63 15.00 9.91
C ALA C 310 15.08 16.45 9.76
N GLY C 311 14.70 17.31 10.70
CA GLY C 311 15.06 18.70 10.60
C GLY C 311 16.50 18.96 10.97
N ILE C 312 16.96 20.15 10.62
CA ILE C 312 18.31 20.63 10.92
C ILE C 312 18.20 22.06 11.42
N ASN C 313 18.80 22.33 12.58
CA ASN C 313 18.70 23.67 13.15
C ASN C 313 19.57 24.65 12.35
N VAL C 314 19.00 25.80 12.03
CA VAL C 314 19.68 26.84 11.27
C VAL C 314 19.48 28.17 11.98
N ALA C 315 20.50 29.03 11.91
CA ALA C 315 20.40 30.34 12.53
C ALA C 315 19.33 31.17 11.83
N GLU C 316 18.71 32.08 12.58
CA GLU C 316 17.61 32.86 12.04
C GLU C 316 18.05 33.79 10.92
N GLN C 317 19.36 34.05 10.80
CA GLN C 317 19.85 34.90 9.73
C GLN C 317 19.72 34.26 8.36
N SER C 318 19.40 32.98 8.40
CA SER C 318 19.21 32.32 7.11
C SER C 318 18.08 33.07 6.40
N LYS C 319 16.88 33.09 6.98
CA LYS C 319 15.78 33.72 6.18
C LYS C 319 16.39 34.90 5.42
N GLU C 320 17.08 35.77 6.14
CA GLU C 320 17.66 36.97 5.50
C GLU C 320 18.18 36.71 4.09
N CYS C 321 18.74 35.56 3.84
CA CYS C 321 19.26 35.44 2.47
C CYS C 321 18.16 35.71 1.45
N ASN C 322 17.00 35.08 1.54
CA ASN C 322 15.99 35.36 0.48
C ASN C 322 15.57 36.82 0.54
N ILE C 323 16.52 37.76 0.54
CA ILE C 323 16.26 39.21 0.59
C ILE C 323 17.44 39.85 -0.13
N ASN C 324 18.63 39.48 0.29
CA ASN C 324 19.85 40.05 -0.32
C ASN C 324 20.81 38.88 -0.47
N ILE C 325 20.35 37.85 -1.14
CA ILE C 325 21.18 36.65 -1.20
C ILE C 325 22.63 36.98 -1.54
N SER C 326 22.94 38.22 -1.89
CA SER C 326 24.27 38.52 -2.41
C SER C 326 25.27 38.78 -1.28
N THR C 327 25.01 39.78 -0.43
CA THR C 327 26.01 40.26 0.52
C THR C 327 25.69 39.89 1.96
N THR C 328 24.71 39.02 2.19
CA THR C 328 24.39 38.66 3.57
C THR C 328 25.53 37.88 4.22
N ASN C 329 25.66 38.05 5.54
CA ASN C 329 26.71 37.35 6.26
C ASN C 329 26.40 35.86 6.35
N TYR C 330 25.13 35.49 6.26
CA TYR C 330 24.76 34.09 6.28
C TYR C 330 25.26 33.40 5.02
N PRO C 331 25.91 32.24 5.13
CA PRO C 331 26.47 31.57 3.95
C PRO C 331 25.38 30.93 3.11
N CYS C 332 25.41 31.20 1.81
CA CYS C 332 24.41 30.65 0.91
C CYS C 332 25.02 29.58 0.02
N LYS C 333 24.34 28.44 -0.10
CA LYS C 333 24.83 27.36 -0.93
C LYS C 333 24.21 27.43 -2.32
N VAL C 334 25.08 27.39 -3.33
CA VAL C 334 24.67 27.46 -4.73
C VAL C 334 25.42 26.40 -5.51
N SER C 335 24.88 26.04 -6.66
CA SER C 335 25.54 25.15 -7.61
C SER C 335 25.72 25.87 -8.93
N THR C 336 26.92 25.72 -9.50
CA THR C 336 27.30 26.42 -10.71
C THR C 336 27.20 25.48 -11.91
N GLY C 337 27.13 26.09 -13.10
CA GLY C 337 27.02 25.32 -14.32
C GLY C 337 27.45 26.09 -15.55
N ARG C 338 28.25 25.46 -16.41
CA ARG C 338 28.58 26.05 -17.70
C ARG C 338 27.63 25.52 -18.76
N ASN C 339 26.44 25.08 -18.35
CA ASN C 339 25.48 24.45 -19.25
C ASN C 339 24.08 24.92 -18.87
N PRO C 340 23.50 25.84 -19.64
CA PRO C 340 22.12 26.25 -19.37
C PRO C 340 21.16 25.09 -19.59
N ILE C 341 20.08 25.09 -18.80
CA ILE C 341 19.08 24.04 -18.83
C ILE C 341 17.70 24.67 -18.91
N SER C 342 16.87 24.16 -19.80
CA SER C 342 15.50 24.63 -19.95
C SER C 342 14.56 23.71 -19.18
N MET C 343 13.97 24.24 -18.11
CA MET C 343 13.10 23.44 -17.27
C MET C 343 12.18 24.37 -16.50
N VAL C 344 11.11 23.80 -15.96
CA VAL C 344 10.15 24.57 -15.18
C VAL C 344 10.08 24.03 -13.76
N ALA C 345 10.16 24.93 -12.79
CA ALA C 345 10.05 24.59 -11.38
C ALA C 345 8.72 25.11 -10.85
N LEU C 346 7.94 24.22 -10.26
CA LEU C 346 6.61 24.58 -9.80
C LEU C 346 6.65 25.12 -8.37
N SER C 347 5.75 26.05 -8.09
CA SER C 347 5.59 26.62 -6.76
C SER C 347 4.10 26.70 -6.45
N PRO C 348 3.73 26.77 -5.18
CA PRO C 348 2.29 26.81 -4.85
C PRO C 348 1.53 27.96 -5.49
N LEU C 349 2.18 29.08 -5.74
CA LEU C 349 1.49 30.25 -6.30
C LEU C 349 1.94 30.60 -7.71
N GLY C 350 2.83 29.80 -8.31
CA GLY C 350 3.29 30.12 -9.64
C GLY C 350 4.21 29.04 -10.16
N ALA C 351 5.01 29.40 -11.16
CA ALA C 351 6.04 28.51 -11.68
C ALA C 351 7.11 29.32 -12.37
N LEU C 352 8.35 29.12 -11.96
CA LEU C 352 9.49 29.69 -12.67
C LEU C 352 9.71 28.94 -13.97
N VAL C 353 10.05 29.66 -15.02
CA VAL C 353 10.33 29.07 -16.32
C VAL C 353 11.75 29.44 -16.74
N ALA C 354 12.50 28.46 -17.24
CA ALA C 354 13.85 28.86 -17.73
C ALA C 354 14.13 28.38 -19.15
N CYS C 355 13.27 28.74 -20.07
CA CYS C 355 13.48 28.25 -21.43
C CYS C 355 14.67 28.97 -22.00
N TYR C 356 15.87 28.41 -21.93
CA TYR C 356 16.99 29.11 -22.62
C TYR C 356 17.60 28.15 -23.58
N LYS C 357 17.79 28.53 -24.86
CA LYS C 357 18.44 27.71 -25.90
C LYS C 357 17.47 27.41 -26.98
N GLY C 358 17.96 26.75 -28.03
CA GLY C 358 16.96 26.22 -28.93
C GLY C 358 15.81 25.47 -28.28
N VAL C 359 15.02 26.14 -27.46
CA VAL C 359 13.79 25.60 -26.90
C VAL C 359 12.70 26.63 -27.10
N SER C 360 11.50 26.20 -27.44
CA SER C 360 10.40 27.20 -27.49
C SER C 360 9.44 26.92 -26.33
N CYS C 361 8.65 27.88 -25.92
CA CYS C 361 7.73 27.48 -24.83
C CYS C 361 6.68 28.53 -24.60
N SER C 362 5.45 28.08 -24.52
CA SER C 362 4.40 29.10 -24.42
C SER C 362 3.49 28.80 -23.28
N ILE C 363 2.96 29.87 -22.75
CA ILE C 363 1.93 29.58 -21.77
C ILE C 363 0.59 29.55 -22.46
N GLY C 364 -0.37 28.83 -21.88
CA GLY C 364 -1.66 28.67 -22.49
C GLY C 364 -2.74 28.45 -21.44
N SER C 365 -3.98 28.50 -21.92
CA SER C 365 -5.15 28.30 -21.07
C SER C 365 -5.91 27.06 -21.52
N ASN C 366 -6.74 26.54 -20.62
CA ASN C 366 -7.49 25.32 -20.92
C ASN C 366 -8.48 25.52 -22.07
N ARG C 367 -9.17 26.65 -22.09
CA ARG C 367 -10.20 26.89 -23.10
C ARG C 367 -9.64 27.46 -24.40
N VAL C 368 -8.69 28.39 -24.31
CA VAL C 368 -8.23 29.08 -25.51
C VAL C 368 -6.99 28.41 -26.12
N GLY C 369 -6.06 27.95 -25.30
CA GLY C 369 -4.81 27.44 -25.85
C GLY C 369 -3.69 28.44 -25.66
N ILE C 370 -2.73 28.41 -26.59
CA ILE C 370 -1.56 29.28 -26.47
C ILE C 370 -1.98 30.74 -26.39
N ILE C 371 -1.52 31.43 -25.37
CA ILE C 371 -1.87 32.84 -25.18
C ILE C 371 -0.80 33.75 -25.78
N LYS C 372 0.45 33.54 -25.39
CA LYS C 372 1.53 34.38 -25.85
C LYS C 372 2.85 33.61 -25.79
N GLN C 373 3.83 34.11 -26.54
CA GLN C 373 5.16 33.52 -26.54
C GLN C 373 5.98 34.09 -25.39
N LEU C 374 6.89 33.27 -24.87
CA LEU C 374 7.72 33.68 -23.75
C LEU C 374 9.10 34.13 -24.21
N ASN C 375 9.85 34.72 -23.29
CA ASN C 375 11.14 35.31 -23.60
C ASN C 375 12.28 34.37 -23.22
N LYS C 376 13.46 34.68 -23.74
CA LYS C 376 14.66 33.98 -23.32
C LYS C 376 15.05 34.39 -21.91
N GLY C 377 15.36 33.40 -21.08
CA GLY C 377 15.82 33.68 -19.73
C GLY C 377 14.83 33.34 -18.63
N CYS C 378 14.78 34.19 -17.61
CA CYS C 378 13.98 33.96 -16.42
C CYS C 378 12.71 34.78 -16.50
N SER C 379 11.58 34.14 -16.16
CA SER C 379 10.29 34.82 -16.10
C SER C 379 9.42 34.11 -15.08
N TYR C 380 8.57 34.88 -14.40
CA TYR C 380 7.65 34.33 -13.42
C TYR C 380 6.24 34.34 -13.98
N ILE C 381 5.56 33.21 -13.88
CA ILE C 381 4.20 33.05 -14.37
C ILE C 381 3.30 32.75 -13.18
N THR C 382 2.33 33.62 -12.94
CA THR C 382 1.36 33.36 -11.89
C THR C 382 0.32 32.35 -12.38
N ASN C 383 -0.36 31.72 -11.43
CA ASN C 383 -1.41 30.76 -11.77
C ASN C 383 -2.63 31.48 -12.30
N GLN C 384 -2.65 32.81 -12.23
CA GLN C 384 -3.76 33.61 -12.73
C GLN C 384 -3.57 34.06 -14.17
N ASP C 385 -2.32 34.28 -14.60
CA ASP C 385 -2.09 34.70 -15.98
C ASP C 385 -2.50 33.62 -16.97
N ALA C 386 -2.18 32.36 -16.66
CA ALA C 386 -2.48 31.25 -17.55
C ALA C 386 -2.65 29.99 -16.71
N ASP C 387 -2.80 28.87 -17.40
CA ASP C 387 -3.02 27.58 -16.74
C ASP C 387 -1.92 26.58 -16.99
N THR C 388 -1.41 26.51 -18.22
CA THR C 388 -0.43 25.50 -18.60
C THR C 388 0.82 26.17 -19.16
N VAL C 389 1.96 25.53 -18.93
CA VAL C 389 3.24 25.98 -19.46
C VAL C 389 3.79 24.87 -20.34
N THR C 390 4.08 25.22 -21.59
CA THR C 390 4.53 24.24 -22.59
C THR C 390 6.00 24.47 -22.90
N ILE C 391 6.78 23.40 -22.87
CA ILE C 391 8.21 23.43 -23.17
C ILE C 391 8.44 22.47 -24.32
N ASP C 392 8.45 23.00 -25.55
CA ASP C 392 8.62 22.22 -26.79
C ASP C 392 7.91 20.87 -26.72
N ASN C 393 6.59 20.91 -26.55
CA ASN C 393 5.71 19.73 -26.57
C ASN C 393 5.84 18.90 -25.29
N THR C 394 6.14 19.56 -24.18
CA THR C 394 5.93 18.98 -22.85
C THR C 394 5.13 19.99 -22.03
N VAL C 395 3.99 19.55 -21.51
CA VAL C 395 3.03 20.45 -20.88
C VAL C 395 3.04 20.24 -19.38
N TYR C 396 3.13 21.34 -18.64
CA TYR C 396 3.03 21.35 -17.19
C TYR C 396 1.80 22.15 -16.80
N GLN C 397 1.29 21.89 -15.61
CA GLN C 397 0.07 22.53 -15.13
C GLN C 397 0.37 23.36 -13.89
N LEU C 398 -0.33 24.49 -13.76
CA LEU C 398 -0.16 25.34 -12.60
C LEU C 398 -1.15 24.96 -11.51
N SER C 399 -0.72 25.09 -10.26
CA SER C 399 -1.64 24.91 -9.14
C SER C 399 -2.43 26.20 -8.91
N LYS C 400 -3.75 26.11 -9.04
CA LYS C 400 -4.62 27.28 -8.91
C LYS C 400 -4.91 27.65 -7.47
N VAL C 401 -3.87 27.83 -6.66
CA VAL C 401 -4.08 28.16 -5.25
C VAL C 401 -4.38 29.64 -5.12
N GLU C 402 -5.45 29.96 -4.39
CA GLU C 402 -5.81 31.36 -4.15
C GLU C 402 -4.73 32.04 -3.31
N GLY C 403 -4.42 33.27 -3.67
CA GLY C 403 -3.43 34.01 -2.92
C GLY C 403 -3.06 35.29 -3.64
N GLU C 404 -1.98 35.92 -3.16
CA GLU C 404 -1.48 37.15 -3.73
C GLU C 404 0.00 36.99 -4.05
N GLN C 405 0.45 37.71 -5.08
CA GLN C 405 1.81 37.57 -5.59
C GLN C 405 2.48 38.93 -5.64
N HIS C 406 3.80 38.92 -5.51
CA HIS C 406 4.59 40.15 -5.61
C HIS C 406 5.89 39.85 -6.33
N VAL C 407 6.29 40.75 -7.20
CA VAL C 407 7.59 40.65 -7.84
C VAL C 407 8.52 41.70 -7.23
N ILE C 408 9.78 41.34 -7.05
CA ILE C 408 10.78 42.23 -6.49
C ILE C 408 11.88 42.42 -7.52
N LYS C 409 12.14 43.66 -7.90
CA LYS C 409 13.11 43.95 -8.94
C LYS C 409 14.53 43.75 -8.43
N GLY C 410 15.46 43.66 -9.37
CA GLY C 410 16.86 43.46 -9.05
C GLY C 410 17.59 42.73 -10.15
N ARG C 411 18.81 43.16 -10.46
CA ARG C 411 19.59 42.51 -11.50
C ARG C 411 19.92 41.08 -11.08
N PRO C 412 19.70 40.08 -11.92
CA PRO C 412 20.01 38.70 -11.54
C PRO C 412 21.48 38.54 -11.21
N VAL C 413 21.75 37.71 -10.19
CA VAL C 413 23.12 37.51 -9.74
C VAL C 413 23.96 36.88 -10.85
N SER C 414 23.36 35.98 -11.63
CA SER C 414 24.09 35.35 -12.72
C SER C 414 24.54 36.37 -13.76
N SER C 415 23.78 37.46 -13.92
CA SER C 415 24.13 38.47 -14.91
C SER C 415 25.43 39.18 -14.58
N SER C 416 25.90 39.09 -13.33
CA SER C 416 27.14 39.74 -12.95
C SER C 416 28.37 38.88 -13.20
N PHE C 417 28.20 37.66 -13.72
CA PHE C 417 29.31 36.75 -13.95
C PHE C 417 29.68 36.74 -15.42
N ASP C 418 30.94 37.04 -15.71
CA ASP C 418 31.47 36.80 -17.05
C ASP C 418 31.73 35.32 -17.23
N PRO C 419 31.42 34.76 -18.41
CA PRO C 419 31.62 33.31 -18.60
C PRO C 419 33.06 32.88 -18.43
N ILE C 420 34.02 33.72 -18.84
CA ILE C 420 35.42 33.45 -18.56
C ILE C 420 35.67 33.66 -17.08
N LYS C 421 36.50 32.81 -16.49
CA LYS C 421 36.81 32.73 -15.05
C LYS C 421 35.66 32.16 -14.24
N PHE C 422 34.64 31.61 -14.87
CA PHE C 422 33.57 30.95 -14.14
C PHE C 422 34.08 29.61 -13.62
N PRO C 423 34.09 29.37 -12.32
CA PRO C 423 34.68 28.13 -11.79
C PRO C 423 33.92 26.90 -12.28
N PRO C 424 34.51 25.70 -12.13
CA PRO C 424 33.86 24.48 -12.63
C PRO C 424 32.55 24.16 -11.94
N ASP C 425 31.91 23.07 -12.36
CA ASP C 425 30.53 22.75 -11.97
C ASP C 425 30.50 22.26 -10.52
N GLN C 426 30.37 23.22 -9.61
CA GLN C 426 30.39 22.92 -8.18
C GLN C 426 29.08 22.31 -7.73
N PHE C 427 29.06 21.83 -6.49
CA PHE C 427 27.87 21.26 -5.87
C PHE C 427 27.76 21.75 -4.43
N ASN C 428 26.70 22.51 -4.15
CA ASN C 428 26.39 23.02 -2.82
C ASN C 428 27.52 23.87 -2.22
N VAL C 429 28.22 24.63 -3.06
CA VAL C 429 29.30 25.46 -2.56
C VAL C 429 28.77 26.82 -2.12
N ALA C 430 29.49 27.46 -1.20
CA ALA C 430 29.11 28.78 -0.73
C ALA C 430 29.37 29.82 -1.80
N LEU C 431 28.44 30.78 -1.91
CA LEU C 431 28.54 31.79 -2.96
C LEU C 431 29.78 32.66 -2.80
N ASP C 432 30.08 33.08 -1.57
CA ASP C 432 31.28 33.87 -1.34
C ASP C 432 32.54 33.09 -1.68
N GLN C 433 32.50 31.75 -1.56
CA GLN C 433 33.63 30.95 -2.02
C GLN C 433 33.74 30.98 -3.54
N VAL C 434 32.61 31.01 -4.24
CA VAL C 434 32.64 31.16 -5.70
C VAL C 434 33.27 32.50 -6.06
N PHE C 435 32.90 33.56 -5.36
CA PHE C 435 33.50 34.87 -5.61
C PHE C 435 34.99 34.85 -5.30
N GLU C 436 35.40 34.19 -4.21
CA GLU C 436 36.80 34.09 -3.86
C GLU C 436 37.59 33.37 -4.95
N ASN C 437 36.92 32.33 -5.47
CA ASN C 437 37.57 31.49 -6.49
C ASN C 437 37.83 32.36 -7.71
N ILE C 438 37.14 33.49 -7.79
CA ILE C 438 37.34 34.26 -9.02
C ILE C 438 38.86 34.32 -9.24
N ASN C 439 39.65 34.24 -8.16
CA ASN C 439 41.14 34.35 -8.26
C ASN C 439 41.64 33.64 -9.53
N VAL D 2 -37.27 -21.62 22.07
CA VAL D 2 -38.10 -20.84 21.15
C VAL D 2 -39.50 -21.44 21.10
N GLN D 3 -40.40 -20.91 21.92
CA GLN D 3 -41.65 -21.57 22.32
C GLN D 3 -42.81 -20.58 22.52
N LEU D 4 -44.03 -21.10 22.55
CA LEU D 4 -45.28 -20.36 22.70
C LEU D 4 -46.29 -21.16 23.54
N VAL D 5 -47.19 -20.48 24.25
CA VAL D 5 -48.30 -21.08 25.03
C VAL D 5 -49.54 -20.20 24.96
N GLN D 6 -50.74 -20.77 25.01
CA GLN D 6 -52.02 -20.05 24.96
C GLN D 6 -53.03 -20.59 25.99
N SER D 7 -54.10 -19.85 26.27
CA SER D 7 -55.22 -20.37 27.07
C SER D 7 -55.96 -21.54 26.40
N GLY D 8 -56.61 -22.37 27.21
CA GLY D 8 -57.43 -23.52 26.78
C GLY D 8 -58.80 -23.13 26.21
N ALA D 9 -59.68 -24.11 25.97
CA ALA D 9 -61.01 -23.85 25.41
C ALA D 9 -61.89 -23.00 26.35
N GLU D 10 -62.69 -22.09 25.79
CA GLU D 10 -63.40 -21.03 26.52
C GLU D 10 -64.92 -21.20 26.43
N VAL D 11 -65.42 -22.43 26.36
CA VAL D 11 -66.81 -22.80 26.05
C VAL D 11 -67.83 -22.06 26.94
N LYS D 12 -68.79 -21.34 26.34
CA LYS D 12 -69.82 -20.55 27.06
C LYS D 12 -71.05 -20.19 26.21
N LYS D 13 -72.11 -19.67 26.82
CA LYS D 13 -73.23 -19.02 26.11
C LYS D 13 -72.80 -17.70 25.46
N PRO D 14 -73.55 -17.17 24.48
CA PRO D 14 -73.17 -15.97 23.73
C PRO D 14 -73.30 -14.63 24.49
N GLY D 15 -72.68 -13.58 23.95
CA GLY D 15 -72.86 -12.18 24.34
C GLY D 15 -71.76 -11.55 25.21
N ASP D 16 -71.17 -12.30 26.15
CA ASP D 16 -70.23 -11.76 27.14
C ASP D 16 -68.93 -11.20 26.52
N SER D 17 -68.35 -10.16 27.13
CA SER D 17 -67.01 -9.68 26.77
C SER D 17 -65.95 -10.75 27.03
N LEU D 18 -64.79 -10.59 26.39
CA LEU D 18 -63.83 -11.68 26.23
C LEU D 18 -62.38 -11.21 26.30
N LYS D 19 -61.49 -12.15 26.61
CA LYS D 19 -60.07 -12.09 26.25
C LYS D 19 -59.54 -13.51 26.09
N ILE D 20 -58.49 -13.71 25.30
CA ILE D 20 -57.62 -14.89 25.31
C ILE D 20 -56.17 -14.47 25.07
N SER D 21 -55.20 -15.16 25.68
CA SER D 21 -53.79 -14.80 25.63
C SER D 21 -52.94 -15.86 24.95
N CYS D 22 -51.90 -15.40 24.26
CA CYS D 22 -50.80 -16.20 23.72
C CYS D 22 -49.48 -15.57 24.20
N LYS D 23 -48.63 -16.37 24.83
CA LYS D 23 -47.35 -15.97 25.41
C LYS D 23 -46.22 -16.63 24.63
N GLY D 24 -45.23 -15.85 24.21
CA GLY D 24 -43.99 -16.37 23.63
C GLY D 24 -42.86 -16.39 24.65
N SER D 25 -41.96 -17.36 24.55
CA SER D 25 -40.84 -17.54 25.50
C SER D 25 -39.62 -18.19 24.85
N GLY D 26 -38.44 -17.98 25.45
CA GLY D 26 -37.17 -18.43 24.90
C GLY D 26 -36.71 -17.71 23.61
N TYR D 27 -37.49 -16.75 23.12
CA TYR D 27 -37.22 -15.99 21.91
C TYR D 27 -37.55 -14.51 22.10
N LYS D 28 -37.03 -13.68 21.18
CA LYS D 28 -36.99 -12.21 21.25
C LYS D 28 -38.35 -11.53 21.05
N PHE D 29 -39.34 -11.87 21.87
CA PHE D 29 -40.77 -11.60 21.69
C PHE D 29 -41.11 -10.18 21.26
N ALA D 30 -40.40 -9.18 21.76
CA ALA D 30 -40.63 -7.79 21.40
C ALA D 30 -40.51 -7.51 19.87
N THR D 31 -39.78 -8.36 19.13
CA THR D 31 -39.10 -7.98 17.88
C THR D 31 -39.56 -8.77 16.62
N TYR D 32 -40.63 -9.56 16.73
CA TYR D 32 -41.34 -10.17 15.60
C TYR D 32 -42.84 -9.97 15.83
N TRP D 33 -43.63 -9.67 14.81
CA TRP D 33 -45.06 -9.48 15.03
C TRP D 33 -45.76 -10.76 15.45
N ILE D 34 -46.93 -10.58 16.06
CA ILE D 34 -47.88 -11.64 16.35
C ILE D 34 -49.00 -11.60 15.30
N GLY D 35 -48.92 -12.47 14.30
CA GLY D 35 -49.96 -12.67 13.29
C GLY D 35 -50.95 -13.77 13.69
N TRP D 36 -52.12 -13.82 13.07
CA TRP D 36 -53.24 -14.67 13.48
C TRP D 36 -53.94 -15.34 12.28
N VAL D 37 -54.77 -16.35 12.55
CA VAL D 37 -55.54 -17.17 11.60
C VAL D 37 -56.81 -17.71 12.27
N ARG D 38 -57.87 -18.01 11.51
CA ARG D 38 -59.12 -18.66 11.98
C ARG D 38 -59.30 -20.06 11.42
N GLN D 39 -59.93 -20.96 12.19
CA GLN D 39 -60.58 -22.15 11.68
C GLN D 39 -61.87 -22.45 12.46
N MET D 40 -63.04 -22.19 11.86
CA MET D 40 -64.31 -22.64 12.44
C MET D 40 -64.49 -24.16 12.30
N PRO D 41 -65.41 -24.80 13.04
CA PRO D 41 -65.83 -26.17 12.77
C PRO D 41 -66.29 -26.34 11.31
N GLY D 42 -65.80 -27.37 10.61
CA GLY D 42 -66.19 -27.64 9.23
C GLY D 42 -65.70 -26.61 8.19
N LYS D 43 -64.61 -25.89 8.46
CA LYS D 43 -64.06 -24.83 7.60
C LYS D 43 -62.54 -24.93 7.39
N GLY D 44 -62.04 -24.25 6.36
CA GLY D 44 -60.62 -24.13 6.03
C GLY D 44 -59.92 -23.11 6.91
N LEU D 45 -59.08 -22.27 6.30
CA LEU D 45 -58.32 -21.23 6.99
C LEU D 45 -58.60 -19.83 6.41
N GLU D 46 -58.60 -18.83 7.27
CA GLU D 46 -58.92 -17.43 6.96
C GLU D 46 -58.07 -16.49 7.85
N TRP D 47 -57.76 -15.27 7.43
CA TRP D 47 -56.78 -14.41 8.10
C TRP D 47 -57.45 -13.28 8.89
N MET D 48 -57.05 -13.07 10.15
CA MET D 48 -57.61 -12.03 11.06
C MET D 48 -56.84 -10.72 11.11
N GLY D 49 -55.52 -10.75 11.22
CA GLY D 49 -54.72 -9.53 11.38
C GLY D 49 -53.35 -9.81 11.96
N VAL D 50 -52.61 -8.75 12.25
CA VAL D 50 -51.27 -8.83 12.85
C VAL D 50 -50.95 -7.60 13.71
N ILE D 51 -50.20 -7.78 14.80
CA ILE D 51 -49.78 -6.74 15.75
C ILE D 51 -48.31 -6.83 16.11
N TYR D 52 -47.61 -5.71 16.21
CA TYR D 52 -46.19 -5.65 16.55
C TYR D 52 -45.96 -5.49 18.06
N PRO D 53 -45.32 -6.44 18.77
CA PRO D 53 -45.04 -6.32 20.19
C PRO D 53 -44.29 -5.07 20.65
N ASP D 54 -43.33 -4.56 19.86
CA ASP D 54 -42.49 -3.45 20.31
C ASP D 54 -43.26 -2.15 20.57
N ASP D 55 -44.32 -1.88 19.80
CA ASP D 55 -45.04 -0.59 19.85
C ASP D 55 -46.55 -0.69 19.53
N SER D 56 -47.10 -1.90 19.40
CA SER D 56 -48.52 -2.17 19.09
C SER D 56 -49.03 -1.63 17.74
N ASP D 57 -48.17 -1.30 16.77
CA ASP D 57 -48.57 -1.10 15.38
C ASP D 57 -49.41 -2.31 14.92
N THR D 58 -50.63 -2.07 14.43
CA THR D 58 -51.63 -3.11 14.16
C THR D 58 -52.32 -2.91 12.83
N ARG D 59 -52.53 -3.98 12.06
CA ARG D 59 -53.01 -3.98 10.67
C ARG D 59 -54.24 -4.86 10.46
N TYR D 60 -55.26 -4.78 11.33
CA TYR D 60 -56.38 -5.76 11.34
C TYR D 60 -56.99 -5.97 9.95
N SER D 61 -57.35 -7.22 9.64
CA SER D 61 -57.91 -7.54 8.32
C SER D 61 -59.19 -6.76 8.08
N PRO D 62 -59.39 -6.16 6.90
CA PRO D 62 -60.66 -5.56 6.51
C PRO D 62 -61.89 -6.48 6.67
N SER D 63 -61.74 -7.81 6.67
CA SER D 63 -62.85 -8.72 6.98
C SER D 63 -63.28 -8.70 8.45
N PHE D 64 -62.41 -8.22 9.36
CA PHE D 64 -62.60 -8.23 10.81
C PHE D 64 -62.45 -6.86 11.50
N GLN D 65 -61.81 -5.86 10.88
CA GLN D 65 -61.45 -4.60 11.52
C GLN D 65 -62.65 -3.95 12.22
N GLY D 66 -62.45 -3.56 13.49
CA GLY D 66 -63.51 -3.01 14.35
C GLY D 66 -64.47 -4.07 14.92
N GLN D 67 -64.55 -5.25 14.32
CA GLN D 67 -65.23 -6.43 14.84
C GLN D 67 -64.31 -7.25 15.77
N VAL D 68 -63.12 -6.74 16.07
CA VAL D 68 -62.06 -7.40 16.84
C VAL D 68 -61.21 -6.35 17.56
N SER D 69 -60.53 -6.74 18.64
CA SER D 69 -59.42 -5.98 19.21
C SER D 69 -58.40 -6.93 19.82
N ILE D 70 -57.13 -6.60 19.65
CA ILE D 70 -55.98 -7.35 20.14
C ILE D 70 -55.00 -6.35 20.77
N SER D 71 -54.19 -6.80 21.72
CA SER D 71 -53.08 -6.00 22.27
C SER D 71 -51.90 -6.88 22.66
N VAL D 72 -50.82 -6.24 23.12
CA VAL D 72 -49.55 -6.88 23.46
C VAL D 72 -48.81 -6.14 24.58
N ASP D 73 -48.12 -6.88 25.44
CA ASP D 73 -47.21 -6.33 26.45
C ASP D 73 -45.79 -6.89 26.28
N LYS D 74 -44.84 -5.99 26.05
CA LYS D 74 -43.41 -6.27 25.88
C LYS D 74 -42.76 -6.91 27.11
N SER D 75 -43.26 -6.62 28.31
CA SER D 75 -42.62 -6.99 29.60
C SER D 75 -42.85 -8.44 30.00
N ILE D 76 -44.07 -8.95 29.83
CA ILE D 76 -44.46 -10.34 30.10
C ILE D 76 -44.51 -11.22 28.84
N THR D 77 -44.00 -10.71 27.72
CA THR D 77 -43.90 -11.38 26.41
C THR D 77 -45.22 -12.01 25.94
N THR D 78 -46.33 -11.30 26.14
CA THR D 78 -47.68 -11.85 25.96
C THR D 78 -48.57 -10.93 25.14
N ALA D 79 -49.39 -11.50 24.27
CA ALA D 79 -50.37 -10.80 23.45
C ALA D 79 -51.72 -11.51 23.52
N TYR D 80 -52.77 -10.80 23.13
CA TYR D 80 -54.13 -11.23 23.48
C TYR D 80 -55.16 -10.71 22.49
N LEU D 81 -56.15 -11.53 22.15
CA LEU D 81 -57.47 -11.07 21.73
C LEU D 81 -58.22 -10.59 22.97
N GLN D 82 -58.92 -9.46 22.88
CA GLN D 82 -59.53 -8.76 24.01
C GLN D 82 -60.93 -8.22 23.64
N TRP D 83 -61.69 -9.01 22.87
CA TRP D 83 -62.91 -8.57 22.20
C TRP D 83 -64.04 -8.11 23.14
N SER D 84 -64.73 -7.05 22.71
CA SER D 84 -65.68 -6.27 23.50
C SER D 84 -66.98 -6.99 23.84
N SER D 85 -67.25 -8.13 23.23
CA SER D 85 -68.45 -8.94 23.41
C SER D 85 -68.15 -10.37 22.95
N LEU D 86 -69.17 -11.13 22.52
CA LEU D 86 -69.05 -12.41 21.82
C LEU D 86 -69.98 -12.41 20.61
N LYS D 87 -69.71 -13.33 19.68
CA LYS D 87 -70.51 -13.54 18.46
C LYS D 87 -70.69 -15.03 18.24
N ALA D 88 -71.86 -15.48 17.80
CA ALA D 88 -72.05 -16.88 17.41
C ALA D 88 -71.00 -17.29 16.35
N SER D 89 -70.77 -16.41 15.38
CA SER D 89 -69.81 -16.58 14.29
C SER D 89 -68.31 -16.46 14.67
N ASP D 90 -67.95 -16.09 15.90
CA ASP D 90 -66.57 -16.24 16.36
C ASP D 90 -66.26 -17.68 16.80
N THR D 91 -67.24 -18.57 16.96
CA THR D 91 -67.05 -19.93 17.48
C THR D 91 -66.10 -20.75 16.62
N ALA D 92 -64.84 -20.85 17.03
CA ALA D 92 -63.76 -21.36 16.21
C ALA D 92 -62.54 -21.74 17.02
N ILE D 93 -61.67 -22.55 16.43
CA ILE D 93 -60.29 -22.65 16.86
C ILE D 93 -59.54 -21.45 16.25
N TYR D 94 -58.62 -20.85 17.00
CA TYR D 94 -57.83 -19.68 16.59
C TYR D 94 -56.34 -20.01 16.66
N TYR D 95 -55.50 -19.02 16.39
CA TYR D 95 -54.08 -19.23 16.32
C TYR D 95 -53.27 -17.95 16.54
N CYS D 96 -51.97 -18.08 16.75
CA CYS D 96 -50.99 -17.00 16.88
C CYS D 96 -49.70 -17.45 16.19
N ALA D 97 -48.78 -16.55 15.85
CA ALA D 97 -47.51 -16.94 15.24
C ALA D 97 -46.47 -15.82 15.26
N ARG D 98 -45.20 -16.18 15.07
CA ARG D 98 -44.15 -15.27 14.59
C ARG D 98 -44.41 -14.94 13.13
N CYS D 99 -44.29 -13.69 12.72
CA CYS D 99 -45.06 -13.18 11.57
C CYS D 99 -44.41 -13.19 10.17
N TYR D 100 -45.15 -12.64 9.20
CA TYR D 100 -44.73 -12.25 7.86
C TYR D 100 -44.03 -10.87 7.80
N ASP D 101 -43.33 -10.59 6.69
CA ASP D 101 -42.50 -9.43 6.38
C ASP D 101 -41.36 -9.12 7.38
N PHE D 102 -40.53 -8.11 7.09
CA PHE D 102 -39.42 -7.65 7.94
C PHE D 102 -38.42 -8.74 8.37
N TRP D 103 -37.78 -9.38 7.38
CA TRP D 103 -36.88 -10.53 7.53
C TRP D 103 -35.46 -10.33 6.94
N SER D 104 -35.11 -9.09 6.59
CA SER D 104 -34.12 -8.73 5.56
C SER D 104 -34.44 -9.22 4.14
N GLY D 105 -35.49 -10.03 3.94
CA GLY D 105 -35.92 -10.48 2.61
C GLY D 105 -37.32 -11.05 2.63
N TYR D 106 -37.50 -12.17 3.35
CA TYR D 106 -38.70 -13.00 3.28
C TYR D 106 -40.01 -12.28 3.54
N GLN D 107 -41.03 -12.62 2.74
CA GLN D 107 -42.42 -12.31 3.05
C GLN D 107 -42.97 -13.31 4.05
N PHE D 108 -42.92 -14.61 3.81
CA PHE D 108 -43.73 -15.50 4.63
C PHE D 108 -43.27 -15.54 6.08
N GLY D 109 -41.98 -15.82 6.32
CA GLY D 109 -41.33 -15.75 7.64
C GLY D 109 -41.83 -16.74 8.72
N MET D 110 -43.13 -17.00 8.82
CA MET D 110 -43.77 -17.59 9.99
C MET D 110 -43.25 -19.00 10.30
N ASP D 111 -42.43 -19.13 11.32
CA ASP D 111 -41.66 -20.35 11.59
C ASP D 111 -41.51 -20.66 13.08
N VAL D 112 -42.36 -20.05 13.92
CA VAL D 112 -42.49 -20.27 15.36
C VAL D 112 -43.96 -20.14 15.74
N TRP D 113 -44.55 -21.14 16.40
CA TRP D 113 -46.00 -21.30 16.44
C TRP D 113 -46.56 -21.83 17.79
N GLY D 114 -47.78 -21.43 18.15
CA GLY D 114 -48.46 -21.80 19.40
C GLY D 114 -49.31 -23.05 19.30
N GLN D 115 -49.89 -23.51 20.42
CA GLN D 115 -50.67 -24.77 20.46
C GLN D 115 -52.16 -24.64 20.08
N GLY D 116 -52.66 -23.41 19.90
CA GLY D 116 -54.06 -23.16 19.56
C GLY D 116 -54.98 -23.04 20.77
N THR D 117 -56.13 -22.41 20.53
CA THR D 117 -57.14 -22.04 21.52
C THR D 117 -58.53 -22.16 20.90
N THR D 118 -59.56 -22.46 21.68
CA THR D 118 -60.91 -22.71 21.16
C THR D 118 -61.97 -21.85 21.84
N VAL D 119 -62.19 -20.65 21.32
CA VAL D 119 -63.31 -19.79 21.68
C VAL D 119 -64.60 -20.43 21.14
N THR D 120 -65.66 -20.53 21.94
CA THR D 120 -66.87 -21.26 21.51
C THR D 120 -68.11 -20.82 22.25
N VAL D 121 -69.09 -20.33 21.49
CA VAL D 121 -70.45 -20.14 22.00
C VAL D 121 -71.09 -21.50 22.27
N ASP E 1 -56.80 -11.32 -4.61
CA ASP E 1 -58.16 -11.74 -5.00
C ASP E 1 -58.39 -13.21 -4.73
N ILE E 2 -59.64 -13.55 -4.37
CA ILE E 2 -60.27 -14.88 -4.39
C ILE E 2 -59.57 -16.00 -3.60
N VAL E 3 -60.27 -17.12 -3.41
CA VAL E 3 -59.67 -18.36 -2.90
C VAL E 3 -58.92 -19.03 -4.05
N MET E 4 -57.60 -19.05 -3.94
CA MET E 4 -56.68 -19.48 -5.00
C MET E 4 -56.73 -21.00 -5.26
N THR E 5 -55.96 -21.50 -6.22
CA THR E 5 -56.01 -22.92 -6.63
C THR E 5 -55.80 -23.92 -5.49
N GLN E 6 -56.66 -24.94 -5.42
CA GLN E 6 -56.40 -26.18 -4.69
C GLN E 6 -55.43 -27.08 -5.48
N SER E 7 -55.80 -27.52 -6.68
CA SER E 7 -54.91 -28.11 -7.70
C SER E 7 -53.81 -29.05 -7.18
N PRO E 8 -54.13 -30.31 -6.83
CA PRO E 8 -55.46 -30.93 -6.86
C PRO E 8 -56.31 -30.64 -5.60
N LEU E 9 -57.54 -31.14 -5.56
CA LEU E 9 -58.36 -31.19 -4.33
C LEU E 9 -57.93 -32.35 -3.42
N SER E 10 -58.51 -33.54 -3.59
CA SER E 10 -58.18 -34.73 -2.79
C SER E 10 -58.78 -36.00 -3.36
N LEU E 11 -57.99 -37.07 -3.39
CA LEU E 11 -58.38 -38.41 -3.84
C LEU E 11 -57.64 -39.47 -3.02
N PRO E 12 -58.24 -40.64 -2.73
CA PRO E 12 -57.56 -41.79 -2.15
C PRO E 12 -56.25 -42.11 -2.87
N VAL E 13 -55.12 -42.10 -2.18
CA VAL E 13 -53.79 -42.41 -2.75
C VAL E 13 -53.09 -43.50 -1.94
N THR E 14 -52.34 -44.34 -2.64
CA THR E 14 -51.63 -45.48 -2.04
C THR E 14 -50.22 -45.06 -1.56
N PRO E 15 -49.74 -45.55 -0.41
CA PRO E 15 -48.43 -45.18 0.15
C PRO E 15 -47.23 -45.32 -0.79
N GLY E 16 -46.25 -44.44 -0.63
CA GLY E 16 -44.98 -44.45 -1.36
C GLY E 16 -45.07 -43.98 -2.82
N GLU E 17 -46.26 -43.69 -3.33
CA GLU E 17 -46.51 -43.19 -4.68
C GLU E 17 -46.12 -41.70 -4.82
N THR E 18 -46.68 -40.99 -5.80
CA THR E 18 -46.25 -39.63 -6.15
C THR E 18 -47.43 -38.67 -6.35
N ALA E 19 -47.27 -37.43 -5.86
CA ALA E 19 -48.22 -36.33 -6.06
C ALA E 19 -47.49 -34.98 -6.19
N SER E 20 -48.23 -33.91 -6.47
CA SER E 20 -47.74 -32.53 -6.53
C SER E 20 -48.91 -31.56 -6.29
N ILE E 21 -48.60 -30.29 -6.04
CA ILE E 21 -49.57 -29.22 -5.80
C ILE E 21 -49.19 -27.96 -6.57
N SER E 22 -50.18 -27.25 -7.11
CA SER E 22 -50.00 -26.08 -7.96
C SER E 22 -50.72 -24.83 -7.40
N CYS E 23 -49.96 -23.74 -7.21
CA CYS E 23 -50.44 -22.48 -6.64
C CYS E 23 -50.51 -21.42 -7.75
N ARG E 24 -51.72 -20.92 -8.03
CA ARG E 24 -52.04 -19.94 -9.08
C ARG E 24 -53.30 -19.13 -8.74
N SER E 25 -53.38 -17.93 -9.28
CA SER E 25 -54.59 -17.09 -9.37
C SER E 25 -54.37 -15.99 -10.43
N SER E 26 -55.40 -15.19 -10.73
CA SER E 26 -55.28 -14.06 -11.67
C SER E 26 -54.28 -12.99 -11.22
N GLN E 27 -53.99 -12.91 -9.94
CA GLN E 27 -53.13 -11.89 -9.35
C GLN E 27 -51.69 -11.98 -9.89
N SER E 28 -50.96 -10.88 -9.90
CA SER E 28 -49.62 -10.78 -10.52
C SER E 28 -48.50 -11.58 -9.81
N LEU E 29 -48.59 -11.78 -8.48
CA LEU E 29 -47.81 -12.72 -7.63
C LEU E 29 -46.28 -12.62 -7.64
N ARG E 30 -45.68 -11.70 -8.40
CA ARG E 30 -44.22 -11.49 -8.44
C ARG E 30 -43.90 -10.01 -8.54
N HIS E 31 -43.68 -9.39 -7.39
CA HIS E 31 -43.23 -8.01 -7.27
C HIS E 31 -41.90 -7.79 -7.99
N ASP E 32 -41.59 -6.54 -8.33
CA ASP E 32 -40.42 -6.21 -9.15
C ASP E 32 -39.08 -6.39 -8.42
N ASN E 33 -39.07 -6.61 -7.10
CA ASN E 33 -37.88 -7.09 -6.39
C ASN E 33 -37.53 -8.55 -6.73
N GLY E 34 -38.35 -9.19 -7.57
CA GLY E 34 -37.95 -10.30 -8.43
C GLY E 34 -37.91 -11.67 -7.81
N TYR E 35 -38.09 -11.84 -6.51
CA TYR E 35 -38.57 -13.12 -6.00
C TYR E 35 -40.07 -13.20 -6.22
N ASN E 36 -40.58 -14.39 -6.53
CA ASN E 36 -42.00 -14.65 -6.53
C ASN E 36 -42.49 -14.88 -5.07
N TYR E 37 -43.67 -14.43 -4.67
CA TYR E 37 -44.19 -14.67 -3.32
C TYR E 37 -45.49 -15.47 -3.42
N LEU E 38 -45.50 -16.70 -2.91
CA LEU E 38 -46.57 -17.67 -3.03
C LEU E 38 -46.86 -18.44 -1.75
N ASP E 39 -45.89 -18.47 -0.85
CA ASP E 39 -46.15 -18.64 0.56
C ASP E 39 -46.85 -19.98 0.88
N TRP E 40 -46.19 -21.09 0.59
CA TRP E 40 -46.72 -22.41 0.93
C TRP E 40 -46.64 -22.69 2.42
N TYR E 41 -47.55 -23.53 2.92
CA TYR E 41 -47.46 -24.22 4.20
C TYR E 41 -48.29 -25.50 4.20
N LEU E 42 -48.09 -26.35 5.20
CA LEU E 42 -48.70 -27.67 5.35
C LEU E 42 -49.07 -27.90 6.81
N GLN E 43 -50.03 -28.76 7.13
CA GLN E 43 -50.44 -29.00 8.51
C GLN E 43 -51.01 -30.41 8.72
N LYS E 44 -50.49 -31.18 9.68
CA LYS E 44 -51.09 -32.45 10.13
C LYS E 44 -52.38 -32.22 10.94
N PRO E 45 -53.26 -33.23 11.06
CA PRO E 45 -54.22 -33.30 12.16
C PRO E 45 -53.50 -33.09 13.51
N GLY E 46 -54.12 -32.38 14.45
CA GLY E 46 -53.45 -31.95 15.68
C GLY E 46 -52.67 -30.62 15.58
N GLN E 47 -52.96 -29.81 14.56
CA GLN E 47 -52.45 -28.45 14.36
C GLN E 47 -50.90 -28.32 14.31
N SER E 48 -50.39 -27.10 14.40
CA SER E 48 -49.05 -26.64 14.04
C SER E 48 -48.80 -26.66 12.52
N PRO E 49 -49.11 -25.57 11.79
CA PRO E 49 -48.82 -25.46 10.37
C PRO E 49 -47.33 -25.21 10.15
N GLN E 50 -46.84 -25.60 8.98
CA GLN E 50 -45.43 -25.92 8.77
C GLN E 50 -44.87 -25.08 7.63
N LEU E 51 -43.72 -24.46 7.90
CA LEU E 51 -42.97 -23.63 6.96
C LEU E 51 -42.72 -24.36 5.63
N LEU E 52 -43.37 -23.90 4.56
CA LEU E 52 -42.99 -24.22 3.16
C LEU E 52 -42.83 -22.96 2.27
N ILE E 53 -42.90 -21.78 2.86
CA ILE E 53 -42.26 -20.50 2.49
C ILE E 53 -42.61 -19.90 1.12
N TYR E 54 -42.04 -18.71 0.86
CA TYR E 54 -42.51 -17.78 -0.15
C TYR E 54 -42.23 -18.12 -1.60
N LEU E 55 -41.03 -18.63 -1.92
CA LEU E 55 -40.45 -18.69 -3.28
C LEU E 55 -41.07 -19.76 -4.20
N GLY E 56 -42.39 -19.78 -4.34
CA GLY E 56 -43.07 -20.86 -5.05
C GLY E 56 -42.94 -22.19 -4.32
N SER E 57 -42.99 -22.14 -2.99
CA SER E 57 -42.48 -23.15 -2.05
C SER E 57 -40.96 -23.26 -1.97
N LYS E 58 -40.44 -23.34 -0.75
CA LYS E 58 -39.04 -23.52 -0.36
C LYS E 58 -39.01 -23.90 1.13
N ARG E 59 -37.93 -23.89 1.88
CA ARG E 59 -38.05 -24.04 3.35
C ARG E 59 -36.65 -23.85 3.92
N ALA E 60 -36.49 -23.80 5.26
CA ALA E 60 -35.17 -23.71 5.93
C ALA E 60 -35.31 -24.39 7.29
N SER E 61 -35.87 -25.60 7.27
CA SER E 61 -36.11 -26.40 8.47
C SER E 61 -36.05 -27.90 8.14
N GLY E 62 -35.97 -28.73 9.19
CA GLY E 62 -35.87 -30.18 9.10
C GLY E 62 -37.12 -30.93 8.62
N VAL E 63 -38.11 -30.25 8.05
CA VAL E 63 -39.30 -30.87 7.47
C VAL E 63 -38.89 -31.77 6.29
N PRO E 64 -39.38 -33.03 6.21
CA PRO E 64 -38.85 -34.06 5.31
C PRO E 64 -38.64 -33.65 3.85
N ASP E 65 -37.46 -33.97 3.30
CA ASP E 65 -37.03 -33.55 1.96
C ASP E 65 -37.72 -34.30 0.80
N ARG E 66 -38.75 -35.09 1.11
CA ARG E 66 -39.76 -35.53 0.15
C ARG E 66 -40.67 -34.39 -0.36
N PHE E 67 -40.69 -33.23 0.31
CA PHE E 67 -41.39 -32.01 -0.14
C PHE E 67 -40.40 -30.99 -0.77
N SER E 68 -40.60 -30.58 -2.03
CA SER E 68 -39.79 -29.51 -2.68
C SER E 68 -40.46 -28.90 -3.92
N GLY E 69 -40.05 -27.71 -4.37
CA GLY E 69 -40.72 -26.99 -5.45
C GLY E 69 -40.01 -25.74 -6.00
N SER E 70 -40.64 -25.09 -6.99
CA SER E 70 -40.17 -23.88 -7.70
C SER E 70 -41.26 -23.36 -8.68
N GLY E 71 -40.99 -22.29 -9.44
CA GLY E 71 -41.91 -21.84 -10.50
C GLY E 71 -41.64 -20.46 -11.11
N SER E 72 -42.64 -19.93 -11.83
CA SER E 72 -42.56 -18.71 -12.64
C SER E 72 -43.93 -18.05 -12.88
N GLY E 73 -43.95 -16.76 -13.24
CA GLY E 73 -45.16 -16.07 -13.71
C GLY E 73 -46.22 -15.87 -12.62
N THR E 74 -47.39 -16.48 -12.79
CA THR E 74 -48.47 -16.54 -11.78
C THR E 74 -48.74 -17.97 -11.30
N ASP E 75 -47.91 -18.93 -11.69
CA ASP E 75 -48.25 -20.36 -11.68
C ASP E 75 -47.07 -21.22 -11.14
N PHE E 76 -47.20 -21.73 -9.92
CA PHE E 76 -46.06 -22.20 -9.12
C PHE E 76 -46.25 -23.59 -8.51
N THR E 77 -45.16 -24.29 -8.19
CA THR E 77 -45.18 -25.75 -8.08
C THR E 77 -44.50 -26.27 -6.81
N LEU E 78 -45.11 -27.24 -6.14
CA LEU E 78 -44.57 -28.05 -5.03
C LEU E 78 -44.86 -29.53 -5.29
N LYS E 79 -43.94 -30.42 -4.92
CA LYS E 79 -43.90 -31.84 -5.35
C LYS E 79 -43.75 -32.77 -4.15
N ILE E 80 -44.48 -33.90 -4.20
CA ILE E 80 -44.61 -34.93 -3.16
C ILE E 80 -44.19 -36.27 -3.76
N SER E 81 -42.91 -36.44 -4.09
CA SER E 81 -42.39 -37.76 -4.49
C SER E 81 -42.21 -38.62 -3.23
N ARG E 82 -42.69 -39.87 -3.25
CA ARG E 82 -42.85 -40.75 -2.07
C ARG E 82 -43.85 -40.15 -1.07
N VAL E 83 -45.14 -40.27 -1.42
CA VAL E 83 -46.31 -39.95 -0.59
C VAL E 83 -46.33 -40.89 0.63
N GLU E 84 -45.60 -40.54 1.68
CA GLU E 84 -45.46 -41.43 2.86
C GLU E 84 -46.75 -41.54 3.68
N ALA E 85 -46.99 -42.71 4.27
CA ALA E 85 -48.25 -43.06 4.92
C ALA E 85 -48.61 -42.20 6.14
N GLU E 86 -47.63 -41.52 6.75
CA GLU E 86 -47.87 -40.64 7.88
C GLU E 86 -48.46 -39.26 7.49
N ASP E 87 -48.25 -38.77 6.26
CA ASP E 87 -48.60 -37.39 5.86
C ASP E 87 -50.08 -37.19 5.52
N VAL E 88 -50.99 -37.60 6.41
CA VAL E 88 -52.44 -37.36 6.32
C VAL E 88 -52.82 -35.88 6.55
N GLY E 89 -51.99 -34.95 6.06
CA GLY E 89 -52.08 -33.50 6.27
C GLY E 89 -52.69 -32.70 5.12
N VAL E 90 -52.81 -31.39 5.34
CA VAL E 90 -53.47 -30.41 4.48
C VAL E 90 -52.45 -29.39 3.95
N TYR E 91 -52.42 -29.13 2.65
CA TYR E 91 -51.46 -28.22 1.99
C TYR E 91 -52.12 -26.87 1.60
N TYR E 92 -51.45 -25.74 1.83
CA TYR E 92 -51.96 -24.38 1.61
C TYR E 92 -50.91 -23.44 0.96
N CYS E 93 -51.32 -22.52 0.08
CA CYS E 93 -50.48 -21.39 -0.34
C CYS E 93 -51.17 -20.05 -0.05
N MET E 94 -50.40 -19.01 0.24
CA MET E 94 -50.87 -17.77 0.87
C MET E 94 -50.67 -16.54 -0.02
N GLN E 95 -51.55 -15.56 0.19
CA GLN E 95 -51.59 -14.31 -0.53
C GLN E 95 -50.29 -13.50 -0.56
N THR E 96 -50.33 -12.37 -1.25
CA THR E 96 -49.46 -11.22 -0.99
C THR E 96 -50.23 -9.93 -1.28
N LEU E 97 -50.76 -9.26 -0.24
CA LEU E 97 -51.33 -7.91 -0.37
C LEU E 97 -51.33 -7.07 0.94
N GLN E 98 -50.33 -7.27 1.80
CA GLN E 98 -50.12 -6.48 3.02
C GLN E 98 -51.40 -6.42 3.89
N THR E 99 -51.77 -5.27 4.43
CA THR E 99 -52.97 -5.09 5.26
C THR E 99 -54.26 -5.48 4.53
N LEU E 100 -54.26 -5.48 3.20
CA LEU E 100 -55.42 -5.86 2.41
C LEU E 100 -55.46 -7.37 2.15
N MET E 101 -56.69 -7.84 1.97
CA MET E 101 -57.06 -9.20 1.62
C MET E 101 -56.63 -10.26 2.65
N PHE E 102 -57.27 -11.42 2.55
CA PHE E 102 -57.34 -12.40 3.62
C PHE E 102 -57.61 -13.80 3.03
N THR E 103 -56.63 -14.40 2.36
CA THR E 103 -56.86 -15.60 1.55
C THR E 103 -55.71 -16.63 1.54
N PHE E 104 -56.11 -17.89 1.43
CA PHE E 104 -55.32 -19.11 1.53
C PHE E 104 -55.88 -20.22 0.64
N GLY E 105 -55.06 -21.22 0.29
CA GLY E 105 -55.44 -22.39 -0.51
C GLY E 105 -56.69 -23.17 -0.03
N GLY E 106 -57.43 -23.75 -0.96
CA GLY E 106 -58.77 -24.31 -0.76
C GLY E 106 -58.87 -25.70 -0.13
N GLY E 107 -58.07 -26.03 0.88
CA GLY E 107 -58.26 -27.27 1.66
C GLY E 107 -57.83 -28.58 0.97
N THR E 108 -56.73 -28.56 0.21
CA THR E 108 -56.10 -29.74 -0.38
C THR E 108 -55.55 -30.69 0.70
N LYS E 109 -56.07 -31.93 0.79
CA LYS E 109 -55.63 -32.89 1.83
C LYS E 109 -55.57 -34.35 1.38
N VAL E 110 -54.72 -35.13 2.03
CA VAL E 110 -54.52 -36.55 1.72
C VAL E 110 -55.72 -37.40 2.11
N GLU E 111 -56.03 -38.38 1.26
CA GLU E 111 -56.98 -39.46 1.51
C GLU E 111 -56.30 -40.77 1.03
N ILE E 112 -56.72 -41.95 1.51
CA ILE E 112 -55.91 -43.18 1.37
C ILE E 112 -56.58 -44.29 0.54
N LYS E 113 -55.77 -45.02 -0.24
CA LYS E 113 -56.13 -46.22 -1.00
C LYS E 113 -55.23 -47.42 -0.66
#